data_9BFQ
#
_entry.id   9BFQ
#
_cell.length_a   1.00
_cell.length_b   1.00
_cell.length_c   1.00
_cell.angle_alpha   90.00
_cell.angle_beta   90.00
_cell.angle_gamma   90.00
#
_symmetry.space_group_name_H-M   'P 1'
#
loop_
_entity.id
_entity.type
_entity.pdbx_description
1 polymer 'Protein sevenless'
2 polymer 'Protein bride of sevenless'
3 non-polymer 2-acetamido-2-deoxy-beta-D-glucopyranose
#
loop_
_entity_poly.entity_id
_entity_poly.type
_entity_poly.pdbx_seq_one_letter_code
_entity_poly.pdbx_strand_id
1 'polypeptide(L)'
;DVCRSHNYTVHQSPEPVSKDQMRLLRPKLDSDVVEKVAIWHKHAAAAPPSIVEGIAISSRPQSTMAHHPDDRDRDRDPSE
EQHGVDERMVLERVTRDCVQRCIVEEDLFLDEFGIQCEKADNGEKCYKTRCTKGCAQWYRALKELESCQEACLSLQFYPY
DMPCIGACEMAQRDYWHLQRLAISHLVERTQPQLERAPRADGQSTPLTIRWAMHFPEHYLASRPFNIQYQFVDHHGEELD
LEQEDQDASGETGSSAWFNLADYDCDEYYVCEILEALIPYTQYRFRFELPFGENRDEVLYSPATPAYQTPPEGAPISAPV
IEHLMGLDDSHLAVHWHPGRFTNGPIEGYRLRLSSSEGNATSEQLVPAGRGSYIFSQLQAGTNYTLALSMINKQGEGPVA
KGFVQTHSARNEKPAKDLTESVLLVGRRAVMWQSLEPAGENSMIYQSQEELADIAWSKREQQLWLLNVHGELRSLKFESG
QMVSPAQQLKLDLGNISSGRWVPRRLSFDWLHHRLYFAMESPERNQSSFQIISTDLLGESAQKVGESFDLPVEQLEVDAL
NGWIFWRNEESLWRQDLHGRMIHRLLRIRQPGWFLVQPQHFIIHLMLPQEGKFLEISYDGGFKHPLPLPPPSNGAGNGPA
SSHWQSFALLGRSLLLPDSGQLILVEQQGQAASPSASWPLKNLPDCWAVILLVPESQPLTSAGGKPHSLKALLGAQAAKI
SWKEPERNPYQSADAARSWSYELEVLDVASQSAFSIRNIRGPIFGLQRLQPDNLYQLRVRAINVDGEPGEWTEPLAARTW
PLGPHRLRWASRQGSVIHTNELGEGLEVQQEQLERLPGPMTMVNESVGYYVTGDGLLHCINLVHSQWGCPISEPLQHVGS
VTYDWRGGRVYWTDLARNCVVRMDPWSGSRELLPVFEANFLALDPRQGHLYYATSSQLSRHGSTPDEAVTYYRVNGLEGS
IASFVLDTQQDQLFWLVKGSGALRLYRAPLTAGGDSLQMIQQIKGVFQAVPDSLQLLRPLGALLWLERSGRRARLVRLAA
PLDVMELPTPDQASPASALQLLDPQPLPPRDEGVIPMTVLPDSVRLDDGHWDDFHVRWQPSTSGGNHSVSYRLLLEFGQR
LQTLDLSTPFARLTQLPQAQLQLKISITPRTAWRSGDTTRVQLTTPPVAPSQPRRLRVFVERLATALQEANVSAVLRWDA
PEQGQEAPMQALEYHISCWVGSELHEELRLNQSALEARVEHLQPDQTYHFQVEARVAATGAAAGAASHALHVAPEVQAVP
RVLYANAEFIGELDLDTRNRRRLVHTASPVEHLVGIEGEQRLLWVNEHVELLTHVPGSAPAKLARMRAEVLALAVDWIQR
IVYWAELDATAPQAAIIYRLDLCNFEGKILQGERVWSTPRGRLLKDLVALPQAQSLIWLEYEQGSPRNGSLRGRNLTDGS
ELEWATVQPLIRLHAGSLEPGSETLNLVDNQGKLCVYDVARQLCTASALRAQLNLLGEDSIAGQLAQDSGYLYAVKNWSI
RAYGRRRQQLEYTVELEPEEVRLLQAHNYQAYPPKNCLLLPSSGGSLLKATDCEEQRCLLNLPMITASEDCPLPIPGVRY
QLNLTLARGPGSEEHDHGVEPLGQWLLGAGESLNLTDLLPFTRYRVSGILSSFYQKKLALPTLVLAPLELLTASATPSPP
RNFSVRVLSPRELEVSWLPPEQLRSESVYYTLHWQQELDGENVQDRREWEAHERRLETAGTHRLTGIKPGSGYSLWVQAH
ATPTKSNSSERLHVRSFAELPELQLLELGPYSLSLTWAGTPDPLGSLQLECRSSAEQLRRNVAGNHTKMVVEPLQPRTRY
QCRLLLGYAATPGAPLYHGTAEVYETLGDAPSQPGKPQLEHIAEEVFRVTWTAARGNGAPIALYNLEALQARSDINSGGS
LEQLPWAEEPVVVEDQWLDFCNTTELSCIVKSLHSSRLLLFRVRARSLEHGWGPYSEESERVAEPFVSHHHHHHWSHPQF
EK
;
A
2 'polypeptide(L)'
;CHGADLTSPTKKSAPLRITKPQPTSQQAKPISITTRAPTTVASTTDDEVSSSVDGQLAPLISSTTEGPSSGTTASLVPEI
CLNGLQLTVNSADEGTVIRKQEEFVKILEGDVVLSVLTKDPDSALFVINRVNQANLIMADFEIGIRAISIDNASLAENLL
IQEVQFLQQCTTYSMGIFVDWELYKQLESVIKDLEYNIWPIPGTRAHLFPKVAHLLHQMPWGEKIASVEIATETLEMYNE
FMEAARQEHMCLMHFKSDDNVYIMFGNKLASHFKENGTLFSVPTDRTDDEFLADLPNRAFVLMENEIDLSTAVELDATPT
ALDEILIGKSVLPSRVLSFAGSIIDLMNWLRGSLSKHCKRGEEHDLYVLESCFNFLNFIEDWRTSEYRQAHDTAEILSLL
LMRKLGTAMNFQMYQKKVLTLDKITGESRTELREIASQNFVTNVTTYYHYNRDNHTSLELKTKFGQVFNCQYSAGDNRRY
PFLFDGESVMFWRIKMDTWHHHHHH
;
B
#
loop_
_chem_comp.id
_chem_comp.type
_chem_comp.name
_chem_comp.formula
NAG D-saccharide, beta linking 2-acetamido-2-deoxy-beta-D-glucopyranose 'C8 H15 N O6'
#
# COMPACT_ATOMS: atom_id res chain seq x y z
N ASP A 86 -44.77 -33.05 26.55
CA ASP A 86 -44.19 -33.81 27.68
C ASP A 86 -43.43 -32.86 28.59
N GLU A 87 -43.97 -31.66 28.85
CA GLU A 87 -43.31 -30.69 29.77
C GLU A 87 -42.94 -31.41 31.05
N ARG A 88 -43.91 -32.01 31.72
CA ARG A 88 -43.66 -32.57 33.07
C ARG A 88 -42.56 -33.65 33.01
N MET A 89 -42.28 -34.19 31.84
CA MET A 89 -41.19 -35.15 31.69
C MET A 89 -39.84 -34.46 31.50
N VAL A 90 -39.83 -33.33 30.75
CA VAL A 90 -38.65 -32.50 30.58
C VAL A 90 -38.24 -31.85 31.89
N LEU A 91 -39.24 -31.37 32.66
CA LEU A 91 -39.02 -30.74 33.97
C LEU A 91 -38.48 -31.72 35.01
N GLU A 92 -39.05 -32.94 35.05
CA GLU A 92 -38.59 -33.95 35.99
C GLU A 92 -37.26 -34.56 35.58
N ARG A 93 -36.96 -34.62 34.28
CA ARG A 93 -35.69 -35.17 33.83
C ARG A 93 -34.55 -34.17 34.05
N VAL A 94 -34.84 -32.87 33.93
CA VAL A 94 -33.86 -31.83 34.23
C VAL A 94 -33.59 -31.75 35.73
N THR A 95 -34.64 -31.91 36.56
CA THR A 95 -34.50 -31.92 38.02
C THR A 95 -33.75 -33.17 38.53
N ARG A 96 -33.99 -34.33 37.88
CA ARG A 96 -33.29 -35.56 38.22
C ARG A 96 -31.82 -35.53 37.82
N ASP A 97 -31.52 -34.96 36.63
CA ASP A 97 -30.12 -34.80 36.22
C ASP A 97 -29.40 -33.74 37.04
N CYS A 98 -30.15 -32.74 37.54
CA CYS A 98 -29.60 -31.72 38.42
C CYS A 98 -29.20 -32.29 39.77
N VAL A 99 -30.06 -33.12 40.38
CA VAL A 99 -29.73 -33.67 41.69
C VAL A 99 -28.71 -34.80 41.57
N GLN A 100 -28.61 -35.43 40.38
CA GLN A 100 -27.52 -36.38 40.15
C GLN A 100 -26.17 -35.67 39.97
N ARG A 101 -26.18 -34.48 39.36
CA ARG A 101 -24.96 -33.67 39.29
C ARG A 101 -24.56 -33.10 40.64
N CYS A 102 -25.54 -32.85 41.52
CA CYS A 102 -25.20 -32.42 42.88
C CYS A 102 -24.65 -33.58 43.70
N ILE A 103 -25.09 -34.81 43.40
CA ILE A 103 -24.56 -35.99 44.09
C ILE A 103 -23.13 -36.28 43.65
N VAL A 104 -22.83 -36.21 42.34
CA VAL A 104 -21.53 -36.70 41.87
C VAL A 104 -20.42 -35.66 42.10
N GLU A 105 -20.79 -34.38 42.27
CA GLU A 105 -19.82 -33.32 42.51
C GLU A 105 -19.68 -32.97 43.99
N GLU A 106 -19.78 -33.97 44.87
CA GLU A 106 -19.89 -33.74 46.31
C GLU A 106 -18.55 -33.36 46.94
N ASP A 107 -17.44 -33.66 46.26
CA ASP A 107 -16.11 -33.42 46.80
C ASP A 107 -15.16 -32.87 45.74
N LEU A 108 -15.71 -32.28 44.68
CA LEU A 108 -14.91 -31.80 43.56
C LEU A 108 -14.51 -30.34 43.73
N PHE A 109 -15.32 -29.54 44.40
CA PHE A 109 -15.09 -28.10 44.52
C PHE A 109 -14.67 -27.75 45.93
N LEU A 110 -13.57 -27.01 46.04
CA LEU A 110 -13.08 -26.53 47.32
C LEU A 110 -13.87 -25.29 47.71
N ASP A 111 -14.35 -25.27 48.95
CA ASP A 111 -15.20 -24.21 49.44
C ASP A 111 -14.34 -23.10 50.06
N GLU A 112 -14.89 -21.89 50.11
CA GLU A 112 -14.15 -20.73 50.62
C GLU A 112 -14.03 -20.77 52.13
N PHE A 113 -14.95 -21.47 52.81
CA PHE A 113 -14.87 -21.66 54.26
C PHE A 113 -14.21 -22.98 54.63
N GLY A 114 -14.05 -23.88 53.66
CA GLY A 114 -13.49 -25.19 53.93
C GLY A 114 -14.45 -26.08 54.69
N ILE A 115 -15.56 -26.47 54.05
CA ILE A 115 -16.63 -27.15 54.77
C ILE A 115 -16.29 -28.61 55.02
N GLN A 116 -16.06 -29.38 53.93
CA GLN A 116 -15.70 -30.80 53.89
C GLN A 116 -16.72 -31.69 54.60
N CYS A 117 -17.95 -31.66 54.09
CA CYS A 117 -19.00 -32.53 54.61
C CYS A 117 -18.79 -33.96 54.10
N GLU A 118 -19.41 -34.90 54.79
CA GLU A 118 -19.32 -36.30 54.39
C GLU A 118 -20.43 -36.65 53.40
N LYS A 119 -20.53 -37.94 53.09
CA LYS A 119 -21.47 -38.38 52.07
C LYS A 119 -22.89 -38.51 52.60
N ALA A 120 -23.08 -38.50 53.92
CA ALA A 120 -24.41 -38.62 54.52
C ALA A 120 -24.60 -37.64 55.67
N ASP A 121 -24.01 -36.44 55.57
CA ASP A 121 -24.14 -35.46 56.65
C ASP A 121 -25.49 -34.76 56.59
N ASN A 122 -25.86 -34.28 55.40
CA ASN A 122 -27.09 -33.54 55.05
C ASN A 122 -27.30 -32.28 55.88
N GLY A 123 -26.20 -31.61 56.26
CA GLY A 123 -26.32 -30.35 56.96
C GLY A 123 -26.51 -29.19 55.99
N GLU A 124 -26.68 -28.01 56.57
CA GLU A 124 -26.96 -26.81 55.77
C GLU A 124 -25.71 -26.34 55.02
N LYS A 125 -24.53 -26.53 55.63
CA LYS A 125 -23.28 -26.08 55.04
C LYS A 125 -22.76 -26.97 53.93
N CYS A 126 -23.32 -28.18 53.77
CA CYS A 126 -22.78 -29.15 52.83
C CYS A 126 -23.15 -28.81 51.39
N TYR A 127 -22.47 -29.49 50.45
CA TYR A 127 -22.66 -29.20 49.02
C TYR A 127 -24.00 -29.71 48.52
N LYS A 128 -24.50 -30.79 49.13
CA LYS A 128 -25.72 -31.45 48.64
C LYS A 128 -26.96 -30.64 48.91
N THR A 129 -27.07 -30.03 50.11
CA THR A 129 -28.27 -29.29 50.46
C THR A 129 -28.30 -27.93 49.77
N ARG A 130 -27.14 -27.28 49.63
CA ARG A 130 -27.05 -26.01 48.92
C ARG A 130 -27.24 -26.19 47.41
N CYS A 131 -26.78 -27.31 46.87
CA CYS A 131 -26.94 -27.56 45.44
C CYS A 131 -28.36 -28.05 45.13
N THR A 132 -28.97 -28.79 46.06
CA THR A 132 -30.34 -29.26 45.89
C THR A 132 -31.34 -28.12 46.13
N LYS A 133 -30.93 -27.09 46.88
CA LYS A 133 -31.70 -25.84 46.93
C LYS A 133 -31.67 -25.09 45.59
N GLY A 134 -30.59 -25.24 44.82
CA GLY A 134 -30.58 -24.70 43.46
C GLY A 134 -31.42 -25.52 42.50
N CYS A 135 -31.43 -26.84 42.66
CA CYS A 135 -32.26 -27.66 41.79
C CYS A 135 -33.73 -27.71 42.23
N ALA A 136 -34.06 -27.16 43.40
CA ALA A 136 -35.46 -27.05 43.79
C ALA A 136 -36.05 -25.68 43.45
N GLN A 137 -35.26 -24.80 42.84
CA GLN A 137 -35.71 -23.45 42.52
C GLN A 137 -35.23 -23.00 41.15
N TRP A 138 -35.31 -23.89 40.16
CA TRP A 138 -34.97 -23.50 38.79
C TRP A 138 -36.19 -23.17 37.95
N TYR A 139 -37.32 -23.84 38.20
CA TYR A 139 -38.53 -23.57 37.43
C TYR A 139 -39.37 -22.49 38.12
N ARG A 140 -39.11 -22.25 39.40
CA ARG A 140 -39.74 -21.12 40.09
C ARG A 140 -39.15 -19.80 39.61
N ALA A 141 -37.86 -19.79 39.28
CA ALA A 141 -37.19 -18.58 38.81
C ALA A 141 -37.58 -18.26 37.37
N LEU A 142 -37.94 -19.27 36.58
CA LEU A 142 -38.35 -19.02 35.20
C LEU A 142 -39.82 -18.61 35.12
N LYS A 143 -40.65 -19.09 36.05
CA LYS A 143 -42.06 -18.71 36.05
C LYS A 143 -42.26 -17.30 36.58
N GLU A 144 -41.51 -16.91 37.60
CA GLU A 144 -41.67 -15.61 38.22
C GLU A 144 -40.67 -14.58 37.71
N LEU A 145 -39.97 -14.90 36.60
CA LEU A 145 -38.99 -14.04 35.89
C LEU A 145 -37.84 -13.59 36.78
N GLU A 146 -37.33 -14.52 37.59
CA GLU A 146 -36.35 -14.23 38.62
C GLU A 146 -34.99 -14.76 38.19
N SER A 147 -33.95 -14.06 38.62
CA SER A 147 -32.59 -14.51 38.33
C SER A 147 -32.20 -15.66 39.27
N CYS A 148 -31.13 -16.36 38.91
CA CYS A 148 -30.66 -17.46 39.74
C CYS A 148 -29.88 -16.95 40.95
N GLN A 149 -29.35 -15.74 40.88
CA GLN A 149 -28.75 -15.13 42.06
C GLN A 149 -29.82 -14.63 43.02
N GLU A 150 -30.97 -14.23 42.47
CA GLU A 150 -32.05 -13.70 43.30
C GLU A 150 -32.92 -14.82 43.88
N ALA A 151 -33.04 -15.94 43.18
CA ALA A 151 -33.77 -17.08 43.72
C ALA A 151 -32.94 -17.79 44.80
N CYS A 152 -31.62 -17.82 44.62
CA CYS A 152 -30.72 -18.41 45.61
C CYS A 152 -30.07 -17.32 46.46
N LEU A 153 -30.90 -16.60 47.20
CA LEU A 153 -30.43 -15.72 48.28
C LEU A 153 -30.59 -16.45 49.59
N SER A 154 -29.49 -16.62 50.30
CA SER A 154 -29.47 -17.14 51.65
C SER A 154 -28.81 -16.12 52.55
N LEU A 155 -29.34 -15.96 53.77
CA LEU A 155 -28.75 -15.01 54.70
C LEU A 155 -27.48 -15.57 55.33
N GLN A 156 -27.34 -16.90 55.34
CA GLN A 156 -26.18 -17.53 55.93
C GLN A 156 -24.95 -17.40 55.03
N PHE A 157 -25.13 -17.59 53.72
CA PHE A 157 -24.04 -17.51 52.75
C PHE A 157 -24.25 -16.25 51.91
N TYR A 158 -23.42 -15.26 52.13
CA TYR A 158 -23.61 -13.93 51.54
C TYR A 158 -22.32 -13.50 50.85
N PRO A 159 -22.39 -12.78 49.72
CA PRO A 159 -23.57 -12.40 48.93
C PRO A 159 -23.96 -13.44 47.88
N TYR A 160 -23.15 -14.47 47.67
CA TYR A 160 -23.39 -15.42 46.58
C TYR A 160 -23.26 -16.84 47.12
N ASP A 161 -24.38 -17.54 47.19
CA ASP A 161 -24.42 -18.97 47.49
C ASP A 161 -24.14 -19.70 46.18
N MET A 162 -22.86 -20.03 45.96
CA MET A 162 -22.40 -20.42 44.62
C MET A 162 -22.81 -21.82 44.14
N PRO A 163 -22.89 -22.91 44.97
CA PRO A 163 -23.54 -24.14 44.46
C PRO A 163 -25.02 -24.02 44.10
N CYS A 164 -25.76 -23.16 44.81
CA CYS A 164 -27.17 -22.91 44.52
C CYS A 164 -27.35 -22.20 43.18
N ILE A 165 -26.52 -21.17 42.95
CA ILE A 165 -26.56 -20.38 41.72
C ILE A 165 -26.08 -21.21 40.54
N GLY A 166 -25.04 -22.04 40.77
CA GLY A 166 -24.53 -22.91 39.72
C GLY A 166 -25.47 -24.03 39.32
N ALA A 167 -26.18 -24.61 40.30
CA ALA A 167 -27.17 -25.64 40.02
C ALA A 167 -28.41 -25.08 39.33
N CYS A 168 -28.81 -23.85 39.71
CA CYS A 168 -29.92 -23.16 39.05
C CYS A 168 -29.60 -22.82 37.60
N GLU A 169 -28.38 -22.32 37.32
CA GLU A 169 -28.01 -21.95 35.96
C GLU A 169 -27.75 -23.17 35.07
N MET A 170 -27.25 -24.27 35.65
CA MET A 170 -27.07 -25.49 34.87
C MET A 170 -28.39 -26.17 34.55
N ALA A 171 -29.35 -26.11 35.49
CA ALA A 171 -30.68 -26.68 35.24
C ALA A 171 -31.47 -25.86 34.24
N GLN A 172 -31.32 -24.52 34.27
CA GLN A 172 -31.99 -23.68 33.29
C GLN A 172 -31.37 -23.79 31.91
N ARG A 173 -30.04 -23.99 31.83
CA ARG A 173 -29.39 -24.16 30.53
C ARG A 173 -29.69 -25.53 29.91
N ASP A 174 -29.85 -26.56 30.75
CA ASP A 174 -30.23 -27.88 30.26
C ASP A 174 -31.71 -27.88 29.83
N TYR A 175 -32.55 -27.10 30.52
CA TYR A 175 -33.96 -26.96 30.15
C TYR A 175 -34.15 -26.20 28.84
N TRP A 176 -33.39 -25.12 28.63
CA TRP A 176 -33.49 -24.41 27.35
C TRP A 176 -32.81 -25.15 26.21
N HIS A 177 -31.82 -26.01 26.48
CA HIS A 177 -31.30 -26.92 25.46
C HIS A 177 -32.33 -27.96 25.03
N LEU A 178 -33.11 -28.48 25.99
CA LEU A 178 -34.19 -29.40 25.62
C LEU A 178 -35.36 -28.68 24.94
N GLN A 179 -35.57 -27.40 25.27
CA GLN A 179 -36.63 -26.66 24.59
C GLN A 179 -36.19 -26.12 23.23
N ARG A 180 -34.90 -26.15 22.91
CA ARG A 180 -34.53 -25.90 21.51
C ARG A 180 -34.42 -27.20 20.73
N LEU A 181 -34.24 -28.34 21.41
CA LEU A 181 -34.28 -29.61 20.67
C LEU A 181 -35.72 -30.09 20.48
N ALA A 182 -36.66 -29.57 21.26
CA ALA A 182 -38.05 -29.94 21.07
C ALA A 182 -38.66 -29.26 19.84
N ILE A 183 -38.39 -27.96 19.67
CA ILE A 183 -39.02 -27.16 18.61
C ILE A 183 -37.99 -26.76 17.55
N SER A 184 -37.03 -27.64 17.24
CA SER A 184 -36.04 -27.33 16.22
C SER A 184 -36.63 -27.40 14.82
N HIS A 185 -37.39 -28.46 14.53
CA HIS A 185 -37.89 -28.69 13.18
C HIS A 185 -39.08 -27.78 12.86
N LEU A 186 -39.83 -27.38 13.88
CA LEU A 186 -41.00 -26.52 13.66
C LEU A 186 -40.56 -25.07 13.41
N VAL A 187 -39.45 -24.65 14.03
CA VAL A 187 -38.89 -23.35 13.71
C VAL A 187 -38.17 -23.39 12.36
N GLU A 188 -37.37 -24.43 12.11
CA GLU A 188 -36.59 -24.50 10.89
C GLU A 188 -37.37 -25.02 9.68
N ARG A 189 -38.65 -25.35 9.83
CA ARG A 189 -39.50 -25.76 8.71
C ARG A 189 -40.48 -24.66 8.29
N THR A 190 -41.05 -23.95 9.27
CA THR A 190 -42.08 -22.95 8.99
C THR A 190 -41.46 -21.66 8.47
N GLN A 191 -41.80 -21.31 7.22
CA GLN A 191 -41.33 -20.11 6.57
C GLN A 191 -42.36 -19.00 6.73
N PRO A 192 -41.98 -17.82 7.27
CA PRO A 192 -42.90 -16.69 7.29
C PRO A 192 -43.12 -16.11 5.91
N GLN A 193 -44.27 -15.45 5.74
CA GLN A 193 -44.67 -14.89 4.45
C GLN A 193 -44.92 -13.41 4.59
N LEU A 194 -44.60 -12.66 3.54
CA LEU A 194 -44.74 -11.21 3.57
C LEU A 194 -46.09 -10.79 3.01
N GLU A 195 -46.70 -9.79 3.64
CA GLU A 195 -48.03 -9.33 3.27
C GLU A 195 -48.11 -7.82 3.44
N ARG A 196 -48.55 -7.13 2.40
CA ARG A 196 -48.88 -5.72 2.47
C ARG A 196 -50.25 -5.51 1.83
N ALA A 197 -51.10 -4.75 2.50
CA ALA A 197 -52.47 -4.57 2.08
C ALA A 197 -52.70 -3.13 1.62
N PRO A 198 -53.43 -2.92 0.51
CA PRO A 198 -53.71 -1.55 0.07
C PRO A 198 -54.90 -0.93 0.80
N THR A 205 -50.44 2.01 5.88
CA THR A 205 -50.33 0.56 5.84
C THR A 205 -48.87 0.10 5.89
N PRO A 206 -48.36 -0.23 7.07
CA PRO A 206 -46.99 -0.75 7.16
C PRO A 206 -46.89 -2.18 6.67
N LEU A 207 -45.64 -2.63 6.52
CA LEU A 207 -45.37 -3.95 5.99
C LEU A 207 -45.45 -4.99 7.12
N THR A 208 -46.18 -6.07 6.88
CA THR A 208 -46.48 -7.06 7.92
C THR A 208 -45.82 -8.39 7.61
N ILE A 209 -45.23 -9.00 8.63
CA ILE A 209 -44.85 -10.41 8.61
C ILE A 209 -46.07 -11.20 9.05
N ARG A 210 -46.37 -12.32 8.39
CA ARG A 210 -47.28 -13.32 8.95
C ARG A 210 -46.53 -14.63 9.13
N TRP A 211 -46.35 -15.04 10.38
CA TRP A 211 -45.71 -16.31 10.72
C TRP A 211 -46.76 -17.24 11.33
N ALA A 212 -46.93 -18.41 10.72
CA ALA A 212 -47.89 -19.40 11.22
C ALA A 212 -47.20 -20.30 12.25
N MET A 213 -47.04 -19.76 13.45
CA MET A 213 -46.34 -20.43 14.54
C MET A 213 -47.28 -20.61 15.71
N HIS A 214 -47.47 -21.87 16.13
CA HIS A 214 -48.24 -22.18 17.34
C HIS A 214 -47.32 -22.88 18.32
N PHE A 215 -46.89 -22.14 19.33
CA PHE A 215 -46.08 -22.71 20.39
C PHE A 215 -46.96 -23.53 21.34
N PRO A 216 -46.48 -24.68 21.83
CA PRO A 216 -47.27 -25.47 22.79
C PRO A 216 -47.27 -24.85 24.19
N PRO A 224 -38.40 -13.72 24.35
CA PRO A 224 -37.69 -12.78 23.46
C PRO A 224 -37.57 -13.32 22.04
N PHE A 225 -37.71 -12.44 21.05
CA PHE A 225 -37.57 -12.82 19.64
C PHE A 225 -37.06 -11.61 18.87
N ASN A 226 -36.28 -11.86 17.83
CA ASN A 226 -35.65 -10.80 17.07
C ASN A 226 -35.93 -10.99 15.58
N ILE A 227 -36.35 -9.92 14.92
CA ILE A 227 -36.53 -9.91 13.47
C ILE A 227 -35.23 -9.43 12.85
N GLN A 228 -34.69 -10.19 11.89
CA GLN A 228 -33.43 -9.86 11.26
C GLN A 228 -33.64 -9.58 9.78
N TYR A 229 -32.99 -8.55 9.25
CA TYR A 229 -33.10 -8.20 7.84
C TYR A 229 -31.77 -8.43 7.14
N GLN A 230 -31.82 -8.80 5.86
CA GLN A 230 -30.63 -9.02 5.05
C GLN A 230 -30.78 -8.27 3.73
N PHE A 231 -29.68 -7.66 3.29
CA PHE A 231 -29.65 -7.05 1.97
C PHE A 231 -29.49 -8.12 0.90
N VAL A 232 -30.22 -7.96 -0.20
CA VAL A 232 -30.10 -8.81 -1.37
C VAL A 232 -29.42 -8.00 -2.46
N ASP A 233 -28.19 -8.37 -2.80
CA ASP A 233 -27.43 -7.64 -3.80
C ASP A 233 -27.15 -8.51 -5.02
N ALA A 256 -24.97 -10.85 5.46
CA ALA A 256 -24.96 -10.49 6.87
C ALA A 256 -26.35 -10.06 7.32
N TRP A 257 -26.77 -10.55 8.48
CA TRP A 257 -28.09 -10.26 9.03
C TRP A 257 -27.97 -9.16 10.07
N PHE A 258 -28.84 -8.16 9.95
CA PHE A 258 -28.88 -7.02 10.87
C PHE A 258 -30.22 -7.03 11.59
N ASN A 259 -30.20 -6.73 12.88
CA ASN A 259 -31.42 -6.77 13.69
C ASN A 259 -32.30 -5.56 13.44
N LEU A 260 -33.60 -5.74 13.64
CA LEU A 260 -34.61 -4.72 13.42
C LEU A 260 -34.88 -4.05 14.77
N ALA A 261 -34.86 -2.71 14.80
CA ALA A 261 -35.02 -2.02 16.06
C ALA A 261 -36.49 -1.88 16.46
N ASP A 262 -37.34 -1.48 15.52
CA ASP A 262 -38.72 -1.11 15.82
C ASP A 262 -39.67 -2.09 15.15
N TYR A 263 -40.54 -2.72 15.95
CA TYR A 263 -41.62 -3.55 15.43
C TYR A 263 -42.79 -3.53 16.40
N ASP A 264 -43.97 -3.89 15.87
CA ASP A 264 -45.20 -4.00 16.71
C ASP A 264 -45.75 -5.39 16.43
N CYS A 265 -45.83 -6.25 17.45
CA CYS A 265 -46.22 -7.64 17.28
C CYS A 265 -47.36 -7.98 18.23
N ASP A 266 -47.83 -9.23 18.13
CA ASP A 266 -48.92 -9.73 18.95
C ASP A 266 -48.71 -11.21 19.24
N GLU A 267 -49.75 -11.84 19.80
CA GLU A 267 -49.66 -13.25 20.16
C GLU A 267 -49.83 -14.18 18.96
N TYR A 268 -50.37 -13.67 17.85
CA TYR A 268 -50.48 -14.47 16.64
C TYR A 268 -49.28 -14.32 15.71
N TYR A 269 -48.23 -13.62 16.18
CA TYR A 269 -46.97 -13.31 15.49
C TYR A 269 -47.17 -12.58 14.18
N VAL A 270 -48.14 -11.66 14.13
CA VAL A 270 -48.34 -10.78 12.99
C VAL A 270 -47.55 -9.50 13.28
N CYS A 271 -46.31 -9.46 12.83
CA CYS A 271 -45.36 -8.42 13.21
C CYS A 271 -45.30 -7.36 12.12
N GLU A 272 -45.56 -6.11 12.52
CA GLU A 272 -45.53 -4.99 11.53
C GLU A 272 -44.25 -4.17 11.71
N ILE A 273 -43.57 -3.90 10.59
CA ILE A 273 -42.31 -3.14 10.59
C ILE A 273 -42.67 -1.66 10.49
N LEU A 274 -42.23 -0.88 11.48
CA LEU A 274 -42.36 0.57 11.43
C LEU A 274 -41.01 1.27 11.34
N GLU A 275 -39.93 0.54 11.11
CA GLU A 275 -38.65 1.18 10.90
C GLU A 275 -38.54 1.68 9.46
N ALA A 276 -37.82 2.79 9.29
CA ALA A 276 -37.58 3.37 7.97
C ALA A 276 -36.54 2.52 7.25
N LEU A 277 -36.98 1.81 6.22
CA LEU A 277 -36.11 0.99 5.39
C LEU A 277 -35.54 1.84 4.27
N ILE A 278 -34.45 1.38 3.67
CA ILE A 278 -33.91 2.06 2.49
C ILE A 278 -34.79 1.76 1.28
N PRO A 279 -35.26 2.76 0.54
CA PRO A 279 -36.19 2.51 -0.56
C PRO A 279 -35.50 1.89 -1.78
N TYR A 280 -36.31 1.13 -2.55
CA TYR A 280 -35.94 0.33 -3.73
C TYR A 280 -34.80 -0.64 -3.43
N THR A 281 -34.92 -1.36 -2.31
CA THR A 281 -33.94 -2.34 -1.88
C THR A 281 -34.65 -3.64 -1.58
N GLN A 282 -34.10 -4.75 -2.06
CA GLN A 282 -34.69 -6.06 -1.86
C GLN A 282 -34.27 -6.60 -0.49
N TYR A 283 -35.25 -7.08 0.28
CA TYR A 283 -35.05 -7.45 1.67
C TYR A 283 -35.53 -8.87 1.92
N ARG A 284 -34.81 -9.60 2.77
CA ARG A 284 -35.25 -10.88 3.30
C ARG A 284 -35.38 -10.76 4.82
N PHE A 285 -36.37 -11.46 5.39
CA PHE A 285 -36.64 -11.34 6.81
C PHE A 285 -36.60 -12.71 7.48
N ARG A 286 -36.04 -12.73 8.69
CA ARG A 286 -35.85 -13.94 9.47
C ARG A 286 -36.31 -13.67 10.90
N PHE A 287 -36.75 -14.71 11.60
CA PHE A 287 -36.96 -14.66 13.04
C PHE A 287 -35.80 -15.32 13.75
N GLU A 288 -35.14 -14.57 14.62
CA GLU A 288 -34.22 -15.13 15.60
C GLU A 288 -35.01 -15.38 16.87
N LEU A 289 -34.94 -16.60 17.39
CA LEU A 289 -35.63 -16.96 18.63
C LEU A 289 -34.60 -17.32 19.68
N PRO A 290 -34.17 -16.38 20.54
CA PRO A 290 -33.31 -16.74 21.67
C PRO A 290 -34.09 -17.47 22.77
N PHE A 291 -33.86 -18.78 22.87
CA PHE A 291 -34.58 -19.57 23.85
C PHE A 291 -33.99 -19.38 25.24
N GLY A 292 -32.67 -19.47 25.35
CA GLY A 292 -32.03 -19.30 26.64
C GLY A 292 -31.22 -18.02 26.69
N GLU A 293 -30.52 -17.83 27.80
CA GLU A 293 -29.63 -16.69 27.93
C GLU A 293 -28.28 -16.97 27.28
N ASN A 294 -27.99 -18.25 26.99
CA ASN A 294 -26.83 -18.61 26.21
C ASN A 294 -27.01 -18.19 24.76
N ARG A 295 -25.92 -17.82 24.11
CA ARG A 295 -26.00 -17.35 22.72
C ARG A 295 -25.81 -18.46 21.70
N ASP A 296 -25.64 -19.69 22.15
CA ASP A 296 -25.72 -20.87 21.29
C ASP A 296 -27.13 -21.45 21.25
N GLU A 297 -28.08 -20.80 21.93
CA GLU A 297 -29.42 -21.33 22.13
C GLU A 297 -30.42 -20.83 21.11
N VAL A 298 -29.98 -20.03 20.15
CA VAL A 298 -30.88 -19.34 19.24
C VAL A 298 -31.34 -20.29 18.13
N LEU A 299 -32.54 -20.06 17.63
CA LEU A 299 -33.10 -20.81 16.51
C LEU A 299 -33.60 -19.85 15.45
N TYR A 300 -33.26 -20.14 14.20
CA TYR A 300 -33.59 -19.27 13.08
C TYR A 300 -34.61 -19.94 12.18
N SER A 301 -35.58 -19.16 11.71
CA SER A 301 -36.55 -19.61 10.74
C SER A 301 -35.93 -19.60 9.34
N PRO A 302 -36.56 -20.27 8.36
CA PRO A 302 -36.22 -19.97 6.96
C PRO A 302 -36.62 -18.55 6.60
N ALA A 303 -35.84 -17.94 5.71
CA ALA A 303 -36.05 -16.55 5.34
C ALA A 303 -37.24 -16.39 4.42
N THR A 304 -37.80 -15.18 4.40
CA THR A 304 -38.96 -14.87 3.59
C THR A 304 -38.59 -14.79 2.11
N PRO A 305 -39.53 -15.08 1.20
CA PRO A 305 -39.36 -14.66 -0.19
C PRO A 305 -39.36 -13.14 -0.28
N ALA A 306 -38.49 -12.61 -1.13
CA ALA A 306 -37.95 -11.27 -0.99
C ALA A 306 -38.97 -10.18 -1.39
N TYR A 307 -38.77 -9.01 -0.80
CA TYR A 307 -39.68 -7.88 -0.97
C TYR A 307 -38.87 -6.65 -1.35
N GLN A 308 -39.26 -6.02 -2.45
CA GLN A 308 -38.69 -4.74 -2.86
C GLN A 308 -39.50 -3.63 -2.20
N THR A 309 -38.79 -2.72 -1.54
CA THR A 309 -39.41 -1.54 -0.96
C THR A 309 -39.86 -0.58 -2.08
N PRO A 310 -40.95 0.16 -1.87
CA PRO A 310 -41.41 1.12 -2.89
C PRO A 310 -40.48 2.32 -3.00
N PRO A 311 -40.38 2.94 -4.17
CA PRO A 311 -39.47 4.09 -4.31
C PRO A 311 -40.07 5.37 -3.76
N GLU A 312 -39.23 6.15 -3.06
CA GLU A 312 -39.50 7.57 -2.83
C GLU A 312 -38.17 8.29 -2.71
N GLY A 313 -38.18 9.59 -2.95
CA GLY A 313 -37.07 10.46 -2.64
C GLY A 313 -35.94 10.39 -3.65
N ALA A 314 -34.93 11.21 -3.39
CA ALA A 314 -33.73 11.32 -4.21
C ALA A 314 -32.86 10.07 -4.07
N PRO A 315 -32.02 9.77 -5.07
CA PRO A 315 -31.00 8.72 -4.88
C PRO A 315 -29.97 9.13 -3.83
N ILE A 316 -29.55 8.16 -3.03
CA ILE A 316 -28.71 8.43 -1.87
C ILE A 316 -27.32 7.80 -2.02
N SER A 317 -27.04 7.17 -3.17
CA SER A 317 -25.75 6.57 -3.41
C SER A 317 -25.16 7.13 -4.69
N ALA A 318 -23.88 7.45 -4.65
CA ALA A 318 -23.13 7.97 -5.78
C ALA A 318 -22.85 6.85 -6.78
N PRO A 319 -22.69 7.18 -8.07
CA PRO A 319 -22.19 6.18 -9.03
C PRO A 319 -20.72 5.86 -8.79
N VAL A 320 -20.29 4.72 -9.31
CA VAL A 320 -18.94 4.24 -9.10
C VAL A 320 -18.15 4.36 -10.40
N ILE A 321 -17.05 5.11 -10.34
CA ILE A 321 -16.16 5.27 -11.49
C ILE A 321 -15.31 4.01 -11.60
N GLU A 322 -15.47 3.27 -12.70
CA GLU A 322 -14.60 2.13 -12.93
C GLU A 322 -13.28 2.56 -13.56
N HIS A 323 -13.36 3.23 -14.70
CA HIS A 323 -12.16 3.72 -15.37
C HIS A 323 -12.40 5.13 -15.85
N LEU A 324 -11.40 5.98 -15.67
CA LEU A 324 -11.44 7.39 -16.06
C LEU A 324 -10.08 7.72 -16.63
N MET A 325 -9.94 7.65 -17.94
CA MET A 325 -8.65 7.79 -18.59
C MET A 325 -8.78 8.68 -19.81
N GLY A 326 -7.64 9.07 -20.35
CA GLY A 326 -7.61 9.91 -21.53
C GLY A 326 -7.19 9.17 -22.77
N LEU A 327 -8.00 9.29 -23.82
CA LEU A 327 -7.76 8.51 -25.03
C LEU A 327 -6.67 9.15 -25.89
N ASP A 328 -6.88 10.40 -26.29
CA ASP A 328 -5.87 11.21 -26.96
C ASP A 328 -5.98 12.60 -26.36
N ASP A 329 -5.48 13.60 -27.12
CA ASP A 329 -5.49 14.98 -26.65
C ASP A 329 -6.89 15.58 -26.57
N SER A 330 -7.84 15.08 -27.38
CA SER A 330 -9.15 15.71 -27.46
C SER A 330 -10.29 14.83 -26.97
N HIS A 331 -10.05 13.59 -26.56
CA HIS A 331 -11.12 12.72 -26.11
C HIS A 331 -10.78 12.12 -24.75
N LEU A 332 -11.82 11.77 -24.00
CA LEU A 332 -11.65 11.42 -22.61
C LEU A 332 -12.78 10.47 -22.21
N ALA A 333 -12.42 9.25 -21.83
CA ALA A 333 -13.37 8.17 -21.65
C ALA A 333 -13.62 7.91 -20.17
N VAL A 334 -14.89 7.69 -19.80
CA VAL A 334 -15.30 7.35 -18.45
C VAL A 334 -16.22 6.12 -18.54
N HIS A 335 -16.09 5.21 -17.58
CA HIS A 335 -16.96 4.04 -17.50
C HIS A 335 -17.51 3.92 -16.08
N TRP A 336 -18.80 3.64 -15.96
CA TRP A 336 -19.46 3.60 -14.66
C TRP A 336 -20.45 2.45 -14.60
N HIS A 337 -20.78 2.05 -13.37
CA HIS A 337 -21.88 1.14 -13.06
C HIS A 337 -22.71 1.82 -11.97
N PRO A 338 -24.01 1.50 -11.82
CA PRO A 338 -24.83 2.18 -10.80
C PRO A 338 -24.46 1.84 -9.36
N GLY A 339 -24.91 2.71 -8.44
CA GLY A 339 -24.69 2.50 -7.03
C GLY A 339 -25.64 1.47 -6.43
N ARG A 340 -25.46 1.24 -5.14
CA ARG A 340 -26.23 0.20 -4.46
C ARG A 340 -27.66 0.66 -4.18
N PHE A 341 -27.83 1.91 -3.76
CA PHE A 341 -29.15 2.44 -3.40
C PHE A 341 -29.52 3.49 -4.45
N THR A 342 -30.33 3.08 -5.41
CA THR A 342 -30.76 3.97 -6.49
C THR A 342 -32.02 4.75 -6.15
N ASN A 343 -32.80 4.25 -5.17
CA ASN A 343 -34.06 4.83 -4.66
C ASN A 343 -35.12 5.04 -5.74
N GLY A 344 -35.16 4.14 -6.71
CA GLY A 344 -36.09 4.22 -7.81
C GLY A 344 -35.53 3.59 -9.06
N PRO A 345 -36.33 3.54 -10.12
CA PRO A 345 -35.79 3.15 -11.42
C PRO A 345 -34.92 4.26 -11.99
N ILE A 346 -33.81 3.87 -12.60
CA ILE A 346 -32.83 4.81 -13.13
C ILE A 346 -33.37 5.25 -14.49
N GLU A 347 -33.48 6.56 -14.69
CA GLU A 347 -33.87 7.07 -16.00
C GLU A 347 -32.69 7.72 -16.73
N GLY A 348 -31.78 8.34 -16.01
CA GLY A 348 -30.74 9.10 -16.69
C GLY A 348 -29.58 9.42 -15.78
N TYR A 349 -28.55 9.98 -16.40
CA TYR A 349 -27.32 10.34 -15.69
C TYR A 349 -26.93 11.73 -16.14
N ARG A 350 -26.20 12.44 -15.28
CA ARG A 350 -25.71 13.77 -15.61
C ARG A 350 -24.21 13.81 -15.38
N LEU A 351 -23.48 14.23 -16.40
CA LEU A 351 -22.04 14.38 -16.34
C LEU A 351 -21.65 15.84 -16.49
N ARG A 352 -20.93 16.36 -15.51
CA ARG A 352 -20.44 17.73 -15.53
C ARG A 352 -18.92 17.66 -15.59
N LEU A 353 -18.36 18.12 -16.72
CA LEU A 353 -16.92 18.11 -16.94
C LEU A 353 -16.39 19.54 -16.83
N SER A 354 -15.41 19.73 -15.96
CA SER A 354 -14.87 21.06 -15.68
C SER A 354 -13.36 21.00 -15.64
N SER A 355 -12.73 22.06 -16.12
CA SER A 355 -11.28 22.20 -16.03
C SER A 355 -10.89 22.59 -14.61
N SER A 356 -9.61 22.35 -14.28
CA SER A 356 -9.10 22.66 -12.96
C SER A 356 -8.87 24.17 -12.80
N THR A 361 -17.83 24.72 -18.80
CA THR A 361 -18.37 23.42 -18.41
C THR A 361 -19.24 22.81 -19.49
N SER A 362 -19.25 21.48 -19.54
CA SER A 362 -20.02 20.71 -20.50
C SER A 362 -20.92 19.75 -19.75
N GLU A 363 -22.23 19.82 -20.03
CA GLU A 363 -23.23 19.04 -19.30
C GLU A 363 -24.03 18.23 -20.30
N GLN A 364 -24.14 16.92 -20.05
CA GLN A 364 -24.77 16.01 -21.00
C GLN A 364 -25.65 15.02 -20.27
N LEU A 365 -26.87 14.83 -20.77
CA LEU A 365 -27.87 13.95 -20.15
C LEU A 365 -27.85 12.61 -20.87
N VAL A 366 -27.16 11.65 -20.28
CA VAL A 366 -26.99 10.30 -20.82
C VAL A 366 -28.11 9.41 -20.30
N PRO A 367 -28.76 8.57 -21.15
CA PRO A 367 -29.90 7.75 -20.69
C PRO A 367 -29.56 6.58 -19.77
N ALA A 368 -30.58 5.73 -19.57
CA ALA A 368 -30.67 4.85 -18.39
C ALA A 368 -29.69 3.68 -18.45
N GLY A 369 -29.67 2.95 -19.55
CA GLY A 369 -28.91 1.72 -19.60
C GLY A 369 -27.47 1.85 -20.00
N ARG A 370 -26.97 3.06 -20.23
CA ARG A 370 -25.64 3.21 -20.79
C ARG A 370 -24.61 3.43 -19.70
N GLY A 371 -23.43 2.82 -19.85
CA GLY A 371 -22.40 2.86 -18.84
C GLY A 371 -21.07 3.43 -19.30
N SER A 372 -21.08 4.22 -20.37
CA SER A 372 -19.86 4.82 -20.86
C SER A 372 -20.19 6.14 -21.57
N TYR A 373 -19.23 7.07 -21.52
CA TYR A 373 -19.27 8.28 -22.31
C TYR A 373 -17.86 8.72 -22.64
N ILE A 374 -17.70 9.26 -23.85
CA ILE A 374 -16.44 9.84 -24.31
C ILE A 374 -16.71 11.30 -24.64
N PHE A 375 -15.98 12.20 -23.99
CA PHE A 375 -16.20 13.63 -24.15
C PHE A 375 -15.31 14.15 -25.27
N SER A 376 -15.93 14.67 -26.32
CA SER A 376 -15.22 15.13 -27.50
C SER A 376 -14.87 16.62 -27.41
N GLN A 377 -13.92 17.02 -28.27
CA GLN A 377 -13.51 18.41 -28.56
C GLN A 377 -12.94 19.12 -27.34
N LEU A 378 -11.91 18.52 -26.76
CA LEU A 378 -11.27 19.05 -25.56
C LEU A 378 -9.87 19.56 -25.90
N GLN A 379 -9.29 20.30 -24.96
CA GLN A 379 -7.95 20.85 -25.11
C GLN A 379 -6.92 19.94 -24.47
N ALA A 380 -5.67 20.09 -24.91
CA ALA A 380 -4.62 19.15 -24.55
C ALA A 380 -3.86 19.59 -23.31
N GLY A 381 -3.40 18.60 -22.55
CA GLY A 381 -2.53 18.82 -21.40
C GLY A 381 -3.21 19.44 -20.20
N THR A 382 -4.52 19.26 -20.10
CA THR A 382 -5.34 19.95 -19.11
C THR A 382 -5.91 18.97 -18.10
N ASN A 383 -5.78 19.32 -16.83
CA ASN A 383 -6.43 18.59 -15.74
C ASN A 383 -7.94 18.80 -15.82
N TYR A 384 -8.70 17.70 -15.81
CA TYR A 384 -10.15 17.77 -15.84
C TYR A 384 -10.75 17.07 -14.63
N THR A 385 -11.91 17.56 -14.19
CA THR A 385 -12.65 17.01 -13.06
C THR A 385 -14.07 16.70 -13.53
N LEU A 386 -14.54 15.48 -13.26
CA LEU A 386 -15.82 15.00 -13.75
C LEU A 386 -16.73 14.59 -12.60
N ALA A 387 -18.01 14.93 -12.70
CA ALA A 387 -19.00 14.68 -11.67
C ALA A 387 -20.12 13.80 -12.22
N LEU A 388 -20.41 12.70 -11.54
CA LEU A 388 -21.48 11.78 -11.92
C LEU A 388 -22.66 11.89 -10.97
N SER A 389 -23.87 11.76 -11.48
CA SER A 389 -25.06 11.72 -10.66
C SER A 389 -26.13 10.87 -11.32
N MET A 390 -27.09 10.42 -10.52
CA MET A 390 -28.19 9.58 -10.97
C MET A 390 -29.49 10.35 -10.87
N ILE A 391 -30.29 10.28 -11.93
CA ILE A 391 -31.57 11.01 -12.00
C ILE A 391 -32.68 9.98 -12.13
N ASN A 392 -33.46 9.82 -11.06
CA ASN A 392 -34.73 9.11 -11.09
C ASN A 392 -35.88 10.09 -11.34
N LYS A 393 -37.11 9.66 -11.04
CA LYS A 393 -38.29 10.52 -11.19
C LYS A 393 -38.31 11.65 -10.15
N GLN A 394 -37.70 11.42 -8.98
CA GLN A 394 -37.87 12.36 -7.88
C GLN A 394 -36.82 13.45 -7.91
N GLY A 395 -35.55 13.11 -8.16
CA GLY A 395 -34.52 14.14 -8.15
C GLY A 395 -33.16 13.56 -8.48
N GLU A 396 -32.16 14.42 -8.32
CA GLU A 396 -30.78 14.05 -8.58
C GLU A 396 -30.13 13.46 -7.34
N GLY A 397 -29.13 12.61 -7.56
CA GLY A 397 -28.44 11.95 -6.46
C GLY A 397 -27.16 12.64 -6.07
N PRO A 398 -26.25 11.91 -5.40
CA PRO A 398 -24.99 12.52 -4.99
C PRO A 398 -23.98 12.58 -6.12
N VAL A 399 -22.80 13.10 -5.79
CA VAL A 399 -21.77 13.43 -6.77
C VAL A 399 -20.51 12.63 -6.44
N ALA A 400 -20.02 11.87 -7.41
CA ALA A 400 -18.72 11.22 -7.35
C ALA A 400 -17.74 11.94 -8.27
N LYS A 401 -16.50 12.06 -7.82
CA LYS A 401 -15.52 12.90 -8.50
C LYS A 401 -14.27 12.10 -8.87
N GLY A 402 -13.57 12.57 -9.89
CA GLY A 402 -12.32 11.97 -10.30
C GLY A 402 -11.51 12.93 -11.13
N PHE A 403 -10.19 12.83 -11.02
CA PHE A 403 -9.26 13.77 -11.66
C PHE A 403 -8.51 13.03 -12.75
N VAL A 404 -8.37 13.67 -13.91
CA VAL A 404 -7.86 13.01 -15.11
C VAL A 404 -7.29 14.08 -16.06
N GLN A 405 -6.22 13.72 -16.78
CA GLN A 405 -5.63 14.55 -17.83
C GLN A 405 -6.05 14.00 -19.18
N THR A 406 -5.97 14.83 -20.22
CA THR A 406 -6.39 14.37 -21.54
C THR A 406 -5.30 13.54 -22.21
N HIS A 407 -4.20 14.21 -22.62
CA HIS A 407 -2.84 13.81 -23.02
C HIS A 407 -2.01 15.04 -23.37
N SER A 408 -0.72 14.85 -23.62
CA SER A 408 0.13 15.85 -24.23
C SER A 408 -0.09 15.82 -25.74
N ALA A 409 -0.13 17.00 -26.36
CA ALA A 409 -0.39 17.09 -27.78
C ALA A 409 0.84 16.70 -28.58
N ARG A 410 0.61 16.01 -29.69
CA ARG A 410 1.67 15.75 -30.65
C ARG A 410 2.02 17.04 -31.38
N ASN A 411 3.32 17.27 -31.56
CA ASN A 411 3.80 18.46 -32.26
C ASN A 411 3.56 18.27 -33.75
N GLU A 412 2.58 19.01 -34.27
CA GLU A 412 2.20 18.87 -35.67
C GLU A 412 3.22 19.54 -36.58
N LYS A 413 3.99 18.71 -37.28
CA LYS A 413 5.05 19.11 -38.18
C LYS A 413 4.47 19.78 -39.43
N PRO A 414 5.19 20.74 -40.02
CA PRO A 414 4.71 21.34 -41.28
C PRO A 414 5.01 20.44 -42.48
N ALA A 415 4.70 21.00 -43.66
CA ALA A 415 4.81 20.23 -44.91
C ALA A 415 6.26 20.07 -45.34
N LYS A 416 7.14 20.98 -44.92
CA LYS A 416 8.55 20.84 -45.26
C LYS A 416 9.24 19.80 -44.38
N ASP A 417 8.87 19.74 -43.10
CA ASP A 417 9.57 18.90 -42.12
C ASP A 417 8.85 17.57 -41.95
N LEU A 418 8.92 16.74 -43.01
CA LEU A 418 8.30 15.42 -43.01
C LEU A 418 9.34 14.40 -43.51
N THR A 419 9.96 13.69 -42.57
CA THR A 419 10.93 12.65 -42.92
C THR A 419 10.28 11.27 -43.04
N GLU A 420 8.96 11.19 -42.89
CA GLU A 420 8.27 9.92 -42.79
C GLU A 420 7.88 9.41 -44.18
N SER A 421 7.39 8.18 -44.23
CA SER A 421 7.13 7.51 -45.50
C SER A 421 5.78 6.81 -45.48
N VAL A 422 5.21 6.61 -46.68
CA VAL A 422 3.97 5.86 -46.85
C VAL A 422 4.18 4.77 -47.90
N LEU A 423 3.10 4.03 -48.17
CA LEU A 423 3.06 2.96 -49.16
C LEU A 423 1.71 2.97 -49.84
N LEU A 424 1.70 3.19 -51.16
CA LEU A 424 0.46 3.31 -51.90
C LEU A 424 0.24 2.03 -52.69
N VAL A 425 -0.84 1.34 -52.37
CA VAL A 425 -1.07 0.00 -52.89
C VAL A 425 -2.26 0.02 -53.84
N GLY A 426 -2.03 -0.40 -55.08
CA GLY A 426 -3.06 -0.47 -56.08
C GLY A 426 -3.48 -1.91 -56.30
N ARG A 427 -4.20 -2.12 -57.41
CA ARG A 427 -4.63 -3.47 -57.76
C ARG A 427 -3.49 -4.30 -58.31
N ARG A 428 -2.58 -3.68 -59.06
CA ARG A 428 -1.50 -4.42 -59.70
C ARG A 428 -0.12 -3.89 -59.33
N ALA A 429 -0.05 -2.87 -58.47
CA ALA A 429 1.24 -2.28 -58.14
C ALA A 429 1.24 -1.80 -56.69
N VAL A 430 2.42 -1.87 -56.07
CA VAL A 430 2.67 -1.31 -54.76
C VAL A 430 3.82 -0.31 -54.90
N MET A 431 3.52 0.96 -54.58
CA MET A 431 4.47 2.03 -54.85
C MET A 431 4.81 2.75 -53.54
N TRP A 432 6.11 2.96 -53.32
CA TRP A 432 6.61 3.57 -52.09
C TRP A 432 6.83 5.05 -52.36
N GLN A 433 6.35 5.88 -51.43
CA GLN A 433 6.44 7.34 -51.52
C GLN A 433 7.12 7.88 -50.28
N SER A 434 8.10 8.76 -50.47
CA SER A 434 8.61 9.52 -49.35
C SER A 434 7.92 10.87 -49.30
N LEU A 435 7.75 11.38 -48.08
CA LEU A 435 6.96 12.60 -47.88
C LEU A 435 7.82 13.86 -47.81
N GLU A 436 8.96 13.87 -48.49
CA GLU A 436 9.69 15.10 -48.72
C GLU A 436 8.94 15.97 -49.74
N PRO A 437 9.16 17.31 -49.73
CA PRO A 437 8.63 18.16 -50.81
C PRO A 437 9.19 17.87 -52.21
N ALA A 438 10.41 17.34 -52.29
CA ALA A 438 10.86 16.62 -53.47
C ALA A 438 10.92 15.14 -53.10
N GLY A 439 9.80 14.45 -53.28
CA GLY A 439 9.64 13.11 -52.75
C GLY A 439 10.12 12.07 -53.74
N GLU A 440 10.85 11.09 -53.22
CA GLU A 440 11.36 10.00 -54.05
C GLU A 440 10.26 9.00 -54.34
N ASN A 441 10.23 8.51 -55.58
CA ASN A 441 9.19 7.60 -56.04
C ASN A 441 9.85 6.29 -56.46
N SER A 442 9.31 5.17 -55.99
CA SER A 442 9.80 3.86 -56.40
C SER A 442 8.65 2.87 -56.40
N MET A 443 8.64 2.01 -57.41
CA MET A 443 7.85 0.78 -57.39
C MET A 443 8.53 -0.19 -56.44
N ILE A 444 7.76 -0.78 -55.53
CA ILE A 444 8.29 -1.94 -54.83
C ILE A 444 7.90 -3.22 -55.56
N TYR A 445 6.61 -3.42 -55.83
CA TYR A 445 6.21 -4.67 -56.45
C TYR A 445 5.18 -4.33 -57.52
N GLN A 446 5.34 -4.93 -58.70
CA GLN A 446 4.35 -4.83 -59.76
C GLN A 446 3.83 -6.23 -60.07
N SER A 447 2.51 -6.38 -60.05
CA SER A 447 1.86 -7.68 -60.10
C SER A 447 1.26 -7.93 -61.48
N GLN A 448 1.37 -9.17 -61.95
CA GLN A 448 0.62 -9.58 -63.13
C GLN A 448 -0.84 -9.82 -62.79
N GLU A 449 -1.12 -10.21 -61.56
CA GLU A 449 -2.48 -10.46 -61.13
C GLU A 449 -3.02 -9.27 -60.33
N GLU A 450 -4.22 -9.45 -59.76
CA GLU A 450 -4.85 -8.36 -58.97
C GLU A 450 -4.68 -8.63 -57.48
N LEU A 451 -3.96 -7.75 -56.76
CA LEU A 451 -3.76 -7.91 -55.30
C LEU A 451 -5.09 -7.65 -54.58
N ALA A 452 -5.46 -8.53 -53.62
CA ALA A 452 -6.70 -8.30 -52.84
C ALA A 452 -6.37 -7.65 -51.50
N ASP A 453 -5.35 -8.17 -50.79
CA ASP A 453 -4.95 -7.61 -49.47
C ASP A 453 -3.44 -7.74 -49.30
N ILE A 454 -2.81 -6.85 -48.52
CA ILE A 454 -1.34 -6.90 -48.29
C ILE A 454 -1.07 -6.67 -46.80
N ALA A 455 0.09 -7.11 -46.29
CA ALA A 455 0.45 -6.79 -44.89
C ALA A 455 1.73 -5.96 -44.86
N TRP A 456 2.02 -5.33 -43.73
CA TRP A 456 3.28 -4.57 -43.60
C TRP A 456 3.84 -4.82 -42.20
N SER A 457 5.14 -4.59 -42.01
CA SER A 457 5.76 -4.75 -40.67
C SER A 457 6.86 -3.70 -40.53
N LYS A 458 7.01 -3.09 -39.33
CA LYS A 458 7.99 -2.02 -39.22
C LYS A 458 9.35 -2.53 -38.75
N ARG A 459 9.35 -3.37 -37.71
CA ARG A 459 10.61 -3.84 -37.13
C ARG A 459 11.19 -5.04 -37.87
N GLU A 460 10.35 -5.88 -38.46
CA GLU A 460 10.87 -6.94 -39.32
C GLU A 460 11.16 -6.46 -40.74
N GLN A 461 10.61 -5.28 -41.11
CA GLN A 461 10.70 -4.64 -42.44
C GLN A 461 10.20 -5.56 -43.56
N GLN A 462 9.12 -6.27 -43.27
CA GLN A 462 8.59 -7.31 -44.15
C GLN A 462 7.21 -6.91 -44.64
N LEU A 463 6.94 -7.19 -45.92
CA LEU A 463 5.66 -6.86 -46.54
C LEU A 463 5.08 -8.14 -47.13
N TRP A 464 3.83 -8.46 -46.76
CA TRP A 464 3.17 -9.66 -47.33
C TRP A 464 2.24 -9.25 -48.48
N LEU A 465 1.96 -10.17 -49.41
CA LEU A 465 1.09 -9.85 -50.58
C LEU A 465 0.04 -10.95 -50.75
N LEU A 466 -1.14 -10.61 -51.28
CA LEU A 466 -2.18 -11.63 -51.55
C LEU A 466 -2.85 -11.30 -52.89
N ASN A 467 -3.46 -12.28 -53.56
CA ASN A 467 -4.06 -12.09 -54.87
C ASN A 467 -5.52 -12.50 -54.87
N VAL A 468 -6.13 -12.58 -56.06
CA VAL A 468 -7.54 -12.94 -56.16
C VAL A 468 -7.75 -14.43 -55.87
N HIS A 469 -7.01 -15.28 -56.57
CA HIS A 469 -6.82 -16.65 -56.08
C HIS A 469 -5.66 -16.64 -55.11
N GLY A 470 -5.74 -17.46 -54.07
CA GLY A 470 -4.89 -17.34 -52.90
C GLY A 470 -3.42 -17.70 -53.07
N GLU A 471 -2.57 -16.68 -53.09
CA GLU A 471 -1.14 -16.88 -53.26
C GLU A 471 -0.41 -15.86 -52.40
N LEU A 472 0.06 -16.29 -51.24
CA LEU A 472 0.74 -15.45 -50.28
C LEU A 472 2.19 -15.28 -50.71
N ARG A 473 2.61 -14.03 -50.93
CA ARG A 473 3.96 -13.72 -51.36
C ARG A 473 4.58 -12.72 -50.39
N SER A 474 5.38 -13.22 -49.45
CA SER A 474 6.09 -12.32 -48.55
C SER A 474 7.27 -11.67 -49.27
N LEU A 475 7.65 -10.49 -48.81
CA LEU A 475 8.65 -9.66 -49.48
C LEU A 475 9.28 -8.70 -48.48
N LYS A 476 10.58 -8.84 -48.23
CA LYS A 476 11.25 -7.89 -47.35
C LYS A 476 11.76 -6.69 -48.13
N PHE A 477 11.52 -5.50 -47.61
CA PHE A 477 11.94 -4.26 -48.23
C PHE A 477 12.65 -3.39 -47.20
N GLU A 478 13.61 -2.61 -47.66
CA GLU A 478 14.28 -1.62 -46.80
C GLU A 478 14.60 -0.40 -47.63
N SER A 479 14.14 0.76 -47.12
CA SER A 479 14.32 2.11 -47.68
C SER A 479 13.76 2.25 -49.11
N GLY A 480 12.66 1.56 -49.38
CA GLY A 480 11.94 1.75 -50.62
C GLY A 480 12.44 0.97 -51.82
N GLN A 481 13.03 -0.20 -51.62
CA GLN A 481 13.51 -1.02 -52.73
C GLN A 481 13.48 -2.50 -52.33
N MET A 482 13.86 -3.35 -53.28
CA MET A 482 14.07 -4.77 -53.00
C MET A 482 15.27 -5.00 -52.09
N VAL A 483 15.08 -5.88 -51.12
CA VAL A 483 16.18 -6.54 -50.43
C VAL A 483 16.03 -8.03 -50.66
N SER A 484 14.83 -8.55 -50.39
CA SER A 484 14.50 -9.95 -50.65
C SER A 484 13.42 -10.01 -51.73
N PRO A 485 13.50 -10.96 -52.66
CA PRO A 485 12.47 -11.05 -53.71
C PRO A 485 11.18 -11.67 -53.21
N ALA A 486 10.21 -11.71 -54.13
CA ALA A 486 8.88 -12.25 -53.81
C ALA A 486 8.91 -13.77 -53.76
N GLN A 487 8.93 -14.30 -52.54
CA GLN A 487 8.97 -15.74 -52.30
C GLN A 487 7.56 -16.23 -51.97
N GLN A 488 7.14 -17.32 -52.60
CA GLN A 488 5.77 -17.79 -52.44
C GLN A 488 5.64 -18.67 -51.21
N LEU A 489 4.62 -18.41 -50.41
CA LEU A 489 4.34 -19.10 -49.15
C LEU A 489 3.01 -19.85 -49.27
N LYS A 490 3.09 -21.16 -49.44
CA LYS A 490 1.91 -21.99 -49.37
C LYS A 490 1.49 -22.18 -47.91
N LEU A 491 0.20 -21.96 -47.65
CA LEU A 491 -0.34 -22.01 -46.30
C LEU A 491 -0.70 -23.45 -45.96
N ASP A 492 0.01 -24.02 -44.98
CA ASP A 492 -0.25 -25.38 -44.52
C ASP A 492 -1.42 -25.33 -43.54
N LEU A 493 -2.56 -25.86 -43.96
CA LEU A 493 -3.78 -25.76 -43.16
C LEU A 493 -4.13 -27.11 -42.53
N TRP A 501 -10.13 -23.80 -48.24
CA TRP A 501 -10.13 -22.44 -47.72
C TRP A 501 -9.14 -21.57 -48.49
N VAL A 502 -9.64 -20.74 -49.39
CA VAL A 502 -8.83 -19.87 -50.24
C VAL A 502 -8.67 -18.52 -49.51
N PRO A 503 -7.46 -17.97 -49.42
CA PRO A 503 -7.28 -16.72 -48.65
C PRO A 503 -7.75 -15.48 -49.40
N ARG A 504 -8.44 -14.59 -48.67
CA ARG A 504 -9.04 -13.39 -49.25
C ARG A 504 -8.52 -12.11 -48.63
N ARG A 505 -8.38 -12.04 -47.30
CA ARG A 505 -7.85 -10.87 -46.62
C ARG A 505 -6.71 -11.30 -45.71
N LEU A 506 -5.93 -10.30 -45.27
CA LEU A 506 -4.69 -10.62 -44.50
C LEU A 506 -4.30 -9.49 -43.55
N SER A 507 -3.91 -9.82 -42.32
CA SER A 507 -3.43 -8.85 -41.35
C SER A 507 -2.31 -9.47 -40.53
N PHE A 508 -1.52 -8.62 -39.87
CA PHE A 508 -0.30 -9.05 -39.19
C PHE A 508 -0.34 -8.67 -37.71
N ASP A 509 -0.07 -9.65 -36.86
CA ASP A 509 0.12 -9.49 -35.42
C ASP A 509 1.61 -9.22 -35.25
N TRP A 510 1.96 -8.06 -34.66
CA TRP A 510 3.37 -7.72 -34.55
C TRP A 510 3.94 -8.05 -33.18
N LEU A 511 3.09 -8.33 -32.20
CA LEU A 511 3.60 -8.73 -30.89
C LEU A 511 3.81 -10.23 -30.82
N HIS A 512 2.78 -11.00 -31.13
CA HIS A 512 2.83 -12.46 -31.02
C HIS A 512 3.38 -13.13 -32.26
N HIS A 513 3.64 -12.33 -33.32
CA HIS A 513 4.20 -12.73 -34.63
C HIS A 513 3.36 -13.80 -35.32
N ARG A 514 2.14 -13.43 -35.66
CA ARG A 514 1.23 -14.30 -36.40
C ARG A 514 0.62 -13.53 -37.56
N LEU A 515 0.15 -14.28 -38.55
CA LEU A 515 -0.57 -13.75 -39.70
C LEU A 515 -2.02 -14.21 -39.64
N TYR A 516 -2.95 -13.26 -39.75
CA TYR A 516 -4.37 -13.55 -39.59
C TYR A 516 -5.03 -13.48 -40.96
N PHE A 517 -5.76 -14.52 -41.32
CA PHE A 517 -6.34 -14.66 -42.66
C PHE A 517 -7.84 -14.84 -42.55
N ALA A 518 -8.59 -14.09 -43.35
CA ALA A 518 -10.03 -14.29 -43.49
C ALA A 518 -10.30 -15.00 -44.81
N MET A 519 -10.75 -16.25 -44.74
CA MET A 519 -10.81 -17.12 -45.90
C MET A 519 -12.23 -17.34 -46.41
N GLU A 520 -12.31 -17.81 -47.65
CA GLU A 520 -13.53 -18.26 -48.28
C GLU A 520 -13.50 -19.77 -48.46
N SER A 521 -14.60 -20.43 -48.11
CA SER A 521 -14.71 -21.88 -48.26
C SER A 521 -14.93 -22.26 -49.73
N SER A 528 -19.49 -19.36 -46.80
CA SER A 528 -19.15 -18.97 -45.44
C SER A 528 -17.73 -18.43 -45.36
N PHE A 529 -17.47 -17.60 -44.35
CA PHE A 529 -16.18 -16.95 -44.15
C PHE A 529 -15.71 -17.19 -42.73
N GLN A 530 -14.42 -17.49 -42.57
CA GLN A 530 -13.86 -17.83 -41.27
C GLN A 530 -12.47 -17.23 -41.13
N ILE A 531 -12.22 -16.54 -40.02
CA ILE A 531 -10.91 -15.98 -39.72
C ILE A 531 -10.05 -17.02 -39.01
N ILE A 532 -8.87 -17.33 -39.57
CA ILE A 532 -7.90 -18.18 -38.89
C ILE A 532 -6.63 -17.38 -38.64
N SER A 533 -5.67 -18.01 -37.96
CA SER A 533 -4.33 -17.45 -37.76
C SER A 533 -3.27 -18.51 -38.05
N THR A 534 -2.25 -18.11 -38.81
CA THR A 534 -1.10 -18.97 -39.08
C THR A 534 0.16 -18.31 -38.52
N ASP A 535 1.32 -18.86 -38.89
CA ASP A 535 2.62 -18.33 -38.49
C ASP A 535 3.26 -17.69 -39.74
N LEU A 536 4.44 -17.07 -39.60
CA LEU A 536 5.10 -16.40 -40.73
C LEU A 536 5.69 -17.40 -41.72
N LEU A 537 6.03 -18.61 -41.26
CA LEU A 537 6.60 -19.59 -42.18
C LEU A 537 5.51 -20.38 -42.90
N GLY A 538 4.26 -20.22 -42.47
CA GLY A 538 3.20 -21.15 -42.83
C GLY A 538 2.85 -21.90 -41.58
N GLU A 539 1.93 -22.87 -41.69
CA GLU A 539 1.45 -23.85 -40.69
C GLU A 539 0.95 -23.25 -39.37
N SER A 540 0.74 -24.11 -38.36
CA SER A 540 0.22 -23.83 -37.01
C SER A 540 -1.14 -23.14 -37.04
N ALA A 541 -2.05 -23.66 -37.86
CA ALA A 541 -3.31 -22.98 -38.13
C ALA A 541 -4.27 -23.13 -36.96
N GLN A 542 -4.78 -22.00 -36.47
CA GLN A 542 -5.66 -21.97 -35.30
C GLN A 542 -6.91 -21.17 -35.71
N LYS A 543 -8.06 -21.84 -35.65
CA LYS A 543 -9.31 -21.23 -36.09
C LYS A 543 -9.81 -20.25 -35.02
N VAL A 544 -10.17 -19.05 -35.46
CA VAL A 544 -10.56 -17.96 -34.56
C VAL A 544 -12.03 -17.66 -34.78
N GLY A 545 -12.87 -18.05 -33.82
CA GLY A 545 -14.26 -17.66 -33.82
C GLY A 545 -15.12 -18.49 -34.76
N GLU A 546 -16.42 -18.20 -34.72
CA GLU A 546 -17.38 -18.92 -35.54
C GLU A 546 -17.40 -18.35 -36.96
N SER A 547 -17.95 -19.14 -37.88
CA SER A 547 -18.08 -18.71 -39.26
C SER A 547 -19.24 -17.75 -39.42
N PHE A 548 -19.26 -17.04 -40.55
CA PHE A 548 -20.25 -16.00 -40.80
C PHE A 548 -20.48 -15.85 -42.30
N ASP A 549 -21.59 -15.21 -42.66
CA ASP A 549 -22.08 -15.27 -44.03
C ASP A 549 -21.44 -14.19 -44.91
N LEU A 550 -21.34 -12.96 -44.39
CA LEU A 550 -20.92 -11.80 -45.15
C LEU A 550 -19.40 -11.80 -45.41
N PRO A 551 -18.96 -11.26 -46.54
CA PRO A 551 -17.52 -11.18 -46.81
C PRO A 551 -16.80 -10.14 -45.96
N VAL A 552 -15.50 -10.33 -45.84
CA VAL A 552 -14.63 -9.37 -45.18
C VAL A 552 -13.98 -8.52 -46.26
N GLU A 553 -14.13 -7.20 -46.16
CA GLU A 553 -13.50 -6.28 -47.11
C GLU A 553 -12.22 -5.65 -46.59
N GLN A 554 -12.00 -5.65 -45.27
CA GLN A 554 -10.75 -5.20 -44.68
C GLN A 554 -10.60 -5.92 -43.36
N LEU A 555 -9.40 -6.41 -43.07
CA LEU A 555 -9.08 -7.06 -41.81
C LEU A 555 -7.90 -6.33 -41.17
N GLU A 556 -8.10 -5.82 -39.96
CA GLU A 556 -7.05 -5.13 -39.23
C GLU A 556 -6.93 -5.74 -37.84
N VAL A 557 -5.71 -6.00 -37.42
CA VAL A 557 -5.42 -6.61 -36.13
C VAL A 557 -4.76 -5.57 -35.24
N ASP A 558 -5.35 -5.35 -34.07
CA ASP A 558 -4.74 -4.53 -33.02
C ASP A 558 -4.05 -5.51 -32.08
N ALA A 559 -2.71 -5.59 -32.19
CA ALA A 559 -1.95 -6.50 -31.37
C ALA A 559 -1.80 -6.02 -29.94
N LEU A 560 -1.70 -4.70 -29.75
CA LEU A 560 -1.33 -4.13 -28.45
C LEU A 560 -2.50 -4.18 -27.47
N ASN A 561 -3.71 -3.94 -27.95
CA ASN A 561 -4.90 -4.08 -27.15
C ASN A 561 -5.56 -5.44 -27.33
N GLY A 562 -5.00 -6.31 -28.16
CA GLY A 562 -5.46 -7.67 -28.34
C GLY A 562 -6.78 -7.82 -29.06
N TRP A 563 -6.99 -7.10 -30.15
CA TRP A 563 -8.24 -7.11 -30.87
C TRP A 563 -8.05 -7.46 -32.34
N ILE A 564 -9.12 -7.97 -32.96
CA ILE A 564 -9.23 -8.11 -34.41
C ILE A 564 -10.44 -7.31 -34.84
N PHE A 565 -10.25 -6.41 -35.80
CA PHE A 565 -11.35 -5.63 -36.37
C PHE A 565 -11.56 -6.02 -37.83
N TRP A 566 -12.82 -6.14 -38.24
CA TRP A 566 -13.13 -6.38 -39.64
C TRP A 566 -14.45 -5.71 -39.99
N ARG A 567 -14.68 -5.54 -41.28
CA ARG A 567 -15.93 -4.97 -41.77
C ARG A 567 -16.59 -5.89 -42.77
N ASN A 568 -17.91 -5.87 -42.78
CA ASN A 568 -18.76 -6.57 -43.71
C ASN A 568 -19.29 -5.56 -44.73
N GLU A 569 -20.31 -5.96 -45.49
CA GLU A 569 -20.98 -5.03 -46.39
C GLU A 569 -21.86 -4.06 -45.60
N GLU A 570 -22.33 -4.44 -44.42
CA GLU A 570 -23.31 -3.64 -43.70
C GLU A 570 -22.85 -3.21 -42.30
N SER A 571 -21.64 -3.57 -41.88
CA SER A 571 -21.31 -3.49 -40.47
C SER A 571 -19.80 -3.45 -40.26
N LEU A 572 -19.41 -3.07 -39.04
CA LEU A 572 -18.03 -3.11 -38.54
C LEU A 572 -18.02 -3.87 -37.23
N TRP A 573 -17.01 -4.73 -37.03
CA TRP A 573 -17.08 -5.71 -35.96
C TRP A 573 -15.82 -5.73 -35.11
N ARG A 574 -15.77 -6.73 -34.23
CA ARG A 574 -14.71 -6.88 -33.25
C ARG A 574 -14.60 -8.33 -32.83
N GLN A 575 -13.37 -8.75 -32.52
CA GLN A 575 -13.06 -10.01 -31.87
C GLN A 575 -11.77 -9.79 -31.12
N ASP A 576 -11.51 -10.61 -30.12
CA ASP A 576 -10.13 -10.69 -29.66
C ASP A 576 -9.40 -11.78 -30.44
N LEU A 577 -8.13 -12.01 -30.08
CA LEU A 577 -7.26 -12.87 -30.86
C LEU A 577 -7.58 -14.36 -30.70
N HIS A 578 -8.29 -14.72 -29.64
CA HIS A 578 -8.85 -16.06 -29.48
C HIS A 578 -10.32 -16.13 -29.81
N GLY A 579 -10.92 -15.02 -30.27
CA GLY A 579 -12.29 -15.00 -30.74
C GLY A 579 -13.35 -15.06 -29.66
N ARG A 580 -13.04 -14.64 -28.43
CA ARG A 580 -13.98 -14.81 -27.34
C ARG A 580 -15.06 -13.72 -27.34
N MET A 581 -14.66 -12.46 -27.31
CA MET A 581 -15.61 -11.35 -27.19
C MET A 581 -15.94 -10.82 -28.58
N ILE A 582 -17.12 -11.17 -29.08
CA ILE A 582 -17.57 -10.76 -30.40
C ILE A 582 -18.54 -9.61 -30.23
N HIS A 583 -18.22 -8.46 -30.81
CA HIS A 583 -19.08 -7.29 -30.73
C HIS A 583 -19.19 -6.64 -32.09
N ARG A 584 -20.35 -6.09 -32.40
CA ARG A 584 -20.56 -5.34 -33.64
C ARG A 584 -20.55 -3.86 -33.29
N LEU A 585 -19.71 -3.08 -33.98
CA LEU A 585 -19.52 -1.69 -33.59
C LEU A 585 -20.51 -0.77 -34.29
N LEU A 586 -20.81 -1.03 -35.56
CA LEU A 586 -21.74 -0.19 -36.31
C LEU A 586 -22.64 -1.05 -37.20
N ARG A 587 -23.72 -0.43 -37.65
CA ARG A 587 -24.56 -0.94 -38.73
C ARG A 587 -24.79 0.22 -39.68
N ILE A 588 -23.88 0.38 -40.63
CA ILE A 588 -23.89 1.50 -41.56
C ILE A 588 -23.83 0.92 -42.98
N ARG A 589 -24.62 1.48 -43.89
CA ARG A 589 -24.73 0.95 -45.24
C ARG A 589 -23.47 1.26 -46.06
N GLN A 590 -22.73 0.19 -46.35
CA GLN A 590 -21.51 0.18 -47.16
C GLN A 590 -20.38 1.13 -46.75
N PRO A 591 -19.63 0.80 -45.68
CA PRO A 591 -18.52 1.66 -45.27
C PRO A 591 -17.30 1.47 -46.16
N GLY A 592 -16.32 2.36 -45.98
CA GLY A 592 -15.08 2.30 -46.69
C GLY A 592 -13.93 1.87 -45.80
N TRP A 593 -12.76 2.45 -46.06
CA TRP A 593 -11.51 2.09 -45.39
C TRP A 593 -11.51 2.56 -43.94
N PHE A 594 -10.87 1.79 -43.06
CA PHE A 594 -10.74 2.21 -41.68
C PHE A 594 -9.31 2.05 -41.19
N LEU A 595 -8.92 2.92 -40.27
CA LEU A 595 -7.58 2.95 -39.69
C LEU A 595 -7.71 2.93 -38.18
N VAL A 596 -6.97 2.04 -37.54
CA VAL A 596 -7.10 1.77 -36.11
C VAL A 596 -5.89 2.37 -35.40
N GLN A 597 -6.16 3.25 -34.44
CA GLN A 597 -5.10 3.87 -33.66
C GLN A 597 -4.95 3.12 -32.34
N PRO A 598 -3.81 2.45 -32.09
CA PRO A 598 -3.73 1.56 -30.92
C PRO A 598 -3.52 2.28 -29.59
N GLN A 599 -2.80 3.41 -29.58
CA GLN A 599 -2.67 4.18 -28.33
C GLN A 599 -3.96 4.92 -28.00
N HIS A 600 -4.65 5.38 -29.04
CA HIS A 600 -5.69 6.38 -28.86
C HIS A 600 -7.08 5.78 -28.73
N PHE A 601 -7.22 4.47 -28.99
CA PHE A 601 -8.46 3.67 -28.90
C PHE A 601 -9.57 4.22 -29.80
N ILE A 602 -9.19 4.69 -30.99
CA ILE A 602 -10.07 5.41 -31.89
C ILE A 602 -9.96 4.77 -33.27
N ILE A 603 -11.09 4.40 -33.86
CA ILE A 603 -11.15 3.91 -35.23
C ILE A 603 -11.79 4.98 -36.11
N HIS A 604 -11.01 5.56 -37.00
CA HIS A 604 -11.50 6.51 -37.99
C HIS A 604 -12.02 5.68 -39.15
N LEU A 605 -13.19 6.03 -39.67
CA LEU A 605 -13.81 5.28 -40.76
C LEU A 605 -14.37 6.25 -41.79
N MET A 606 -14.14 5.97 -43.06
CA MET A 606 -14.78 6.74 -44.13
C MET A 606 -16.02 6.03 -44.64
N LEU A 607 -17.00 6.84 -45.04
CA LEU A 607 -18.15 6.37 -45.81
C LEU A 607 -18.08 7.09 -47.15
N PRO A 608 -17.59 6.44 -48.21
CA PRO A 608 -17.30 7.18 -49.45
C PRO A 608 -18.53 7.50 -50.29
N GLN A 609 -19.61 6.74 -50.16
CA GLN A 609 -20.82 7.05 -50.92
C GLN A 609 -21.56 8.23 -50.31
N GLU A 610 -21.48 8.40 -49.01
CA GLU A 610 -22.11 9.54 -48.35
C GLU A 610 -21.19 10.74 -48.26
N GLY A 611 -19.92 10.60 -48.61
CA GLY A 611 -18.95 11.67 -48.46
C GLY A 611 -18.62 12.00 -47.03
N LYS A 612 -18.67 11.03 -46.14
CA LYS A 612 -18.65 11.26 -44.70
C LYS A 612 -17.45 10.57 -44.07
N PHE A 613 -16.74 11.32 -43.24
CA PHE A 613 -15.61 10.81 -42.46
C PHE A 613 -16.07 10.77 -41.01
N LEU A 614 -15.83 9.66 -40.33
CA LEU A 614 -16.53 9.34 -39.11
C LEU A 614 -15.60 8.63 -38.13
N GLU A 615 -15.90 8.77 -36.85
CA GLU A 615 -14.97 8.41 -35.78
C GLU A 615 -15.63 7.49 -34.78
N ILE A 616 -15.06 6.29 -34.59
CA ILE A 616 -15.61 5.21 -33.78
C ILE A 616 -14.60 4.86 -32.69
N SER A 617 -15.12 4.55 -31.49
CA SER A 617 -14.36 4.02 -30.37
C SER A 617 -14.09 2.53 -30.53
N TYR A 618 -13.64 1.87 -29.48
CA TYR A 618 -13.43 0.43 -29.54
C TYR A 618 -14.65 -0.36 -29.11
N ASP A 619 -15.76 0.30 -28.83
CA ASP A 619 -16.99 -0.39 -28.47
C ASP A 619 -18.21 0.10 -29.25
N GLY A 620 -18.04 1.07 -30.13
CA GLY A 620 -19.13 1.51 -30.97
C GLY A 620 -20.12 2.46 -30.33
N GLY A 621 -19.87 2.91 -29.10
CA GLY A 621 -20.79 3.84 -28.47
C GLY A 621 -20.57 5.27 -28.90
N PHE A 622 -19.36 5.59 -29.36
CA PHE A 622 -18.98 6.95 -29.71
C PHE A 622 -18.93 7.09 -31.22
N LYS A 623 -19.90 7.83 -31.80
CA LYS A 623 -19.92 8.09 -33.23
C LYS A 623 -19.82 9.60 -33.44
N HIS A 624 -18.63 10.08 -33.78
CA HIS A 624 -18.40 11.49 -34.01
C HIS A 624 -18.24 11.71 -35.51
N PRO A 625 -19.16 12.41 -36.17
CA PRO A 625 -18.92 12.80 -37.56
C PRO A 625 -17.90 13.93 -37.64
N LEU A 626 -17.01 13.83 -38.62
CA LEU A 626 -16.00 14.83 -38.86
C LEU A 626 -16.16 15.37 -40.28
N PRO A 627 -15.79 16.62 -40.56
CA PRO A 627 -15.88 17.11 -41.94
C PRO A 627 -14.74 16.57 -42.81
N LEU A 628 -15.12 15.96 -43.94
CA LEU A 628 -14.22 15.43 -44.95
C LEU A 628 -13.89 16.52 -45.96
N PRO A 629 -12.65 16.58 -46.47
CA PRO A 629 -12.36 17.49 -47.58
C PRO A 629 -13.00 16.99 -48.87
N PRO A 630 -13.91 17.79 -49.47
CA PRO A 630 -14.70 17.27 -50.59
C PRO A 630 -13.94 17.33 -51.90
N PRO A 631 -14.07 16.29 -52.75
CA PRO A 631 -13.47 16.36 -54.09
C PRO A 631 -14.46 16.85 -55.14
N HIS A 643 -15.00 11.04 -54.99
CA HIS A 643 -14.95 10.38 -53.70
C HIS A 643 -13.55 9.82 -53.42
N TRP A 644 -13.11 9.90 -52.17
CA TRP A 644 -11.87 9.23 -51.79
C TRP A 644 -12.18 7.82 -51.33
N GLN A 645 -11.27 6.88 -51.61
CA GLN A 645 -11.43 5.49 -51.16
C GLN A 645 -10.46 5.05 -50.08
N SER A 646 -9.49 5.87 -49.70
CA SER A 646 -8.56 5.51 -48.64
C SER A 646 -8.06 6.79 -47.97
N PHE A 647 -7.41 6.62 -46.83
CA PHE A 647 -6.92 7.75 -46.04
C PHE A 647 -5.80 7.25 -45.14
N ALA A 648 -5.15 8.22 -44.48
CA ALA A 648 -4.25 7.99 -43.36
C ALA A 648 -4.22 9.25 -42.51
N LEU A 649 -3.77 9.11 -41.26
CA LEU A 649 -3.54 10.26 -40.39
C LEU A 649 -2.08 10.34 -40.01
N LEU A 650 -1.49 11.51 -40.25
CA LEU A 650 -0.20 11.89 -39.69
C LEU A 650 -0.47 12.98 -38.67
N GLY A 651 -0.71 12.58 -37.43
CA GLY A 651 -1.16 13.54 -36.43
C GLY A 651 -2.64 13.82 -36.61
N ARG A 652 -2.95 15.05 -37.01
CA ARG A 652 -4.34 15.44 -37.28
C ARG A 652 -4.60 15.66 -38.77
N SER A 653 -3.61 15.42 -39.63
CA SER A 653 -3.75 15.61 -41.06
C SER A 653 -4.47 14.42 -41.68
N LEU A 654 -4.84 14.57 -42.95
CA LEU A 654 -5.52 13.53 -43.70
C LEU A 654 -4.80 13.34 -45.03
N LEU A 655 -4.32 12.12 -45.28
CA LEU A 655 -3.56 11.81 -46.50
C LEU A 655 -4.44 11.05 -47.50
N LEU A 656 -5.10 11.82 -48.35
CA LEU A 656 -6.11 11.25 -49.25
C LEU A 656 -5.53 10.99 -50.64
N PRO A 657 -5.64 9.76 -51.18
CA PRO A 657 -5.18 9.52 -52.55
C PRO A 657 -6.19 9.94 -53.60
N ASP A 658 -5.73 10.60 -54.64
CA ASP A 658 -6.48 10.76 -55.89
C ASP A 658 -5.75 9.86 -56.90
N SER A 659 -6.25 9.80 -58.14
CA SER A 659 -5.58 9.02 -59.17
C SER A 659 -4.31 9.72 -59.67
N GLY A 660 -4.23 11.04 -59.51
CA GLY A 660 -3.08 11.78 -59.97
C GLY A 660 -2.13 12.25 -58.89
N GLN A 661 -2.60 12.39 -57.65
CA GLN A 661 -1.78 12.91 -56.57
C GLN A 661 -2.25 12.39 -55.21
N LEU A 662 -1.33 12.40 -54.25
CA LEU A 662 -1.69 12.26 -52.84
C LEU A 662 -1.63 13.66 -52.23
N ILE A 663 -2.74 14.09 -51.63
CA ILE A 663 -2.83 15.40 -51.03
C ILE A 663 -2.84 15.24 -49.51
N LEU A 664 -2.20 16.16 -48.80
CA LEU A 664 -2.23 16.19 -47.35
C LEU A 664 -3.03 17.42 -46.91
N VAL A 665 -4.28 17.19 -46.50
CA VAL A 665 -5.17 18.24 -46.05
C VAL A 665 -5.34 18.08 -44.55
N GLU A 666 -5.16 19.17 -43.81
CA GLU A 666 -5.35 19.16 -42.36
C GLU A 666 -6.84 19.06 -42.01
N ALA A 671 -9.51 22.50 -47.84
CA ALA A 671 -10.26 22.23 -49.07
C ALA A 671 -9.54 21.18 -49.90
N ALA A 672 -9.81 21.17 -51.21
CA ALA A 672 -9.12 20.24 -52.11
C ALA A 672 -7.68 20.69 -52.36
N SER A 673 -7.43 21.99 -52.30
CA SER A 673 -6.06 22.48 -52.39
C SER A 673 -5.34 22.22 -51.06
N PRO A 674 -4.26 21.43 -51.05
CA PRO A 674 -3.73 20.93 -49.78
C PRO A 674 -2.64 21.80 -49.18
N SER A 675 -2.14 21.36 -48.02
CA SER A 675 -0.88 21.88 -47.51
C SER A 675 0.30 21.37 -48.32
N ALA A 676 0.23 20.12 -48.78
CA ALA A 676 1.28 19.54 -49.60
C ALA A 676 0.67 18.50 -50.53
N SER A 677 1.23 18.38 -51.73
CA SER A 677 0.78 17.40 -52.70
C SER A 677 1.98 16.70 -53.31
N TRP A 678 1.93 15.37 -53.38
CA TRP A 678 2.97 14.57 -53.99
C TRP A 678 2.46 14.00 -55.30
N PRO A 679 3.21 14.06 -56.40
CA PRO A 679 2.66 13.62 -57.68
C PRO A 679 2.68 12.10 -57.85
N LEU A 680 1.70 11.59 -58.59
CA LEU A 680 1.61 10.18 -58.92
C LEU A 680 1.51 10.01 -60.43
N LYS A 681 2.24 9.03 -60.96
CA LYS A 681 2.22 8.73 -62.38
C LYS A 681 1.78 7.30 -62.67
N ASN A 682 2.33 6.31 -61.97
CA ASN A 682 2.23 4.93 -62.43
C ASN A 682 1.02 4.21 -61.83
N LEU A 683 0.33 4.84 -60.88
CA LEU A 683 -0.74 4.15 -60.15
C LEU A 683 -2.09 4.76 -60.52
N PRO A 684 -2.92 4.07 -61.33
CA PRO A 684 -4.21 4.66 -61.69
C PRO A 684 -5.27 4.53 -60.61
N ASP A 685 -5.27 3.42 -59.86
CA ASP A 685 -6.20 3.19 -58.76
C ASP A 685 -5.37 2.95 -57.52
N CYS A 686 -5.78 3.53 -56.40
CA CYS A 686 -5.12 3.35 -55.12
C CYS A 686 -6.19 3.13 -54.05
N TRP A 687 -6.11 2.00 -53.35
CA TRP A 687 -7.09 1.70 -52.31
C TRP A 687 -6.49 1.64 -50.92
N ALA A 688 -5.20 1.92 -50.75
CA ALA A 688 -4.58 1.85 -49.44
C ALA A 688 -3.41 2.82 -49.36
N VAL A 689 -3.30 3.49 -48.21
CA VAL A 689 -2.07 4.17 -47.81
C VAL A 689 -1.73 3.68 -46.41
N ILE A 690 -0.54 3.11 -46.26
CA ILE A 690 -0.06 2.62 -44.98
C ILE A 690 1.12 3.49 -44.57
N LEU A 691 0.97 4.20 -43.46
CA LEU A 691 2.00 5.11 -42.99
C LEU A 691 3.07 4.34 -42.24
N LEU A 692 4.35 4.61 -42.54
CA LEU A 692 5.47 3.82 -42.03
C LEU A 692 6.06 4.50 -40.80
N VAL A 693 5.26 4.61 -39.75
CA VAL A 693 5.65 5.16 -38.46
C VAL A 693 5.54 3.99 -37.47
N PRO A 694 6.42 3.87 -36.46
CA PRO A 694 6.23 2.85 -35.42
C PRO A 694 5.03 3.07 -34.49
N GLU A 695 4.34 4.21 -34.52
CA GLU A 695 3.05 4.37 -33.88
C GLU A 695 1.93 3.59 -34.59
N SER A 696 2.10 3.23 -35.86
CA SER A 696 1.12 2.40 -36.55
C SER A 696 1.17 0.96 -36.05
N GLN A 697 2.37 0.47 -35.72
CA GLN A 697 2.51 -0.90 -35.15
C GLN A 697 3.27 -0.79 -33.81
N PRO A 698 2.69 -0.34 -32.67
CA PRO A 698 3.47 -0.12 -31.45
C PRO A 698 3.70 -1.37 -30.62
N LEU A 699 4.80 -1.33 -29.85
CA LEU A 699 5.09 -2.42 -28.92
C LEU A 699 4.50 -2.15 -27.55
N THR A 700 4.40 -0.88 -27.16
CA THR A 700 4.16 -0.48 -25.78
C THR A 700 2.88 0.33 -25.64
N SER A 701 2.20 0.14 -24.51
CA SER A 701 0.99 0.89 -24.21
C SER A 701 1.33 2.24 -23.57
N ALA A 702 0.32 3.08 -23.44
CA ALA A 702 0.45 4.39 -22.83
C ALA A 702 0.11 4.32 -21.35
N GLY A 703 1.03 4.76 -20.50
CA GLY A 703 0.81 4.75 -19.07
C GLY A 703 1.18 3.44 -18.42
N GLY A 704 0.40 3.10 -17.38
CA GLY A 704 0.63 1.88 -16.64
C GLY A 704 1.15 2.14 -15.24
N LYS A 705 0.25 2.06 -14.25
CA LYS A 705 0.60 2.27 -12.85
C LYS A 705 0.16 1.04 -12.06
N PRO A 706 1.02 0.47 -11.22
CA PRO A 706 0.57 -0.64 -10.36
C PRO A 706 -0.32 -0.16 -9.23
N HIS A 707 -1.04 -1.09 -8.62
CA HIS A 707 -1.94 -0.76 -7.54
C HIS A 707 -1.97 -1.93 -6.56
N SER A 708 -2.50 -1.62 -5.37
CA SER A 708 -2.65 -2.52 -4.19
C SER A 708 -1.31 -3.11 -3.76
N LEU A 709 -0.36 -2.22 -3.48
CA LEU A 709 0.91 -2.61 -2.89
C LEU A 709 0.67 -3.03 -1.45
N LYS A 710 1.24 -4.17 -1.07
CA LYS A 710 1.17 -4.66 0.30
C LYS A 710 2.43 -5.45 0.59
N ALA A 711 2.80 -5.49 1.86
CA ALA A 711 4.08 -6.07 2.23
C ALA A 711 4.00 -6.67 3.62
N LEU A 712 4.46 -7.91 3.74
CA LEU A 712 4.60 -8.58 5.03
C LEU A 712 6.07 -8.58 5.38
N LEU A 713 6.40 -8.10 6.58
CA LEU A 713 7.78 -7.90 6.99
C LEU A 713 8.09 -8.72 8.23
N GLY A 714 9.31 -9.23 8.30
CA GLY A 714 9.83 -9.90 9.47
C GLY A 714 10.78 -9.01 10.23
N ALA A 715 11.80 -9.62 10.83
CA ALA A 715 12.87 -8.83 11.43
C ALA A 715 13.87 -8.41 10.37
N GLN A 716 14.45 -9.38 9.67
CA GLN A 716 15.49 -9.13 8.68
C GLN A 716 15.05 -9.55 7.29
N ALA A 717 13.75 -9.63 7.04
CA ALA A 717 13.27 -10.03 5.72
C ALA A 717 11.92 -9.37 5.44
N ALA A 718 11.53 -9.41 4.17
CA ALA A 718 10.24 -8.87 3.75
C ALA A 718 9.72 -9.67 2.56
N LYS A 719 8.42 -9.57 2.33
CA LYS A 719 7.72 -10.21 1.22
C LYS A 719 6.76 -9.18 0.65
N ILE A 720 7.13 -8.60 -0.49
CA ILE A 720 6.40 -7.48 -1.07
C ILE A 720 5.63 -7.98 -2.28
N SER A 721 4.32 -7.76 -2.29
CA SER A 721 3.48 -8.19 -3.38
C SER A 721 2.60 -7.05 -3.84
N TRP A 722 2.60 -6.80 -5.14
CA TRP A 722 1.70 -5.83 -5.76
C TRP A 722 0.95 -6.56 -6.86
N LYS A 723 0.05 -5.85 -7.53
CA LYS A 723 -0.73 -6.44 -8.61
C LYS A 723 -0.33 -5.83 -9.93
N GLU A 724 -0.83 -6.34 -11.01
CA GLU A 724 -0.34 -5.84 -12.29
C GLU A 724 -1.24 -4.69 -12.70
N PRO A 725 -0.70 -3.75 -13.51
CA PRO A 725 -1.46 -2.57 -13.89
C PRO A 725 -2.77 -3.06 -14.48
N GLU A 726 -3.92 -2.44 -14.24
CA GLU A 726 -5.24 -3.01 -14.67
C GLU A 726 -5.46 -2.83 -16.17
N ARG A 727 -6.38 -3.58 -16.78
CA ARG A 727 -6.67 -3.49 -18.21
C ARG A 727 -7.83 -2.58 -18.46
N ASN A 728 -7.75 -1.78 -19.50
CA ASN A 728 -8.75 -0.84 -19.93
C ASN A 728 -10.02 -1.57 -20.36
N PRO A 729 -11.17 -0.89 -20.39
CA PRO A 729 -12.35 -1.47 -21.05
C PRO A 729 -12.23 -1.62 -22.56
N TYR A 730 -11.34 -0.86 -23.20
CA TYR A 730 -10.97 -1.04 -24.60
C TYR A 730 -9.74 -1.92 -24.77
N GLN A 731 -9.42 -2.75 -23.79
CA GLN A 731 -8.34 -3.72 -23.88
C GLN A 731 -8.88 -5.10 -23.59
N SER A 732 -8.55 -6.06 -24.45
CA SER A 732 -9.05 -7.42 -24.30
C SER A 732 -8.16 -8.22 -23.37
N ALA A 733 -8.46 -9.52 -23.25
CA ALA A 733 -7.66 -10.39 -22.40
C ALA A 733 -6.38 -10.82 -23.10
N ASP A 734 -6.32 -10.67 -24.43
CA ASP A 734 -5.16 -11.06 -25.22
C ASP A 734 -4.24 -9.86 -25.48
N ALA A 735 -4.22 -8.89 -24.59
CA ALA A 735 -3.48 -7.66 -24.82
C ALA A 735 -2.02 -7.81 -24.39
N ALA A 736 -1.28 -6.71 -24.49
CA ALA A 736 0.11 -6.68 -24.06
C ALA A 736 0.15 -6.48 -22.55
N ARG A 737 0.43 -7.56 -21.82
CA ARG A 737 0.56 -7.51 -20.37
C ARG A 737 2.00 -7.74 -19.92
N SER A 738 2.97 -7.37 -20.76
CA SER A 738 4.36 -7.59 -20.43
C SER A 738 4.97 -6.32 -19.85
N TRP A 739 5.17 -6.31 -18.53
CA TRP A 739 5.86 -5.22 -17.85
C TRP A 739 7.00 -5.77 -17.01
N SER A 740 8.02 -4.94 -16.82
CA SER A 740 8.97 -5.09 -15.75
C SER A 740 8.63 -4.07 -14.67
N TYR A 741 9.18 -4.28 -13.48
CA TYR A 741 8.83 -3.44 -12.34
C TYR A 741 10.08 -2.89 -11.70
N GLU A 742 9.93 -1.75 -11.02
CA GLU A 742 11.02 -1.12 -10.30
C GLU A 742 10.51 -0.71 -8.93
N LEU A 743 11.15 -1.24 -7.88
CA LEU A 743 10.69 -1.04 -6.51
C LEU A 743 11.73 -0.23 -5.74
N GLU A 744 11.32 0.92 -5.21
CA GLU A 744 12.18 1.81 -4.47
C GLU A 744 11.90 1.66 -2.98
N VAL A 745 12.92 1.31 -2.21
CA VAL A 745 12.76 1.02 -0.79
C VAL A 745 13.56 2.09 -0.07
N LEU A 746 12.87 2.99 0.63
CA LEU A 746 13.51 4.17 1.20
C LEU A 746 13.70 4.00 2.70
N ASP A 747 14.95 4.03 3.15
CA ASP A 747 15.25 4.07 4.57
C ASP A 747 14.93 5.47 5.07
N VAL A 748 14.06 5.55 6.08
CA VAL A 748 13.60 6.86 6.54
C VAL A 748 14.65 7.50 7.46
N ALA A 749 15.24 6.70 8.35
CA ALA A 749 16.16 7.22 9.35
C ALA A 749 17.52 7.54 8.75
N SER A 750 17.98 6.74 7.81
CA SER A 750 19.28 6.95 7.18
C SER A 750 19.21 7.93 6.02
N GLN A 751 17.99 8.23 5.54
CA GLN A 751 17.68 8.98 4.30
C GLN A 751 18.41 8.43 3.08
N SER A 752 18.28 7.13 2.88
CA SER A 752 18.87 6.44 1.75
C SER A 752 17.82 5.56 1.10
N ALA A 753 18.03 5.29 -0.19
CA ALA A 753 17.12 4.45 -0.94
C ALA A 753 17.93 3.42 -1.70
N PHE A 754 17.31 2.29 -1.99
CA PHE A 754 17.85 1.33 -2.95
C PHE A 754 16.72 0.82 -3.83
N SER A 755 16.98 0.79 -5.13
CA SER A 755 15.97 0.64 -6.16
C SER A 755 16.30 -0.59 -6.99
N ILE A 756 15.35 -1.51 -7.11
CA ILE A 756 15.61 -2.79 -7.77
C ILE A 756 14.88 -2.72 -9.10
N ARG A 757 15.61 -2.46 -10.18
CA ARG A 757 15.03 -2.48 -11.51
C ARG A 757 15.05 -3.91 -12.05
N ASN A 758 14.23 -4.14 -13.08
CA ASN A 758 14.01 -5.38 -13.85
C ASN A 758 13.45 -6.43 -12.88
N ILE A 759 12.34 -6.08 -12.23
CA ILE A 759 11.60 -7.08 -11.47
C ILE A 759 10.53 -7.67 -12.38
N ARG A 760 10.66 -8.94 -12.71
CA ARG A 760 9.80 -9.48 -13.79
C ARG A 760 8.41 -9.73 -13.29
N GLY A 761 8.26 -10.24 -12.10
CA GLY A 761 6.95 -10.66 -11.68
C GLY A 761 6.37 -9.66 -10.70
N PRO A 762 5.12 -9.86 -10.28
CA PRO A 762 4.49 -8.92 -9.35
C PRO A 762 4.77 -9.17 -7.87
N ILE A 763 5.70 -10.07 -7.54
CA ILE A 763 6.12 -10.29 -6.16
C ILE A 763 7.64 -10.16 -6.12
N PHE A 764 8.15 -9.54 -5.07
CA PHE A 764 9.58 -9.48 -4.83
C PHE A 764 9.83 -9.62 -3.34
N GLY A 765 10.81 -10.44 -2.98
CA GLY A 765 11.21 -10.61 -1.60
C GLY A 765 12.46 -9.82 -1.31
N LEU A 766 12.60 -9.38 -0.08
CA LEU A 766 13.81 -8.73 0.40
C LEU A 766 14.27 -9.47 1.64
N GLN A 767 15.58 -9.50 1.86
CA GLN A 767 16.18 -10.17 3.00
C GLN A 767 17.50 -9.52 3.34
N ARG A 768 17.99 -9.84 4.55
CA ARG A 768 19.01 -9.10 5.31
C ARG A 768 18.70 -7.60 5.41
N LEU A 769 17.48 -7.26 5.82
CA LEU A 769 17.09 -5.90 6.12
C LEU A 769 17.53 -5.53 7.55
N GLN A 770 17.29 -4.27 7.92
CA GLN A 770 17.65 -3.86 9.28
C GLN A 770 16.46 -4.03 10.21
N PRO A 771 16.65 -4.64 11.39
CA PRO A 771 15.55 -4.78 12.35
C PRO A 771 15.20 -3.47 13.03
N ASP A 772 13.89 -3.30 13.27
CA ASP A 772 13.23 -2.15 13.91
C ASP A 772 13.53 -0.83 13.20
N ASN A 773 13.36 -0.82 11.88
CA ASN A 773 13.61 0.36 11.06
C ASN A 773 12.43 0.59 10.13
N LEU A 774 12.02 1.85 10.00
CA LEU A 774 10.91 2.20 9.14
C LEU A 774 11.40 2.31 7.69
N TYR A 775 10.66 1.69 6.77
CA TYR A 775 10.96 1.71 5.35
C TYR A 775 9.74 2.20 4.61
N GLN A 776 9.94 3.04 3.59
CA GLN A 776 8.84 3.45 2.71
C GLN A 776 8.98 2.77 1.36
N LEU A 777 7.87 2.27 0.84
CA LEU A 777 7.86 1.37 -0.31
C LEU A 777 6.97 1.95 -1.39
N ARG A 778 7.54 2.14 -2.59
CA ARG A 778 6.73 2.48 -3.75
C ARG A 778 7.29 1.72 -4.95
N VAL A 779 6.40 1.41 -5.89
CA VAL A 779 6.75 0.59 -7.04
C VAL A 779 6.21 1.28 -8.29
N ARG A 780 6.86 1.05 -9.44
CA ARG A 780 6.42 1.57 -10.72
C ARG A 780 6.66 0.51 -11.79
N ALA A 781 6.00 0.67 -12.92
CA ALA A 781 6.03 -0.30 -13.99
C ALA A 781 6.88 0.20 -15.15
N ILE A 782 7.74 -0.69 -15.67
CA ILE A 782 8.58 -0.42 -16.83
C ILE A 782 8.10 -1.30 -17.96
N ASN A 783 7.79 -0.71 -19.11
CA ASN A 783 7.31 -1.47 -20.24
C ASN A 783 8.46 -2.05 -21.07
N VAL A 784 8.12 -2.49 -22.28
CA VAL A 784 9.05 -3.23 -23.15
C VAL A 784 10.14 -2.33 -23.70
N ASP A 785 9.80 -1.10 -24.09
CA ASP A 785 10.79 -0.18 -24.65
C ASP A 785 11.67 0.44 -23.57
N GLY A 786 11.19 0.45 -22.32
CA GLY A 786 12.03 0.78 -21.19
C GLY A 786 11.79 2.14 -20.56
N GLU A 787 10.81 2.91 -21.01
CA GLU A 787 10.48 4.14 -20.31
C GLU A 787 9.69 3.82 -19.04
N PRO A 788 9.91 4.55 -17.94
CA PRO A 788 9.22 4.20 -16.69
C PRO A 788 7.79 4.72 -16.66
N GLY A 789 7.03 4.16 -15.73
CA GLY A 789 5.67 4.59 -15.50
C GLY A 789 5.59 5.57 -14.34
N GLU A 790 4.51 5.51 -13.58
CA GLU A 790 4.29 6.37 -12.43
C GLU A 790 4.43 5.57 -11.15
N TRP A 791 4.97 6.21 -10.11
CA TRP A 791 5.09 5.57 -8.81
C TRP A 791 3.75 5.45 -8.11
N THR A 792 3.69 4.56 -7.13
CA THR A 792 2.51 4.42 -6.29
C THR A 792 2.60 5.40 -5.13
N GLU A 793 1.59 5.40 -4.27
CA GLU A 793 1.71 6.09 -3.00
C GLU A 793 2.63 5.31 -2.08
N PRO A 794 3.45 5.97 -1.25
CA PRO A 794 4.45 5.23 -0.46
C PRO A 794 3.83 4.52 0.74
N LEU A 795 4.23 3.27 0.93
CA LEU A 795 3.76 2.44 2.03
C LEU A 795 4.82 2.41 3.11
N ALA A 796 4.55 3.03 4.25
CA ALA A 796 5.47 3.02 5.37
C ALA A 796 5.38 1.67 6.07
N ALA A 797 6.48 0.93 6.09
CA ALA A 797 6.50 -0.39 6.69
C ALA A 797 7.70 -0.53 7.61
N ARG A 798 7.45 -1.06 8.81
CA ARG A 798 8.47 -1.17 9.85
C ARG A 798 8.77 -2.64 10.08
N THR A 799 10.07 -2.98 10.10
CA THR A 799 10.52 -4.33 10.40
C THR A 799 10.31 -4.66 11.88
N TRP A 800 10.34 -5.95 12.18
CA TRP A 800 10.26 -6.41 13.56
C TRP A 800 11.60 -6.16 14.26
N PRO A 801 11.60 -6.05 15.59
CA PRO A 801 12.89 -6.03 16.31
C PRO A 801 13.60 -7.37 16.29
N LEU A 802 14.89 -7.32 16.60
CA LEU A 802 15.75 -8.49 16.52
C LEU A 802 15.46 -9.48 17.65
N GLY A 803 15.48 -10.76 17.30
CA GLY A 803 15.16 -11.81 18.24
C GLY A 803 14.43 -12.94 17.54
N PRO A 804 14.65 -14.18 17.96
CA PRO A 804 13.91 -15.31 17.36
C PRO A 804 12.48 -15.33 17.85
N HIS A 805 11.55 -15.01 16.95
CA HIS A 805 10.13 -14.89 17.26
C HIS A 805 9.37 -16.08 16.68
N ARG A 806 8.94 -16.97 17.56
CA ARG A 806 8.18 -18.14 17.15
C ARG A 806 6.69 -17.82 17.18
N LEU A 807 6.00 -18.12 16.08
CA LEU A 807 4.55 -18.06 16.06
C LEU A 807 4.00 -19.48 16.06
N ARG A 808 3.14 -19.78 17.02
CA ARG A 808 2.58 -21.12 17.18
C ARG A 808 1.19 -21.15 16.55
N TRP A 809 1.01 -22.03 15.56
CA TRP A 809 -0.24 -22.20 14.87
C TRP A 809 -0.92 -23.47 15.36
N ALA A 810 -2.22 -23.59 15.09
CA ALA A 810 -2.94 -24.83 15.32
C ALA A 810 -3.97 -24.98 14.22
N SER A 811 -3.91 -26.11 13.50
CA SER A 811 -4.90 -26.39 12.47
C SER A 811 -6.21 -26.84 13.10
N ARG A 812 -7.26 -26.82 12.27
CA ARG A 812 -8.58 -27.25 12.73
C ARG A 812 -8.65 -28.77 12.89
N GLN A 813 -7.80 -29.50 12.17
CA GLN A 813 -7.66 -30.93 12.38
C GLN A 813 -6.90 -31.25 13.66
N GLY A 814 -6.06 -30.34 14.14
CA GLY A 814 -5.37 -30.51 15.38
C GLY A 814 -3.86 -30.66 15.29
N SER A 815 -3.22 -30.06 14.29
CA SER A 815 -1.76 -30.15 14.12
C SER A 815 -1.15 -28.80 14.45
N VAL A 816 -0.09 -28.82 15.25
CA VAL A 816 0.54 -27.62 15.78
C VAL A 816 1.89 -27.45 15.10
N ILE A 817 2.08 -26.35 14.39
CA ILE A 817 3.34 -26.05 13.73
C ILE A 817 3.86 -24.73 14.29
N HIS A 818 5.17 -24.55 14.23
CA HIS A 818 5.82 -23.32 14.69
C HIS A 818 6.53 -22.68 13.51
N THR A 819 6.18 -21.43 13.22
CA THR A 819 6.75 -20.64 12.14
C THR A 819 7.50 -19.44 12.74
N ASN A 820 7.90 -18.50 11.90
CA ASN A 820 8.50 -17.25 12.34
C ASN A 820 7.53 -16.15 11.93
N GLU A 821 7.98 -14.87 11.97
CA GLU A 821 7.12 -13.70 11.77
C GLU A 821 6.53 -13.57 10.36
N LEU A 822 7.09 -14.27 9.37
CA LEU A 822 6.56 -14.30 8.03
C LEU A 822 5.79 -15.58 7.73
N GLY A 823 6.08 -16.67 8.44
CA GLY A 823 5.49 -17.95 8.14
C GLY A 823 6.40 -18.79 7.27
N GLU A 824 7.68 -18.86 7.63
CA GLU A 824 8.68 -19.51 6.78
C GLU A 824 9.51 -20.56 7.50
N GLY A 825 9.39 -20.68 8.82
CA GLY A 825 10.19 -21.64 9.55
C GLY A 825 9.68 -23.07 9.41
N LEU A 826 8.40 -23.27 9.72
CA LEU A 826 7.59 -24.49 9.53
C LEU A 826 8.14 -25.71 10.26
N GLU A 827 8.24 -25.64 11.58
CA GLU A 827 8.67 -26.78 12.39
C GLU A 827 7.41 -27.44 12.94
N VAL A 828 7.09 -28.62 12.41
CA VAL A 828 5.89 -29.35 12.81
C VAL A 828 6.15 -30.05 14.14
N GLN A 829 5.31 -29.79 15.13
CA GLN A 829 5.50 -30.34 16.45
C GLN A 829 4.77 -31.67 16.59
N GLN A 830 5.25 -32.49 17.53
CA GLN A 830 4.83 -33.88 17.62
C GLN A 830 3.48 -34.04 18.31
N GLU A 831 2.98 -33.00 18.99
CA GLU A 831 1.69 -33.10 19.66
C GLU A 831 0.54 -32.98 18.67
N GLN A 832 -0.55 -33.66 18.98
CA GLN A 832 -1.77 -33.62 18.18
C GLN A 832 -2.91 -33.29 19.12
N LEU A 833 -3.63 -32.21 18.83
CA LEU A 833 -4.72 -31.77 19.66
C LEU A 833 -6.04 -32.33 19.15
N GLU A 834 -7.14 -31.89 19.72
CA GLU A 834 -8.45 -32.33 19.30
C GLU A 834 -8.96 -31.46 18.16
N ARG A 835 -10.23 -31.66 17.80
CA ARG A 835 -10.83 -30.93 16.70
C ARG A 835 -11.22 -29.51 17.13
N LEU A 836 -10.88 -28.56 16.26
CA LEU A 836 -11.00 -27.11 16.42
C LEU A 836 -10.45 -26.52 17.74
N PRO A 837 -9.13 -26.60 17.98
CA PRO A 837 -8.62 -26.11 19.27
C PRO A 837 -8.46 -24.60 19.31
N GLY A 838 -8.46 -24.08 20.53
CA GLY A 838 -8.21 -22.67 20.76
C GLY A 838 -6.76 -22.46 21.12
N PRO A 839 -6.42 -21.27 21.64
CA PRO A 839 -5.03 -21.03 22.06
C PRO A 839 -4.66 -21.78 23.33
N MET A 840 -3.39 -22.14 23.40
CA MET A 840 -2.88 -22.98 24.47
C MET A 840 -2.39 -22.12 25.62
N THR A 841 -2.85 -22.41 26.82
CA THR A 841 -2.42 -21.71 28.01
C THR A 841 -1.54 -22.64 28.84
N MET A 842 -0.25 -22.35 28.88
CA MET A 842 0.75 -23.19 29.52
C MET A 842 0.79 -22.94 31.03
N VAL A 843 1.00 -24.02 31.79
CA VAL A 843 1.20 -23.90 33.23
C VAL A 843 2.69 -23.91 33.54
N ASN A 844 3.40 -24.93 33.07
CA ASN A 844 4.85 -24.90 33.00
C ASN A 844 5.26 -25.07 31.55
N GLU A 845 6.52 -25.42 31.30
CA GLU A 845 7.02 -25.69 29.95
C GLU A 845 6.41 -26.91 29.28
N SER A 846 5.85 -27.86 30.04
CA SER A 846 5.27 -29.06 29.46
C SER A 846 3.75 -29.04 29.43
N VAL A 847 3.10 -28.83 30.58
CA VAL A 847 1.65 -29.00 30.65
C VAL A 847 0.94 -27.72 30.23
N GLY A 848 -0.02 -27.85 29.31
CA GLY A 848 -0.82 -26.72 28.89
C GLY A 848 -2.29 -27.08 28.80
N TYR A 849 -3.14 -26.06 28.70
CA TYR A 849 -4.58 -26.23 28.68
C TYR A 849 -5.15 -25.50 27.48
N TYR A 850 -6.09 -26.14 26.77
CA TYR A 850 -6.69 -25.54 25.59
C TYR A 850 -8.16 -25.88 25.52
N VAL A 851 -8.91 -25.00 24.88
CA VAL A 851 -10.38 -25.09 24.80
C VAL A 851 -10.73 -25.37 23.34
N THR A 852 -11.44 -26.47 23.09
CA THR A 852 -11.87 -26.76 21.74
C THR A 852 -13.11 -25.97 21.38
N GLY A 853 -13.53 -26.09 20.12
CA GLY A 853 -14.59 -25.25 19.59
C GLY A 853 -15.98 -25.64 20.02
N ASP A 854 -16.16 -26.85 20.54
CA ASP A 854 -17.45 -27.28 21.06
C ASP A 854 -17.60 -26.99 22.56
N GLY A 855 -16.61 -26.36 23.17
CA GLY A 855 -16.69 -25.98 24.56
C GLY A 855 -15.94 -26.88 25.52
N LEU A 856 -15.21 -27.87 25.03
CA LEU A 856 -14.52 -28.78 25.93
C LEU A 856 -13.12 -28.27 26.22
N LEU A 857 -12.72 -28.36 27.49
CA LEU A 857 -11.39 -27.97 27.93
C LEU A 857 -10.54 -29.21 28.07
N HIS A 858 -9.37 -29.22 27.43
CA HIS A 858 -8.49 -30.35 27.46
C HIS A 858 -7.16 -29.97 28.09
N CYS A 859 -6.53 -30.95 28.72
CA CYS A 859 -5.16 -30.84 29.22
C CYS A 859 -4.30 -31.78 28.41
N ILE A 860 -3.14 -31.30 27.96
CA ILE A 860 -2.18 -32.16 27.29
C ILE A 860 -0.81 -31.94 27.93
N ASN A 861 -0.09 -33.03 28.18
CA ASN A 861 1.29 -33.00 28.62
C ASN A 861 2.14 -33.36 27.40
N LEU A 862 3.11 -32.51 27.08
CA LEU A 862 3.78 -32.62 25.80
C LEU A 862 4.91 -33.66 25.83
N VAL A 863 5.61 -33.79 26.95
CA VAL A 863 6.84 -34.59 26.95
C VAL A 863 6.57 -36.02 27.42
N HIS A 864 5.60 -36.23 28.31
CA HIS A 864 5.14 -37.58 28.65
C HIS A 864 3.64 -37.54 28.89
N SER A 865 2.89 -38.30 28.09
CA SER A 865 1.45 -38.12 28.03
C SER A 865 0.69 -38.89 29.11
N GLN A 866 1.38 -39.61 30.00
CA GLN A 866 0.69 -40.41 31.00
C GLN A 866 0.21 -39.55 32.17
N TRP A 867 1.07 -38.68 32.70
CA TRP A 867 0.76 -37.91 33.89
C TRP A 867 0.84 -36.42 33.58
N GLY A 868 0.54 -35.60 34.60
CA GLY A 868 0.59 -34.17 34.50
C GLY A 868 -0.76 -33.50 34.46
N CYS A 869 -1.82 -34.22 34.10
CA CYS A 869 -3.16 -33.67 34.03
C CYS A 869 -3.95 -34.15 35.25
N PRO A 870 -4.36 -33.25 36.17
CA PRO A 870 -5.09 -33.72 37.35
C PRO A 870 -6.54 -34.05 37.08
N ILE A 871 -7.12 -33.51 36.01
CA ILE A 871 -8.47 -33.88 35.61
C ILE A 871 -8.37 -35.00 34.60
N SER A 872 -9.34 -35.93 34.63
CA SER A 872 -9.29 -37.06 33.72
C SER A 872 -10.15 -36.83 32.49
N GLU A 873 -11.37 -36.40 32.69
CA GLU A 873 -12.28 -36.15 31.58
C GLU A 873 -12.02 -34.75 31.00
N PRO A 874 -12.35 -34.54 29.72
CA PRO A 874 -12.49 -33.16 29.24
C PRO A 874 -13.70 -32.51 29.87
N LEU A 875 -13.59 -31.22 30.19
CA LEU A 875 -14.62 -30.55 30.96
C LEU A 875 -15.52 -29.73 30.06
N GLN A 876 -16.82 -29.98 30.16
CA GLN A 876 -17.82 -29.41 29.28
C GLN A 876 -18.12 -27.97 29.67
N HIS A 877 -18.53 -27.21 28.64
CA HIS A 877 -19.03 -25.83 28.68
C HIS A 877 -18.01 -24.86 29.26
N VAL A 878 -16.85 -24.81 28.62
CA VAL A 878 -15.75 -23.93 28.99
C VAL A 878 -15.54 -22.96 27.83
N GLY A 879 -15.52 -21.66 28.14
CA GLY A 879 -15.32 -20.66 27.11
C GLY A 879 -13.88 -20.25 26.87
N SER A 880 -13.17 -19.85 27.93
CA SER A 880 -11.78 -19.46 27.81
C SER A 880 -11.00 -20.12 28.93
N VAL A 881 -9.69 -19.96 28.90
CA VAL A 881 -8.80 -20.44 29.96
C VAL A 881 -7.62 -19.47 30.06
N THR A 882 -7.17 -19.21 31.29
CA THR A 882 -5.97 -18.42 31.55
C THR A 882 -5.24 -19.02 32.74
N TYR A 883 -4.02 -18.55 32.98
CA TYR A 883 -3.18 -19.07 34.07
C TYR A 883 -2.60 -17.91 34.83
N ASP A 884 -2.45 -18.08 36.14
CA ASP A 884 -1.66 -17.19 36.97
C ASP A 884 -0.31 -17.85 37.22
N TRP A 885 0.77 -17.18 36.83
CA TRP A 885 2.09 -17.70 37.17
C TRP A 885 2.44 -17.44 38.62
N ARG A 886 1.84 -16.42 39.23
CA ARG A 886 2.22 -16.02 40.58
C ARG A 886 1.56 -16.88 41.62
N GLY A 887 0.22 -16.95 41.61
CA GLY A 887 -0.46 -17.81 42.54
C GLY A 887 -0.44 -19.27 42.17
N GLY A 888 -0.29 -19.58 40.88
CA GLY A 888 -0.33 -20.95 40.44
C GLY A 888 -1.74 -21.48 40.40
N ARG A 889 -2.61 -20.85 39.59
CA ARG A 889 -4.02 -21.20 39.52
C ARG A 889 -4.49 -21.11 38.07
N VAL A 890 -5.37 -22.04 37.67
CA VAL A 890 -5.94 -22.09 36.32
C VAL A 890 -7.38 -21.60 36.42
N TYR A 891 -7.71 -20.58 35.63
CA TYR A 891 -9.02 -19.94 35.66
C TYR A 891 -9.75 -20.22 34.36
N TRP A 892 -11.00 -20.71 34.44
CA TRP A 892 -11.79 -20.89 33.24
C TRP A 892 -13.22 -20.42 33.47
N THR A 893 -13.83 -19.93 32.39
CA THR A 893 -15.22 -19.50 32.41
C THR A 893 -16.12 -20.72 32.25
N ASP A 894 -16.85 -21.08 33.30
CA ASP A 894 -17.81 -22.17 33.21
C ASP A 894 -19.10 -21.61 32.63
N LEU A 895 -19.41 -22.00 31.39
CA LEU A 895 -20.55 -21.41 30.69
C LEU A 895 -21.86 -22.02 31.15
N ALA A 896 -21.83 -23.27 31.63
CA ALA A 896 -23.04 -23.88 32.16
C ALA A 896 -23.38 -23.34 33.54
N ARG A 897 -22.38 -23.15 34.39
CA ARG A 897 -22.60 -22.75 35.76
C ARG A 897 -22.69 -21.24 35.94
N ASN A 898 -22.43 -20.47 34.86
CA ASN A 898 -22.38 -19.00 34.81
C ASN A 898 -21.38 -18.44 35.83
N CYS A 899 -20.17 -19.00 35.86
CA CYS A 899 -19.20 -18.67 36.88
C CYS A 899 -17.80 -18.81 36.33
N VAL A 900 -16.83 -18.60 37.21
CA VAL A 900 -15.41 -18.75 36.90
C VAL A 900 -14.82 -19.73 37.90
N VAL A 901 -14.14 -20.77 37.40
CA VAL A 901 -13.63 -21.84 38.22
C VAL A 901 -12.12 -21.73 38.31
N ARG A 902 -11.61 -21.63 39.54
CA ARG A 902 -10.18 -21.48 39.81
C ARG A 902 -9.62 -22.79 40.35
N MET A 903 -8.60 -23.32 39.69
CA MET A 903 -8.12 -24.67 39.96
C MET A 903 -6.61 -24.69 40.16
N ASP A 904 -6.16 -25.40 41.19
CA ASP A 904 -4.76 -25.77 41.36
C ASP A 904 -4.34 -26.74 40.27
N PRO A 905 -3.26 -26.48 39.52
CA PRO A 905 -2.83 -27.45 38.50
C PRO A 905 -2.16 -28.72 39.06
N TRP A 906 -1.72 -28.69 40.31
CA TRP A 906 -1.02 -29.86 40.85
C TRP A 906 -2.00 -30.87 41.44
N SER A 907 -3.01 -30.38 42.17
CA SER A 907 -3.94 -31.26 42.86
C SER A 907 -5.32 -31.33 42.23
N GLY A 908 -5.65 -30.41 41.33
CA GLY A 908 -6.97 -30.42 40.73
C GLY A 908 -8.07 -29.85 41.58
N SER A 909 -7.73 -29.11 42.64
CA SER A 909 -8.76 -28.61 43.55
C SER A 909 -9.40 -27.36 42.97
N ARG A 910 -10.64 -27.49 42.55
CA ARG A 910 -11.36 -26.43 41.87
C ARG A 910 -12.09 -25.56 42.88
N GLU A 911 -12.30 -24.29 42.52
CA GLU A 911 -12.92 -23.34 43.41
C GLU A 911 -13.84 -22.43 42.60
N LEU A 912 -15.10 -22.36 43.01
CA LEU A 912 -16.06 -21.51 42.31
C LEU A 912 -15.89 -20.06 42.73
N LEU A 913 -15.57 -19.21 41.78
CA LEU A 913 -15.36 -17.80 42.05
C LEU A 913 -16.54 -16.99 41.52
N PRO A 914 -17.04 -15.95 42.28
CA PRO A 914 -18.27 -15.24 41.90
C PRO A 914 -18.11 -14.15 40.84
N VAL A 915 -17.59 -14.53 39.68
CA VAL A 915 -17.54 -13.69 38.50
C VAL A 915 -18.58 -14.22 37.54
N PHE A 916 -19.59 -13.41 37.25
CA PHE A 916 -20.79 -13.89 36.60
C PHE A 916 -20.87 -13.38 35.17
N GLU A 917 -21.38 -14.25 34.29
CA GLU A 917 -21.57 -14.11 32.85
C GLU A 917 -20.28 -13.83 32.08
N ALA A 918 -19.12 -14.23 32.59
CA ALA A 918 -17.87 -13.92 31.93
C ALA A 918 -17.62 -14.89 30.80
N ASN A 919 -17.06 -14.40 29.71
CA ASN A 919 -16.77 -15.21 28.55
C ASN A 919 -15.28 -15.36 28.30
N PHE A 920 -14.51 -14.31 28.55
CA PHE A 920 -13.06 -14.34 28.41
C PHE A 920 -12.45 -13.77 29.67
N LEU A 921 -11.22 -14.17 29.97
CA LEU A 921 -10.57 -13.84 31.23
C LEU A 921 -9.12 -13.43 31.02
N ALA A 922 -8.63 -12.59 31.92
CA ALA A 922 -7.20 -12.33 32.09
C ALA A 922 -6.96 -11.99 33.55
N LEU A 923 -5.77 -12.29 34.04
CA LEU A 923 -5.41 -11.93 35.41
C LEU A 923 -4.13 -11.11 35.40
N ASP A 924 -4.17 -9.98 36.11
CA ASP A 924 -3.01 -9.10 36.25
C ASP A 924 -2.22 -9.58 37.45
N PRO A 925 -1.00 -10.10 37.29
CA PRO A 925 -0.32 -10.79 38.39
C PRO A 925 0.32 -9.88 39.42
N ARG A 926 0.39 -8.57 39.19
CA ARG A 926 1.07 -7.68 40.12
C ARG A 926 0.23 -7.42 41.36
N GLN A 927 -1.10 -7.45 41.22
CA GLN A 927 -1.99 -7.21 42.35
C GLN A 927 -3.19 -8.14 42.39
N GLY A 928 -3.45 -8.94 41.36
CA GLY A 928 -4.48 -9.93 41.40
C GLY A 928 -5.83 -9.55 40.84
N HIS A 929 -5.91 -8.50 40.03
CA HIS A 929 -7.19 -8.07 39.48
C HIS A 929 -7.61 -8.96 38.31
N LEU A 930 -8.81 -9.53 38.42
CA LEU A 930 -9.31 -10.50 37.44
C LEU A 930 -10.15 -9.75 36.41
N TYR A 931 -9.57 -9.57 35.23
CA TYR A 931 -10.21 -8.82 34.15
C TYR A 931 -11.08 -9.78 33.38
N TYR A 932 -12.34 -9.42 33.16
CA TYR A 932 -13.25 -10.31 32.47
C TYR A 932 -14.08 -9.52 31.47
N ALA A 933 -14.57 -10.23 30.46
CA ALA A 933 -15.48 -9.64 29.48
C ALA A 933 -16.68 -10.56 29.29
N THR A 934 -17.85 -9.99 29.49
CA THR A 934 -19.13 -10.49 29.04
C THR A 934 -19.25 -10.16 27.54
N SER A 935 -20.21 -10.79 26.83
CA SER A 935 -20.61 -10.30 25.51
C SER A 935 -21.21 -8.89 25.55
N SER A 936 -21.84 -8.48 26.65
CA SER A 936 -22.32 -7.11 26.79
C SER A 936 -21.24 -6.15 27.31
N GLN A 937 -20.50 -6.53 28.34
CA GLN A 937 -19.62 -5.58 29.02
C GLN A 937 -18.21 -6.12 29.22
N LEU A 938 -17.31 -5.22 29.58
CA LEU A 938 -15.95 -5.56 29.96
C LEU A 938 -15.64 -4.89 31.29
N SER A 939 -15.20 -5.69 32.26
CA SER A 939 -15.16 -5.23 33.65
C SER A 939 -13.87 -5.71 34.30
N ARG A 940 -13.84 -5.63 35.63
CA ARG A 940 -12.71 -6.05 36.45
C ARG A 940 -13.24 -6.55 37.78
N HIS A 941 -12.67 -7.64 38.29
CA HIS A 941 -13.01 -8.15 39.62
C HIS A 941 -11.75 -8.16 40.47
N GLY A 942 -11.86 -7.66 41.70
CA GLY A 942 -10.75 -7.59 42.62
C GLY A 942 -11.09 -8.22 43.97
N SER A 943 -10.19 -7.98 44.93
CA SER A 943 -10.36 -8.54 46.27
C SER A 943 -11.44 -7.79 47.05
N THR A 944 -11.24 -6.50 47.26
CA THR A 944 -12.28 -5.63 47.78
C THR A 944 -13.33 -5.40 46.69
N PRO A 945 -14.59 -5.14 47.06
CA PRO A 945 -15.60 -4.79 46.04
C PRO A 945 -15.56 -3.36 45.56
N ASP A 946 -14.62 -2.52 45.98
CA ASP A 946 -14.45 -1.17 45.48
C ASP A 946 -13.58 -1.12 44.22
N GLU A 947 -12.99 -2.23 43.81
CA GLU A 947 -12.09 -2.28 42.67
C GLU A 947 -12.77 -2.71 41.38
N ALA A 948 -14.11 -2.80 41.38
CA ALA A 948 -14.82 -3.22 40.19
C ALA A 948 -14.97 -2.05 39.21
N VAL A 949 -14.19 -2.09 38.14
CA VAL A 949 -14.15 -1.01 37.15
C VAL A 949 -14.63 -1.56 35.81
N THR A 950 -15.72 -1.01 35.28
CA THR A 950 -16.28 -1.42 34.00
C THR A 950 -15.78 -0.45 32.94
N TYR A 951 -15.21 -0.98 31.85
CA TYR A 951 -14.53 -0.18 30.85
C TYR A 951 -15.33 0.05 29.58
N TYR A 952 -16.24 -0.84 29.24
CA TYR A 952 -17.02 -0.72 28.01
C TYR A 952 -18.34 -1.45 28.21
N ARG A 953 -19.38 -0.99 27.52
CA ARG A 953 -20.67 -1.66 27.50
C ARG A 953 -21.24 -1.62 26.08
N VAL A 954 -21.76 -2.76 25.65
CA VAL A 954 -22.42 -2.91 24.36
C VAL A 954 -23.90 -3.12 24.63
N ASN A 955 -24.76 -2.50 23.79
CA ASN A 955 -26.21 -2.63 23.94
C ASN A 955 -26.70 -4.03 23.59
N GLY A 956 -26.00 -4.73 22.70
CA GLY A 956 -26.33 -6.09 22.31
C GLY A 956 -26.78 -6.21 20.87
N LEU A 957 -27.59 -5.26 20.39
CA LEU A 957 -27.96 -5.24 18.98
C LEU A 957 -26.82 -4.70 18.13
N GLU A 958 -25.93 -3.90 18.72
CA GLU A 958 -24.76 -3.40 18.00
C GLU A 958 -23.74 -4.49 17.79
N GLY A 959 -23.64 -5.44 18.72
CA GLY A 959 -22.73 -6.55 18.57
C GLY A 959 -22.35 -7.12 19.93
N SER A 960 -21.13 -7.66 19.98
CA SER A 960 -20.62 -8.31 21.18
C SER A 960 -19.10 -8.26 21.17
N ILE A 961 -18.50 -8.45 22.34
CA ILE A 961 -17.05 -8.41 22.48
C ILE A 961 -16.46 -9.72 21.98
N ALA A 962 -15.59 -9.64 20.97
CA ALA A 962 -15.03 -10.84 20.35
C ALA A 962 -13.90 -11.45 21.16
N SER A 963 -13.01 -10.61 21.72
CA SER A 963 -11.89 -11.04 22.56
C SER A 963 -11.45 -9.82 23.36
N PHE A 964 -10.53 -10.04 24.30
CA PHE A 964 -9.75 -8.91 24.82
C PHE A 964 -8.36 -9.42 25.16
N VAL A 965 -7.41 -8.50 25.22
CA VAL A 965 -6.06 -8.83 25.64
C VAL A 965 -5.63 -7.78 26.67
N LEU A 966 -4.78 -8.18 27.61
CA LEU A 966 -4.36 -7.33 28.70
C LEU A 966 -2.87 -7.04 28.57
N ASP A 967 -2.52 -5.76 28.53
CA ASP A 967 -1.14 -5.32 28.42
C ASP A 967 -0.73 -4.80 29.79
N THR A 968 -0.11 -5.66 30.60
CA THR A 968 0.20 -5.33 31.98
C THR A 968 1.44 -4.46 32.10
N GLN A 969 2.28 -4.42 31.06
CA GLN A 969 3.53 -3.67 31.17
C GLN A 969 3.31 -2.18 30.95
N GLN A 970 2.42 -1.81 30.04
CA GLN A 970 2.17 -0.41 29.72
C GLN A 970 0.81 0.07 30.23
N ASP A 971 0.16 -0.79 31.03
CA ASP A 971 -1.15 -0.60 31.67
C ASP A 971 -2.25 -0.29 30.67
N GLN A 972 -2.32 -1.12 29.63
CA GLN A 972 -3.23 -0.93 28.51
C GLN A 972 -4.15 -2.14 28.39
N LEU A 973 -5.29 -1.93 27.76
CA LEU A 973 -6.34 -2.95 27.70
C LEU A 973 -7.07 -2.81 26.38
N PHE A 974 -6.86 -3.76 25.48
CA PHE A 974 -7.45 -3.76 24.15
C PHE A 974 -8.57 -4.79 24.09
N TRP A 975 -9.54 -4.55 23.21
CA TRP A 975 -10.57 -5.55 22.93
C TRP A 975 -11.09 -5.41 21.51
N LEU A 976 -11.65 -6.50 21.00
CA LEU A 976 -12.29 -6.55 19.69
C LEU A 976 -13.80 -6.67 19.88
N VAL A 977 -14.54 -5.81 19.19
CA VAL A 977 -16.00 -5.88 19.18
C VAL A 977 -16.43 -6.37 17.81
N LYS A 978 -16.92 -7.61 17.77
CA LYS A 978 -17.59 -8.11 16.57
C LYS A 978 -18.95 -7.44 16.47
N GLY A 979 -19.24 -6.83 15.33
CA GLY A 979 -20.44 -6.05 15.21
C GLY A 979 -21.32 -6.43 14.04
N SER A 980 -22.24 -5.53 13.68
CA SER A 980 -23.13 -5.74 12.55
C SER A 980 -22.41 -5.30 11.29
N GLY A 981 -21.66 -6.23 10.70
CA GLY A 981 -20.92 -5.96 9.49
C GLY A 981 -19.62 -5.21 9.68
N ALA A 982 -19.10 -5.14 10.90
CA ALA A 982 -17.84 -4.43 11.14
C ALA A 982 -17.10 -5.11 12.28
N LEU A 983 -15.78 -4.92 12.29
CA LEU A 983 -14.90 -5.45 13.33
C LEU A 983 -14.07 -4.29 13.89
N ARG A 984 -14.38 -3.87 15.10
CA ARG A 984 -13.78 -2.68 15.69
C ARG A 984 -12.79 -3.06 16.78
N LEU A 985 -11.72 -2.26 16.90
CA LEU A 985 -10.66 -2.50 17.87
C LEU A 985 -10.49 -1.25 18.72
N TYR A 986 -10.35 -1.43 20.03
CA TYR A 986 -10.36 -0.32 20.97
C TYR A 986 -9.14 -0.37 21.88
N ARG A 987 -9.08 0.60 22.79
CA ARG A 987 -7.99 0.76 23.74
C ARG A 987 -8.50 1.58 24.91
N ALA A 988 -8.16 1.18 26.13
CA ALA A 988 -8.40 1.99 27.31
C ALA A 988 -7.29 1.77 28.30
N PRO A 989 -6.92 2.79 29.09
CA PRO A 989 -5.93 2.56 30.15
C PRO A 989 -6.54 1.81 31.33
N LEU A 990 -5.66 1.24 32.16
CA LEU A 990 -6.10 0.45 33.31
C LEU A 990 -6.57 1.35 34.45
N THR A 991 -6.02 2.55 34.55
CA THR A 991 -6.35 3.46 35.64
C THR A 991 -7.66 4.18 35.39
N SER A 996 -9.54 6.87 29.37
CA SER A 996 -9.76 7.47 28.06
C SER A 996 -9.93 6.40 26.99
N LEU A 997 -11.18 6.18 26.59
CA LEU A 997 -11.48 5.17 25.58
C LEU A 997 -11.09 5.66 24.20
N GLN A 998 -10.26 4.88 23.51
CA GLN A 998 -9.77 5.26 22.20
C GLN A 998 -10.07 4.16 21.20
N MET A 999 -10.81 4.51 20.16
CA MET A 999 -11.07 3.61 19.03
C MET A 999 -9.78 3.60 18.21
N ILE A 1000 -9.23 2.40 18.02
CA ILE A 1000 -8.00 2.29 17.22
C ILE A 1000 -8.35 2.21 15.75
N GLN A 1001 -9.10 1.18 15.37
CA GLN A 1001 -9.48 1.00 13.97
C GLN A 1001 -10.79 0.24 13.92
N GLN A 1002 -11.56 0.50 12.87
CA GLN A 1002 -12.76 -0.25 12.56
C GLN A 1002 -12.57 -0.89 11.18
N ILE A 1003 -12.72 -2.20 11.10
CA ILE A 1003 -12.52 -2.92 9.85
C ILE A 1003 -13.84 -3.52 9.39
N GLN A 1008 -14.87 -11.19 9.63
CA GLN A 1008 -14.76 -11.03 11.07
C GLN A 1008 -13.73 -12.00 11.66
N ALA A 1009 -13.59 -11.96 12.98
CA ALA A 1009 -12.50 -12.62 13.67
C ALA A 1009 -12.97 -13.84 14.43
N VAL A 1010 -12.05 -14.78 14.64
CA VAL A 1010 -12.26 -15.89 15.58
C VAL A 1010 -12.32 -15.32 16.99
N PRO A 1011 -13.28 -15.74 17.83
CA PRO A 1011 -13.25 -15.32 19.24
C PRO A 1011 -12.09 -15.91 20.02
N ASP A 1012 -11.63 -15.12 21.01
CA ASP A 1012 -10.45 -15.35 21.85
C ASP A 1012 -9.18 -15.55 21.04
N SER A 1013 -9.03 -14.74 19.99
CA SER A 1013 -7.87 -14.84 19.11
C SER A 1013 -7.04 -13.56 19.09
N LEU A 1014 -7.43 -12.53 19.83
CA LEU A 1014 -6.66 -11.30 19.87
C LEU A 1014 -5.46 -11.48 20.79
N GLN A 1015 -4.27 -11.49 20.22
CA GLN A 1015 -3.04 -11.64 20.97
C GLN A 1015 -2.21 -10.36 20.85
N LEU A 1016 -1.53 -10.03 21.94
CA LEU A 1016 -0.66 -8.86 21.98
C LEU A 1016 0.75 -9.27 21.58
N LEU A 1017 1.33 -8.54 20.64
CA LEU A 1017 2.67 -8.85 20.13
C LEU A 1017 3.65 -7.83 20.69
N ARG A 1018 4.17 -8.11 21.88
CA ARG A 1018 5.11 -7.25 22.61
C ARG A 1018 6.49 -6.96 21.97
N PRO A 1019 7.08 -7.79 21.08
CA PRO A 1019 8.16 -7.24 20.24
C PRO A 1019 7.74 -6.15 19.27
N LEU A 1020 6.76 -6.39 18.41
CA LEU A 1020 6.38 -5.39 17.40
C LEU A 1020 5.56 -4.25 18.00
N GLY A 1021 4.89 -4.47 19.12
CA GLY A 1021 3.97 -3.49 19.64
C GLY A 1021 2.72 -3.45 18.79
N ALA A 1022 2.29 -4.63 18.36
CA ALA A 1022 1.15 -4.76 17.47
C ALA A 1022 0.16 -5.73 18.08
N LEU A 1023 -0.99 -5.83 17.44
CA LEU A 1023 -2.07 -6.70 17.87
C LEU A 1023 -2.48 -7.60 16.72
N LEU A 1024 -2.73 -8.85 17.03
CA LEU A 1024 -2.91 -9.88 16.02
C LEU A 1024 -4.15 -10.69 16.34
N TRP A 1025 -5.04 -10.82 15.36
CA TRP A 1025 -6.16 -11.74 15.48
C TRP A 1025 -6.18 -12.62 14.24
N LEU A 1026 -7.08 -13.59 14.26
CA LEU A 1026 -7.20 -14.58 13.20
C LEU A 1026 -8.61 -14.50 12.64
N GLU A 1027 -8.71 -14.47 11.31
CA GLU A 1027 -10.01 -14.31 10.67
C GLU A 1027 -10.80 -15.62 10.68
N ARG A 1028 -12.11 -15.52 10.48
CA ARG A 1028 -13.03 -16.64 10.67
C ARG A 1028 -12.93 -17.69 9.58
N SER A 1029 -12.36 -17.33 8.42
CA SER A 1029 -12.06 -18.33 7.40
C SER A 1029 -10.88 -19.20 7.81
N GLY A 1030 -9.97 -18.67 8.64
CA GLY A 1030 -8.84 -19.42 9.11
C GLY A 1030 -7.65 -19.44 8.19
N ARG A 1031 -7.66 -18.63 7.14
CA ARG A 1031 -6.59 -18.61 6.15
C ARG A 1031 -5.86 -17.28 6.08
N ARG A 1032 -6.11 -16.37 7.03
CA ARG A 1032 -5.54 -15.03 6.99
C ARG A 1032 -5.52 -14.49 8.42
N ALA A 1033 -4.40 -13.88 8.79
CA ALA A 1033 -4.25 -13.25 10.10
C ALA A 1033 -3.95 -11.77 9.92
N ARG A 1034 -4.59 -10.93 10.74
CA ARG A 1034 -4.53 -9.49 10.57
C ARG A 1034 -3.72 -8.86 11.69
N LEU A 1035 -2.74 -8.04 11.32
CA LEU A 1035 -1.88 -7.33 12.26
C LEU A 1035 -2.14 -5.84 12.17
N VAL A 1036 -2.41 -5.20 13.31
CA VAL A 1036 -2.52 -3.75 13.40
C VAL A 1036 -1.48 -3.28 14.39
N ARG A 1037 -0.53 -2.47 13.92
CA ARG A 1037 0.47 -1.87 14.77
C ARG A 1037 -0.09 -0.64 15.45
N LEU A 1038 0.39 -0.37 16.67
CA LEU A 1038 -0.06 0.81 17.39
C LEU A 1038 0.56 2.09 16.86
N ALA A 1039 1.73 2.01 16.22
CA ALA A 1039 2.36 3.20 15.66
C ALA A 1039 1.68 3.63 14.36
N ALA A 1040 1.32 2.66 13.51
CA ALA A 1040 0.65 2.94 12.24
C ALA A 1040 -0.63 2.11 12.17
N PRO A 1041 -1.74 2.64 12.71
CA PRO A 1041 -2.98 1.83 12.76
C PRO A 1041 -3.72 1.75 11.44
N LEU A 1042 -3.42 2.60 10.46
CA LEU A 1042 -4.20 2.62 9.23
C LEU A 1042 -3.78 1.51 8.26
N ASP A 1043 -2.59 0.96 8.44
CA ASP A 1043 -2.09 -0.10 7.56
C ASP A 1043 -2.24 -1.45 8.27
N VAL A 1044 -3.03 -2.34 7.70
CA VAL A 1044 -3.29 -3.66 8.27
C VAL A 1044 -2.48 -4.68 7.48
N MET A 1045 -1.52 -5.32 8.14
CA MET A 1045 -0.79 -6.40 7.50
C MET A 1045 -1.63 -7.67 7.50
N GLU A 1046 -1.60 -8.38 6.38
CA GLU A 1046 -2.33 -9.64 6.21
C GLU A 1046 -1.26 -10.71 6.13
N LEU A 1047 -1.17 -11.52 7.17
CA LEU A 1047 -0.15 -12.56 7.19
C LEU A 1047 -0.81 -13.84 6.68
N PRO A 1048 -0.29 -14.49 5.63
CA PRO A 1048 -0.94 -15.71 5.15
C PRO A 1048 -0.65 -16.90 6.05
N THR A 1049 -1.66 -17.74 6.22
CA THR A 1049 -1.51 -18.97 6.97
C THR A 1049 -0.72 -19.99 6.16
N PRO A 1050 0.29 -20.65 6.74
CA PRO A 1050 1.05 -21.67 6.01
C PRO A 1050 0.23 -22.92 5.71
N ASP A 1051 0.61 -23.62 4.63
CA ASP A 1051 -0.23 -24.62 4.01
C ASP A 1051 -0.27 -25.94 4.76
N GLN A 1052 0.62 -26.15 5.73
CA GLN A 1052 0.55 -27.35 6.56
C GLN A 1052 -0.62 -27.27 7.53
N ALA A 1053 -0.91 -26.08 8.04
CA ALA A 1053 -2.01 -25.85 8.97
C ALA A 1053 -2.99 -24.84 8.40
N SER A 1054 -3.41 -25.05 7.14
CA SER A 1054 -4.00 -23.97 6.34
C SER A 1054 -5.40 -23.52 6.75
N PRO A 1055 -6.35 -24.38 7.23
CA PRO A 1055 -7.42 -23.79 8.06
C PRO A 1055 -6.97 -23.73 9.51
N ALA A 1056 -6.87 -22.53 10.06
CA ALA A 1056 -6.27 -22.32 11.37
C ALA A 1056 -7.31 -21.80 12.35
N SER A 1057 -7.34 -22.39 13.54
CA SER A 1057 -8.24 -21.94 14.59
C SER A 1057 -7.52 -21.32 15.78
N ALA A 1058 -6.19 -21.29 15.79
CA ALA A 1058 -5.44 -20.67 16.86
C ALA A 1058 -4.12 -20.14 16.32
N LEU A 1059 -3.72 -18.99 16.86
CA LEU A 1059 -2.43 -18.41 16.55
C LEU A 1059 -1.92 -17.72 17.81
N GLN A 1060 -0.64 -17.89 18.11
CA GLN A 1060 -0.08 -17.48 19.39
C GLN A 1060 1.37 -17.16 19.20
N LEU A 1061 1.79 -15.94 19.55
CA LEU A 1061 3.21 -15.63 19.56
C LEU A 1061 3.81 -16.08 20.88
N LEU A 1062 4.83 -16.93 20.80
CA LEU A 1062 5.34 -17.58 22.00
C LEU A 1062 6.25 -16.66 22.79
N ASP A 1063 6.27 -16.86 24.09
CA ASP A 1063 7.17 -16.13 24.97
C ASP A 1063 8.59 -16.67 24.80
N PRO A 1064 9.59 -15.82 24.55
CA PRO A 1064 10.96 -16.33 24.39
C PRO A 1064 11.61 -16.74 25.71
N GLN A 1065 11.30 -16.02 26.78
CA GLN A 1065 11.68 -16.40 28.12
C GLN A 1065 10.76 -17.51 28.63
N PRO A 1066 11.23 -18.36 29.53
CA PRO A 1066 10.32 -19.33 30.17
C PRO A 1066 9.40 -18.66 31.17
N LEU A 1067 8.36 -19.42 31.56
CA LEU A 1067 7.39 -18.92 32.52
C LEU A 1067 8.01 -18.89 33.93
N PRO A 1068 7.69 -17.87 34.74
CA PRO A 1068 8.19 -17.84 36.10
C PRO A 1068 7.49 -18.87 36.96
N PRO A 1069 8.14 -19.39 38.00
CA PRO A 1069 7.51 -20.42 38.84
C PRO A 1069 6.55 -19.82 39.84
N ARG A 1070 6.03 -20.69 40.71
CA ARG A 1070 5.06 -20.32 41.73
C ARG A 1070 5.73 -19.47 42.80
N ASP A 1071 5.24 -18.23 42.93
CA ASP A 1071 5.76 -17.33 43.94
C ASP A 1071 5.24 -17.75 45.30
N GLU A 1072 6.15 -17.99 46.24
CA GLU A 1072 5.80 -18.41 47.58
C GLU A 1072 5.41 -17.24 48.49
N GLY A 1073 5.59 -16.02 48.02
CA GLY A 1073 5.21 -14.83 48.74
C GLY A 1073 3.77 -14.40 48.57
N VAL A 1074 2.97 -15.15 47.82
CA VAL A 1074 1.53 -14.92 47.75
C VAL A 1074 0.73 -16.04 48.39
N ILE A 1075 1.39 -17.09 48.88
CA ILE A 1075 0.76 -18.17 49.63
C ILE A 1075 0.51 -17.67 51.06
N PRO A 1076 -0.73 -17.70 51.56
CA PRO A 1076 -0.95 -17.41 52.98
C PRO A 1076 -0.49 -18.58 53.84
N MET A 1077 0.25 -18.26 54.89
CA MET A 1077 0.61 -19.26 55.88
C MET A 1077 -0.60 -19.61 56.73
N THR A 1078 -0.63 -20.83 57.24
CA THR A 1078 -1.79 -21.28 58.02
C THR A 1078 -1.75 -20.69 59.42
N VAL A 1079 -2.95 -20.48 59.98
CA VAL A 1079 -3.08 -20.07 61.37
C VAL A 1079 -2.74 -21.27 62.24
N LEU A 1080 -1.96 -21.04 63.30
CA LEU A 1080 -1.70 -22.10 64.26
C LEU A 1080 -2.98 -22.41 65.06
N PRO A 1081 -3.31 -23.69 65.26
CA PRO A 1081 -4.61 -24.02 65.89
C PRO A 1081 -4.66 -23.80 67.38
N ASP A 1082 -3.50 -23.65 68.03
CA ASP A 1082 -3.49 -23.36 69.46
C ASP A 1082 -3.67 -21.87 69.73
N SER A 1083 -3.51 -21.04 68.68
CA SER A 1083 -3.54 -19.60 68.88
C SER A 1083 -4.94 -19.03 68.74
N VAL A 1084 -5.91 -19.84 68.30
CA VAL A 1084 -7.27 -19.37 68.17
C VAL A 1084 -7.94 -19.41 69.54
N ARG A 1085 -8.26 -18.23 70.07
CA ARG A 1085 -8.61 -18.09 71.47
C ARG A 1085 -9.83 -17.20 71.63
N LEU A 1086 -10.40 -17.25 72.83
CA LEU A 1086 -11.50 -16.39 73.24
C LEU A 1086 -10.97 -15.41 74.27
N ASP A 1087 -11.30 -14.12 74.10
CA ASP A 1087 -10.74 -13.09 74.97
C ASP A 1087 -11.39 -13.05 76.36
N ASP A 1093 -21.57 -10.51 73.61
CA ASP A 1093 -20.67 -9.83 72.67
C ASP A 1093 -19.22 -9.94 73.13
N PHE A 1094 -18.44 -10.73 72.40
CA PHE A 1094 -17.02 -10.88 72.71
C PHE A 1094 -16.24 -10.94 71.39
N HIS A 1095 -14.95 -11.20 71.50
CA HIS A 1095 -14.06 -11.25 70.35
C HIS A 1095 -13.44 -12.63 70.23
N VAL A 1096 -13.01 -12.96 69.01
CA VAL A 1096 -12.23 -14.17 68.73
C VAL A 1096 -10.92 -13.71 68.11
N ARG A 1097 -9.81 -14.08 68.74
CA ARG A 1097 -8.48 -13.67 68.28
C ARG A 1097 -7.72 -14.90 67.81
N TRP A 1098 -6.92 -14.72 66.77
CA TRP A 1098 -6.01 -15.74 66.29
C TRP A 1098 -4.69 -15.07 65.92
N GLN A 1099 -3.67 -15.90 65.69
CA GLN A 1099 -2.39 -15.43 65.18
C GLN A 1099 -2.55 -14.95 63.74
N PRO A 1100 -2.08 -13.74 63.40
CA PRO A 1100 -2.36 -13.18 62.07
C PRO A 1100 -1.55 -13.85 60.97
N SER A 1101 -2.27 -14.39 59.99
CA SER A 1101 -1.66 -15.03 58.85
C SER A 1101 -1.08 -13.98 57.91
N THR A 1102 0.19 -14.15 57.56
CA THR A 1102 0.91 -13.20 56.73
C THR A 1102 1.74 -14.03 55.74
N SER A 1103 1.77 -13.59 54.48
CA SER A 1103 2.48 -14.28 53.43
C SER A 1103 3.99 -13.98 53.46
N GLY A 1104 4.68 -14.44 52.41
CA GLY A 1104 6.13 -14.27 52.35
C GLY A 1104 6.54 -12.86 52.04
N GLY A 1105 6.06 -12.31 50.92
CA GLY A 1105 6.04 -10.88 50.71
C GLY A 1105 4.89 -10.31 51.50
N ASN A 1106 4.99 -9.02 51.83
CA ASN A 1106 3.94 -8.40 52.62
C ASN A 1106 2.76 -8.04 51.74
N HIS A 1107 1.70 -8.83 51.84
CA HIS A 1107 0.48 -8.62 51.05
C HIS A 1107 -0.71 -8.61 52.00
N SER A 1108 -1.81 -8.02 51.53
CA SER A 1108 -3.00 -7.92 52.36
C SER A 1108 -3.73 -9.26 52.42
N VAL A 1109 -3.72 -9.86 53.59
CA VAL A 1109 -4.30 -11.18 53.82
C VAL A 1109 -5.66 -10.99 54.49
N SER A 1110 -6.70 -11.44 53.82
CA SER A 1110 -8.05 -11.44 54.37
C SER A 1110 -8.38 -12.83 54.89
N TYR A 1111 -9.48 -12.91 55.64
CA TYR A 1111 -9.87 -14.12 56.33
C TYR A 1111 -11.35 -14.36 56.08
N ARG A 1112 -11.78 -15.61 56.25
CA ARG A 1112 -13.18 -15.96 56.14
C ARG A 1112 -13.56 -16.88 57.29
N LEU A 1113 -14.69 -16.59 57.92
CA LEU A 1113 -15.08 -17.17 59.20
C LEU A 1113 -16.27 -18.11 59.01
N LEU A 1114 -16.30 -19.17 59.80
CA LEU A 1114 -17.44 -20.07 59.89
C LEU A 1114 -17.74 -20.34 61.34
N LEU A 1115 -18.95 -20.02 61.79
CA LEU A 1115 -19.33 -20.11 63.20
C LEU A 1115 -20.47 -21.11 63.33
N GLU A 1116 -20.12 -22.39 63.41
CA GLU A 1116 -21.10 -23.46 63.44
C GLU A 1116 -21.39 -23.85 64.89
N PHE A 1117 -22.42 -23.26 65.48
CA PHE A 1117 -22.82 -23.56 66.86
C PHE A 1117 -24.21 -24.18 66.86
N GLY A 1118 -24.30 -25.40 67.38
CA GLY A 1118 -25.56 -26.15 67.39
C GLY A 1118 -25.99 -26.60 66.01
N GLN A 1119 -27.04 -25.95 65.49
CA GLN A 1119 -27.46 -26.12 64.10
C GLN A 1119 -27.36 -24.84 63.29
N ARG A 1120 -27.40 -23.67 63.93
CA ARG A 1120 -27.28 -22.41 63.22
C ARG A 1120 -25.82 -22.14 62.87
N LEU A 1121 -25.59 -21.54 61.71
CA LEU A 1121 -24.25 -21.20 61.28
C LEU A 1121 -24.19 -19.74 60.82
N GLN A 1122 -23.03 -19.12 61.00
CA GLN A 1122 -22.82 -17.73 60.65
C GLN A 1122 -21.48 -17.57 59.95
N THR A 1123 -21.48 -16.86 58.82
CA THR A 1123 -20.30 -16.66 57.99
C THR A 1123 -19.91 -15.20 57.99
N LEU A 1124 -18.62 -14.92 58.11
CA LEU A 1124 -18.08 -13.57 58.08
C LEU A 1124 -16.90 -13.50 57.12
N ASP A 1125 -16.72 -12.33 56.50
CA ASP A 1125 -15.59 -12.05 55.62
C ASP A 1125 -14.84 -10.92 56.31
N LEU A 1126 -13.67 -11.23 56.88
CA LEU A 1126 -12.98 -10.33 57.79
C LEU A 1126 -11.59 -10.02 57.28
N SER A 1127 -11.30 -8.74 57.08
CA SER A 1127 -9.93 -8.33 56.78
C SER A 1127 -9.09 -8.25 58.05
N THR A 1128 -9.76 -8.08 59.20
CA THR A 1128 -9.05 -7.95 60.46
C THR A 1128 -8.72 -9.32 61.03
N PRO A 1129 -7.64 -9.47 61.81
CA PRO A 1129 -7.41 -10.74 62.52
C PRO A 1129 -8.24 -10.92 63.78
N PHE A 1130 -9.02 -9.93 64.20
CA PHE A 1130 -9.97 -10.06 65.29
C PHE A 1130 -11.37 -10.22 64.73
N ALA A 1131 -12.18 -11.05 65.38
CA ALA A 1131 -13.53 -11.37 64.93
C ALA A 1131 -14.54 -10.77 65.90
N ARG A 1132 -15.23 -9.72 65.46
CA ARG A 1132 -16.30 -9.14 66.26
C ARG A 1132 -17.53 -10.04 66.23
N LEU A 1133 -17.66 -10.89 67.24
CA LEU A 1133 -18.67 -11.95 67.25
C LEU A 1133 -19.86 -11.48 68.07
N THR A 1134 -21.04 -11.52 67.45
CA THR A 1134 -22.30 -11.23 68.13
C THR A 1134 -23.25 -12.39 67.89
N GLN A 1135 -24.53 -12.14 68.22
CA GLN A 1135 -25.72 -12.91 67.85
C GLN A 1135 -25.75 -14.34 68.39
N LEU A 1136 -25.08 -14.59 69.51
CA LEU A 1136 -25.26 -15.85 70.20
C LEU A 1136 -26.61 -15.82 70.94
N PRO A 1137 -27.35 -16.94 71.00
CA PRO A 1137 -28.68 -16.89 71.62
C PRO A 1137 -28.65 -16.89 73.14
N GLN A 1138 -27.67 -17.57 73.74
CA GLN A 1138 -27.56 -17.64 75.20
C GLN A 1138 -26.09 -17.86 75.55
N ALA A 1139 -25.87 -18.26 76.80
CA ALA A 1139 -24.53 -18.66 77.22
C ALA A 1139 -24.33 -20.16 76.97
N GLN A 1140 -23.13 -20.64 77.34
CA GLN A 1140 -22.65 -22.03 77.33
C GLN A 1140 -22.70 -22.69 75.96
N LEU A 1141 -22.52 -21.96 74.86
CA LEU A 1141 -22.49 -22.57 73.54
C LEU A 1141 -21.14 -23.22 73.27
N GLN A 1142 -21.14 -24.10 72.28
CA GLN A 1142 -19.92 -24.77 71.81
C GLN A 1142 -19.70 -24.35 70.36
N LEU A 1143 -18.60 -23.63 70.12
CA LEU A 1143 -18.31 -23.06 68.81
C LEU A 1143 -17.40 -24.01 68.04
N LYS A 1144 -17.72 -24.23 66.76
CA LYS A 1144 -16.81 -24.84 65.81
C LYS A 1144 -16.38 -23.76 64.84
N ILE A 1145 -15.10 -23.37 64.91
CA ILE A 1145 -14.60 -22.17 64.26
C ILE A 1145 -13.57 -22.58 63.22
N SER A 1146 -13.79 -22.19 61.96
CA SER A 1146 -12.88 -22.45 60.87
C SER A 1146 -12.33 -21.13 60.33
N ILE A 1147 -11.02 -21.06 60.17
CA ILE A 1147 -10.34 -19.89 59.61
C ILE A 1147 -9.76 -20.29 58.26
N THR A 1148 -10.05 -19.52 57.22
CA THR A 1148 -9.43 -19.73 55.91
C THR A 1148 -8.81 -18.43 55.43
N PRO A 1149 -7.48 -18.29 55.49
CA PRO A 1149 -6.85 -17.08 54.97
C PRO A 1149 -6.76 -17.09 53.45
N ARG A 1150 -6.67 -15.88 52.88
CA ARG A 1150 -6.57 -15.73 51.43
C ARG A 1150 -5.80 -14.46 51.10
N THR A 1151 -5.07 -14.50 49.99
CA THR A 1151 -4.55 -13.32 49.34
C THR A 1151 -5.44 -13.02 48.14
N ALA A 1152 -4.99 -12.12 47.26
CA ALA A 1152 -5.70 -11.89 46.00
C ALA A 1152 -5.39 -12.95 44.95
N TRP A 1153 -4.40 -13.81 45.19
CA TRP A 1153 -4.00 -14.84 44.26
C TRP A 1153 -4.44 -16.24 44.66
N ARG A 1154 -4.42 -16.58 45.94
CA ARG A 1154 -4.73 -17.93 46.40
C ARG A 1154 -5.65 -17.88 47.61
N SER A 1155 -5.77 -19.03 48.25
CA SER A 1155 -6.34 -19.16 49.59
C SER A 1155 -5.48 -20.12 50.38
N GLY A 1156 -5.44 -19.95 51.69
CA GLY A 1156 -4.69 -20.83 52.56
C GLY A 1156 -5.49 -22.05 52.95
N ASP A 1157 -4.89 -22.88 53.80
CA ASP A 1157 -5.58 -24.05 54.33
C ASP A 1157 -6.55 -23.65 55.43
N THR A 1158 -7.48 -24.55 55.74
CA THR A 1158 -8.53 -24.30 56.70
C THR A 1158 -8.15 -24.88 58.06
N THR A 1159 -8.15 -24.03 59.08
CA THR A 1159 -7.76 -24.43 60.44
C THR A 1159 -9.02 -24.55 61.29
N ARG A 1160 -9.35 -25.75 61.71
CA ARG A 1160 -10.61 -26.03 62.38
C ARG A 1160 -10.36 -26.32 63.85
N VAL A 1161 -10.91 -25.48 64.72
CA VAL A 1161 -10.79 -25.63 66.16
C VAL A 1161 -12.17 -25.86 66.75
N GLN A 1162 -12.21 -26.37 67.98
CA GLN A 1162 -13.44 -26.50 68.75
C GLN A 1162 -13.20 -25.85 70.11
N LEU A 1163 -13.79 -24.67 70.32
CA LEU A 1163 -13.67 -23.95 71.57
C LEU A 1163 -15.05 -23.64 72.13
N THR A 1164 -15.18 -23.68 73.45
CA THR A 1164 -16.45 -23.48 74.13
C THR A 1164 -16.44 -22.14 74.86
N THR A 1165 -17.58 -21.45 74.82
CA THR A 1165 -17.71 -20.17 75.51
C THR A 1165 -18.39 -20.34 76.86
N PRO B 78 41.57 54.22 -25.42
CA PRO B 78 42.81 53.45 -25.31
C PRO B 78 42.80 52.20 -26.17
N GLU B 79 43.97 51.53 -26.26
CA GLU B 79 44.07 50.32 -27.06
C GLU B 79 43.43 49.13 -26.36
N ILE B 80 43.38 49.15 -25.02
CA ILE B 80 42.85 48.01 -24.27
C ILE B 80 41.31 47.99 -24.33
N CYS B 81 40.68 49.15 -24.52
CA CYS B 81 39.23 49.20 -24.70
C CYS B 81 38.83 48.77 -26.10
N LEU B 82 39.68 49.00 -27.09
CA LEU B 82 39.34 48.66 -28.46
C LEU B 82 39.68 47.21 -28.79
N ASN B 83 40.92 46.80 -28.52
CA ASN B 83 41.36 45.44 -28.84
C ASN B 83 40.85 44.41 -27.84
N GLY B 84 40.51 44.82 -26.63
CA GLY B 84 40.07 43.89 -25.62
C GLY B 84 41.24 43.12 -25.00
N LEU B 85 40.90 41.99 -24.40
CA LEU B 85 41.90 41.12 -23.81
C LEU B 85 42.61 40.33 -24.90
N GLN B 86 43.93 40.23 -24.78
CA GLN B 86 44.75 39.56 -25.79
C GLN B 86 45.58 38.47 -25.13
N LEU B 87 45.44 37.24 -25.62
CA LEU B 87 46.06 36.07 -25.04
C LEU B 87 47.03 35.46 -26.06
N THR B 88 48.26 35.25 -25.63
CA THR B 88 49.28 34.65 -26.49
C THR B 88 49.79 33.33 -25.91
N VAL B 97 50.20 32.01 -31.72
CA VAL B 97 49.36 33.09 -32.24
C VAL B 97 48.80 33.91 -31.09
N ILE B 98 48.06 34.96 -31.44
CA ILE B 98 47.39 35.82 -30.47
C ILE B 98 45.88 35.58 -30.64
N ARG B 99 45.18 35.45 -29.52
CA ARG B 99 43.80 34.98 -29.55
C ARG B 99 42.82 36.14 -29.40
N LYS B 100 41.69 36.03 -30.10
CA LYS B 100 40.65 37.04 -30.04
C LYS B 100 39.86 36.93 -28.74
N GLN B 101 39.08 37.98 -28.45
CA GLN B 101 38.44 38.13 -27.14
C GLN B 101 37.24 37.20 -27.01
N GLU B 102 36.58 36.87 -28.13
CA GLU B 102 35.36 36.06 -28.07
C GLU B 102 35.66 34.57 -27.90
N GLU B 103 36.93 34.17 -28.04
CA GLU B 103 37.34 32.79 -27.80
C GLU B 103 37.30 32.43 -26.31
N PHE B 104 37.50 33.42 -25.43
CA PHE B 104 37.59 33.11 -24.00
C PHE B 104 36.84 34.08 -23.10
N VAL B 105 36.32 35.21 -23.62
CA VAL B 105 35.48 36.08 -22.81
C VAL B 105 34.04 36.01 -23.31
N LYS B 106 33.11 35.73 -22.40
CA LYS B 106 31.68 35.71 -22.71
C LYS B 106 30.98 36.77 -21.88
N ILE B 107 30.24 37.64 -22.56
CA ILE B 107 29.71 38.86 -21.96
C ILE B 107 28.19 38.88 -22.11
N LEU B 108 27.50 39.06 -20.97
CA LEU B 108 26.17 39.67 -20.93
C LEU B 108 26.36 41.14 -20.59
N GLU B 109 25.62 42.00 -21.29
CA GLU B 109 25.78 43.44 -21.12
C GLU B 109 25.11 43.91 -19.83
N GLY B 110 25.54 45.07 -19.36
CA GLY B 110 24.98 45.65 -18.15
C GLY B 110 25.60 46.99 -17.86
N ASP B 111 25.03 47.67 -16.88
CA ASP B 111 25.58 48.97 -16.46
C ASP B 111 26.80 48.78 -15.57
N VAL B 112 26.65 48.02 -14.49
CA VAL B 112 27.77 47.66 -13.63
C VAL B 112 28.38 46.38 -14.20
N VAL B 113 29.70 46.28 -14.14
CA VAL B 113 30.41 45.16 -14.75
C VAL B 113 31.09 44.35 -13.66
N LEU B 114 30.70 43.08 -13.56
CA LEU B 114 31.37 42.10 -12.72
C LEU B 114 32.32 41.31 -13.60
N SER B 115 33.42 40.84 -13.04
CA SER B 115 34.37 40.01 -13.76
C SER B 115 34.50 38.66 -13.07
N VAL B 116 34.37 37.58 -13.85
CA VAL B 116 34.54 36.23 -13.33
C VAL B 116 35.70 35.59 -14.08
N LEU B 117 36.67 35.05 -13.35
CA LEU B 117 37.79 34.36 -13.97
C LEU B 117 37.77 32.92 -13.49
N THR B 118 37.25 32.02 -14.33
CA THR B 118 36.98 30.66 -13.87
C THR B 118 37.20 29.65 -14.98
N LYS B 119 37.29 28.37 -14.58
CA LYS B 119 37.41 27.28 -15.55
C LYS B 119 36.09 27.01 -16.25
N ASP B 120 34.98 27.15 -15.52
CA ASP B 120 33.66 26.91 -16.09
C ASP B 120 32.90 28.21 -16.14
N PRO B 121 32.90 28.94 -17.28
CA PRO B 121 32.26 30.26 -17.30
C PRO B 121 30.75 30.20 -17.44
N ASP B 122 30.22 29.05 -17.85
CA ASP B 122 28.81 28.94 -18.23
C ASP B 122 27.91 28.94 -17.01
N SER B 123 28.42 28.38 -15.90
CA SER B 123 27.73 28.44 -14.61
C SER B 123 27.69 29.86 -14.08
N ALA B 124 28.76 30.64 -14.32
CA ALA B 124 28.79 32.04 -13.92
C ALA B 124 27.83 32.88 -14.74
N LEU B 125 27.72 32.59 -16.05
CA LEU B 125 26.77 33.28 -16.92
C LEU B 125 25.33 32.94 -16.55
N PHE B 126 25.11 31.70 -16.09
CA PHE B 126 23.80 31.27 -15.60
C PHE B 126 23.43 31.94 -14.28
N VAL B 127 24.40 32.14 -13.38
CA VAL B 127 24.13 32.76 -12.08
C VAL B 127 23.85 34.26 -12.23
N ILE B 128 24.61 34.95 -13.10
CA ILE B 128 24.36 36.37 -13.37
C ILE B 128 23.07 36.57 -14.19
N ASN B 129 22.72 35.59 -15.03
CA ASN B 129 21.44 35.63 -15.75
C ASN B 129 20.25 35.39 -14.81
N ARG B 130 20.41 34.50 -13.83
CA ARG B 130 19.30 34.23 -12.91
C ARG B 130 19.13 35.32 -11.86
N VAL B 131 20.18 36.11 -11.59
CA VAL B 131 19.97 37.23 -10.66
C VAL B 131 19.51 38.45 -11.47
N ASN B 132 19.72 38.44 -12.79
CA ASN B 132 19.11 39.45 -13.64
C ASN B 132 17.60 39.24 -13.78
N GLN B 133 17.15 38.02 -14.07
CA GLN B 133 15.71 37.77 -14.15
C GLN B 133 15.08 37.55 -12.78
N ALA B 134 15.89 37.35 -11.74
CA ALA B 134 15.33 37.22 -10.41
C ALA B 134 14.91 38.55 -9.82
N ASN B 135 15.62 39.63 -10.20
CA ASN B 135 15.48 41.02 -9.69
C ASN B 135 15.58 41.09 -8.17
N LEU B 136 16.69 40.59 -7.62
CA LEU B 136 16.97 40.78 -6.20
C LEU B 136 17.41 42.20 -5.89
N ILE B 137 17.94 42.91 -6.88
CA ILE B 137 18.47 44.25 -6.70
C ILE B 137 17.35 45.28 -6.54
N MET B 138 16.16 44.98 -7.09
CA MET B 138 15.03 45.91 -7.32
C MET B 138 15.48 47.20 -8.01
N ALA B 139 16.24 47.04 -9.09
CA ALA B 139 16.75 48.15 -9.87
C ALA B 139 16.55 47.86 -11.35
N ASP B 140 16.61 48.90 -12.17
CA ASP B 140 16.35 48.74 -13.60
C ASP B 140 17.54 48.13 -14.33
N PHE B 141 18.76 48.39 -13.87
CA PHE B 141 19.93 47.95 -14.59
C PHE B 141 20.24 46.48 -14.29
N GLU B 142 20.62 45.75 -15.34
CA GLU B 142 21.01 44.36 -15.18
C GLU B 142 22.48 44.26 -14.81
N ILE B 143 22.87 43.14 -14.22
CA ILE B 143 24.25 42.94 -13.81
C ILE B 143 25.04 42.40 -15.00
N GLY B 144 26.19 43.02 -15.28
CA GLY B 144 27.02 42.58 -16.38
C GLY B 144 28.09 41.60 -15.96
N ILE B 145 28.57 40.78 -16.90
CA ILE B 145 29.59 39.77 -16.64
C ILE B 145 30.68 39.88 -17.71
N ARG B 146 31.93 39.68 -17.30
CA ARG B 146 33.03 39.37 -18.22
C ARG B 146 33.65 38.06 -17.76
N ALA B 147 33.20 36.96 -18.35
CA ALA B 147 33.55 35.62 -17.90
C ALA B 147 34.77 35.12 -18.66
N ILE B 148 35.94 35.15 -18.01
CA ILE B 148 37.19 34.75 -18.64
C ILE B 148 37.34 33.25 -18.50
N SER B 149 37.50 32.55 -19.63
CA SER B 149 37.71 31.11 -19.63
C SER B 149 39.18 30.82 -19.39
N ILE B 150 39.48 29.98 -18.41
CA ILE B 150 40.87 29.63 -18.08
C ILE B 150 41.02 28.13 -18.32
N ASP B 151 41.97 27.78 -19.17
CA ASP B 151 42.20 26.36 -19.47
C ASP B 151 43.54 25.87 -18.89
N ASN B 152 44.63 26.60 -19.11
CA ASN B 152 45.84 26.41 -18.32
C ASN B 152 46.01 27.51 -17.28
N ALA B 153 46.61 27.15 -16.14
CA ALA B 153 46.67 28.07 -15.01
C ALA B 153 47.90 28.96 -15.08
N SER B 154 48.78 28.73 -16.07
CA SER B 154 50.00 29.51 -16.17
C SER B 154 49.81 30.77 -17.03
N LEU B 155 48.60 30.98 -17.56
CA LEU B 155 48.33 32.18 -18.34
C LEU B 155 47.29 33.09 -17.69
N ALA B 156 46.87 32.80 -16.46
CA ALA B 156 45.77 33.57 -15.86
C ALA B 156 46.28 34.88 -15.26
N GLU B 157 47.59 35.00 -15.06
CA GLU B 157 48.18 36.19 -14.45
C GLU B 157 48.18 37.36 -15.42
N ASN B 158 48.48 37.08 -16.69
CA ASN B 158 48.50 38.11 -17.72
C ASN B 158 47.09 38.57 -18.06
N LEU B 159 46.11 37.66 -18.01
CA LEU B 159 44.73 38.07 -18.22
C LEU B 159 44.15 38.78 -17.00
N LEU B 160 44.71 38.51 -15.81
CA LEU B 160 44.36 39.29 -14.62
C LEU B 160 44.91 40.72 -14.71
N ILE B 161 46.12 40.87 -15.28
CA ILE B 161 46.72 42.19 -15.53
C ILE B 161 45.93 42.96 -16.59
N GLN B 162 45.47 42.26 -17.64
CA GLN B 162 44.65 42.88 -18.67
C GLN B 162 43.24 43.19 -18.17
N GLU B 163 42.73 42.42 -17.21
CA GLU B 163 41.40 42.70 -16.70
C GLU B 163 41.41 43.80 -15.63
N VAL B 164 42.52 43.95 -14.87
CA VAL B 164 42.58 45.10 -13.96
C VAL B 164 42.85 46.40 -14.75
N GLN B 165 43.52 46.30 -15.91
CA GLN B 165 43.65 47.47 -16.79
C GLN B 165 42.33 47.82 -17.49
N PHE B 166 41.57 46.80 -17.92
CA PHE B 166 40.28 47.02 -18.58
C PHE B 166 39.23 47.52 -17.59
N LEU B 167 39.24 47.01 -16.36
CA LEU B 167 38.21 47.42 -15.42
C LEU B 167 38.64 48.63 -14.60
N GLN B 168 39.90 49.07 -14.75
CA GLN B 168 40.25 50.40 -14.27
C GLN B 168 39.96 51.48 -15.31
N GLN B 169 40.18 51.16 -16.59
CA GLN B 169 40.11 52.20 -17.62
C GLN B 169 38.84 52.18 -18.47
N CYS B 170 38.38 51.03 -18.91
CA CYS B 170 37.41 50.96 -20.01
C CYS B 170 35.96 50.83 -19.56
N THR B 171 35.65 51.03 -18.28
CA THR B 171 34.28 50.93 -17.82
C THR B 171 33.93 52.12 -16.93
N THR B 172 32.64 52.30 -16.68
CA THR B 172 32.19 53.38 -15.80
C THR B 172 32.15 52.91 -14.35
N TYR B 173 31.63 51.72 -14.10
CA TYR B 173 31.50 51.19 -12.74
C TYR B 173 32.10 49.79 -12.70
N SER B 174 32.90 49.51 -11.67
CA SER B 174 33.66 48.27 -11.56
C SER B 174 33.52 47.73 -10.13
N MET B 175 32.71 46.67 -9.98
CA MET B 175 32.49 46.07 -8.68
C MET B 175 33.69 45.24 -8.24
N GLY B 176 34.05 44.24 -9.01
CA GLY B 176 35.16 43.39 -8.60
C GLY B 176 35.39 42.26 -9.58
N ILE B 177 36.51 41.58 -9.38
CA ILE B 177 36.92 40.45 -10.21
C ILE B 177 36.81 39.20 -9.35
N PHE B 178 35.90 38.31 -9.70
CA PHE B 178 35.80 37.04 -9.02
C PHE B 178 36.75 36.02 -9.64
N VAL B 179 37.57 35.43 -8.81
CA VAL B 179 38.52 34.40 -9.23
C VAL B 179 38.10 33.15 -8.47
N ASP B 180 38.15 31.97 -9.10
CA ASP B 180 37.87 30.72 -8.40
C ASP B 180 38.97 30.42 -7.39
N TRP B 181 38.64 29.52 -6.44
CA TRP B 181 39.40 29.32 -5.20
C TRP B 181 40.77 28.70 -5.45
N GLU B 182 40.90 27.91 -6.52
CA GLU B 182 42.19 27.29 -6.82
C GLU B 182 43.13 28.29 -7.50
N LEU B 183 42.58 29.15 -8.36
CA LEU B 183 43.41 30.22 -8.92
C LEU B 183 43.56 31.39 -7.96
N TYR B 184 42.71 31.48 -6.94
CA TYR B 184 42.94 32.46 -5.88
C TYR B 184 44.08 32.01 -4.97
N LYS B 185 44.09 30.72 -4.61
CA LYS B 185 45.14 30.21 -3.75
C LYS B 185 46.45 30.02 -4.50
N GLN B 186 46.38 29.83 -5.82
CA GLN B 186 47.59 29.69 -6.63
C GLN B 186 48.27 31.04 -6.84
N LEU B 187 47.49 32.09 -7.10
CA LEU B 187 48.03 33.38 -7.51
C LEU B 187 47.76 34.47 -6.48
N GLU B 188 47.95 34.19 -5.19
CA GLU B 188 47.55 35.14 -4.15
C GLU B 188 48.56 36.28 -4.01
N SER B 189 49.80 36.07 -4.50
CA SER B 189 50.81 37.12 -4.44
C SER B 189 50.53 38.22 -5.44
N VAL B 190 50.05 37.86 -6.64
CA VAL B 190 49.72 38.83 -7.67
C VAL B 190 48.46 39.63 -7.31
N ILE B 191 47.50 38.95 -6.68
CA ILE B 191 46.27 39.58 -6.18
C ILE B 191 46.57 40.50 -4.99
N LYS B 192 47.50 40.10 -4.12
CA LYS B 192 47.92 40.97 -3.02
C LYS B 192 48.80 42.12 -3.49
N ASP B 193 49.50 41.93 -4.61
CA ASP B 193 50.39 42.98 -5.11
C ASP B 193 49.65 44.00 -5.95
N LEU B 194 48.58 43.58 -6.64
CA LEU B 194 47.83 44.51 -7.48
C LEU B 194 46.94 45.43 -6.66
N GLU B 195 46.53 44.96 -5.46
CA GLU B 195 45.69 45.65 -4.47
C GLU B 195 44.33 46.07 -5.01
N TYR B 196 43.77 45.33 -5.97
CA TYR B 196 42.51 45.72 -6.55
C TYR B 196 41.44 44.75 -6.01
N ASN B 197 40.17 45.04 -6.25
CA ASN B 197 39.07 44.48 -5.47
C ASN B 197 38.72 43.06 -5.94
N ILE B 198 39.61 42.11 -5.68
CA ILE B 198 39.52 40.76 -6.22
C ILE B 198 39.14 39.81 -5.09
N TRP B 199 38.03 39.08 -5.25
CA TRP B 199 37.58 38.27 -4.14
C TRP B 199 37.47 36.82 -4.60
N PRO B 200 37.68 35.83 -3.73
CA PRO B 200 37.55 34.43 -4.18
C PRO B 200 36.11 33.95 -4.28
N ILE B 201 35.82 33.22 -5.35
CA ILE B 201 34.67 32.31 -5.35
C ILE B 201 34.96 31.19 -4.37
N PRO B 202 33.99 30.78 -3.53
CA PRO B 202 34.20 29.62 -2.66
C PRO B 202 34.35 28.31 -3.42
N GLY B 203 35.07 27.37 -2.80
CA GLY B 203 35.53 26.19 -3.50
C GLY B 203 34.44 25.16 -3.68
N THR B 204 34.47 24.52 -4.86
CA THR B 204 33.46 23.53 -5.21
C THR B 204 33.72 22.16 -4.60
N ARG B 205 34.92 21.92 -4.06
CA ARG B 205 35.22 20.64 -3.40
C ARG B 205 34.49 20.46 -2.08
N ALA B 206 34.05 21.54 -1.44
CA ALA B 206 33.16 21.44 -0.30
C ALA B 206 31.77 20.96 -0.69
N HIS B 207 31.33 21.22 -1.91
CA HIS B 207 30.06 20.73 -2.42
C HIS B 207 30.17 19.35 -3.04
N LEU B 208 31.38 18.84 -3.23
CA LEU B 208 31.60 17.58 -3.93
C LEU B 208 32.11 16.46 -3.04
N PHE B 209 33.07 16.72 -2.17
CA PHE B 209 33.74 15.67 -1.39
C PHE B 209 32.88 15.06 -0.25
N PRO B 210 31.99 15.80 0.46
CA PRO B 210 30.97 15.07 1.25
C PRO B 210 30.01 14.21 0.46
N LYS B 211 29.73 14.55 -0.80
CA LYS B 211 28.91 13.68 -1.64
C LYS B 211 29.68 12.43 -2.03
N VAL B 212 31.00 12.54 -2.21
CA VAL B 212 31.87 11.40 -2.50
C VAL B 212 31.94 10.45 -1.30
N ALA B 213 32.11 11.02 -0.10
CA ALA B 213 32.19 10.21 1.11
C ALA B 213 30.82 9.64 1.53
N HIS B 214 29.72 10.29 1.15
CA HIS B 214 28.43 9.70 1.45
C HIS B 214 27.99 8.68 0.41
N LEU B 215 28.44 8.80 -0.84
CA LEU B 215 28.20 7.73 -1.80
C LEU B 215 29.09 6.53 -1.54
N LEU B 216 30.28 6.77 -0.98
CA LEU B 216 31.10 5.66 -0.52
C LEU B 216 30.66 5.13 0.83
N HIS B 217 29.85 5.87 1.58
CA HIS B 217 29.44 5.38 2.89
C HIS B 217 28.32 4.37 2.80
N GLN B 218 27.40 4.54 1.85
CA GLN B 218 26.20 3.73 1.76
C GLN B 218 26.28 2.67 0.66
N MET B 219 27.47 2.42 0.13
CA MET B 219 27.63 1.61 -1.08
C MET B 219 27.54 0.13 -0.75
N PRO B 220 26.69 -0.66 -1.45
CA PRO B 220 26.62 -2.11 -1.22
C PRO B 220 27.88 -2.85 -1.62
N TRP B 221 28.56 -3.38 -0.62
CA TRP B 221 29.93 -3.86 -0.77
C TRP B 221 30.05 -5.35 -0.53
N GLY B 222 29.61 -5.81 0.63
CA GLY B 222 29.88 -7.17 1.05
C GLY B 222 30.41 -7.17 2.47
N GLU B 223 31.12 -8.25 2.82
CA GLU B 223 31.72 -8.35 4.13
C GLU B 223 33.24 -8.42 4.07
N LYS B 224 33.83 -7.79 3.06
CA LYS B 224 35.27 -7.82 2.82
C LYS B 224 35.87 -6.46 3.16
N ILE B 225 36.96 -6.46 3.93
CA ILE B 225 37.71 -5.23 4.16
C ILE B 225 38.84 -5.27 3.14
N ALA B 226 39.37 -4.11 2.76
CA ALA B 226 40.32 -4.06 1.66
C ALA B 226 41.43 -3.08 1.99
N SER B 227 42.41 -3.02 1.10
CA SER B 227 43.53 -2.09 1.20
C SER B 227 43.24 -0.91 0.29
N VAL B 228 43.22 0.29 0.85
CA VAL B 228 42.89 1.49 0.11
C VAL B 228 44.17 2.25 -0.22
N GLU B 229 44.24 2.77 -1.44
CA GLU B 229 45.28 3.69 -1.86
C GLU B 229 44.60 4.85 -2.57
N ILE B 230 44.67 6.04 -1.97
CA ILE B 230 43.97 7.21 -2.46
C ILE B 230 44.98 8.13 -3.11
N ALA B 231 44.86 8.31 -4.41
CA ALA B 231 45.80 9.13 -5.17
C ALA B 231 45.12 10.40 -5.63
N THR B 232 45.69 11.54 -5.25
CA THR B 232 45.19 12.85 -5.63
C THR B 232 46.24 13.57 -6.46
N GLU B 233 45.85 14.69 -7.05
CA GLU B 233 46.83 15.55 -7.73
C GLU B 233 47.61 16.38 -6.74
N THR B 234 46.91 17.12 -5.87
CA THR B 234 47.54 17.93 -4.84
C THR B 234 47.17 17.36 -3.47
N LEU B 235 47.94 17.75 -2.45
CA LEU B 235 47.78 17.19 -1.10
C LEU B 235 46.56 17.76 -0.38
N GLU B 236 46.03 18.90 -0.83
CA GLU B 236 44.88 19.55 -0.20
C GLU B 236 43.59 18.75 -0.43
N MET B 237 43.51 18.06 -1.57
CA MET B 237 42.39 17.16 -1.84
C MET B 237 42.45 15.92 -0.97
N TYR B 238 43.68 15.47 -0.64
CA TYR B 238 43.87 14.35 0.27
C TYR B 238 43.48 14.71 1.70
N ASN B 239 43.84 15.92 2.17
CA ASN B 239 43.45 16.37 3.51
C ASN B 239 41.95 16.59 3.63
N GLU B 240 41.31 17.18 2.61
CA GLU B 240 39.87 17.38 2.70
C GLU B 240 39.08 16.09 2.42
N PHE B 241 39.68 15.11 1.72
CA PHE B 241 38.98 13.85 1.54
C PHE B 241 39.05 12.96 2.78
N MET B 242 40.20 12.93 3.50
CA MET B 242 40.21 12.21 4.77
C MET B 242 39.45 12.95 5.88
N GLU B 243 39.30 14.28 5.75
CA GLU B 243 38.38 15.03 6.61
C GLU B 243 36.93 14.63 6.36
N ALA B 244 36.54 14.53 5.08
CA ALA B 244 35.16 14.16 4.73
C ALA B 244 34.88 12.68 4.99
N ALA B 245 35.92 11.84 4.99
CA ALA B 245 35.76 10.47 5.43
C ALA B 245 35.69 10.38 6.95
N ARG B 246 36.31 11.33 7.66
CA ARG B 246 36.23 11.34 9.11
C ARG B 246 34.86 11.79 9.61
N GLN B 247 34.20 12.74 8.91
CA GLN B 247 32.84 13.08 9.35
C GLN B 247 31.78 12.09 8.89
N GLU B 248 32.10 11.11 8.06
CA GLU B 248 31.16 10.05 7.72
C GLU B 248 31.40 8.77 8.53
N HIS B 249 32.28 8.87 9.55
CA HIS B 249 32.72 7.78 10.45
C HIS B 249 33.30 6.60 9.69
N MET B 250 34.32 6.87 8.89
CA MET B 250 34.99 5.84 8.11
C MET B 250 36.49 5.93 8.32
N CYS B 251 37.12 4.77 8.49
CA CYS B 251 38.57 4.68 8.56
C CYS B 251 39.06 4.03 7.26
N LEU B 252 40.09 4.62 6.67
CA LEU B 252 40.64 4.14 5.42
C LEU B 252 42.12 3.86 5.63
N MET B 253 42.47 2.60 5.90
CA MET B 253 43.82 2.20 6.24
C MET B 253 44.34 1.22 5.20
N HIS B 254 45.66 1.25 4.99
CA HIS B 254 46.31 0.41 3.99
C HIS B 254 46.92 -0.81 4.69
N PHE B 255 46.12 -1.87 4.75
CA PHE B 255 46.63 -3.15 5.23
C PHE B 255 47.38 -3.88 4.11
N LYS B 256 48.08 -4.94 4.48
CA LYS B 256 48.70 -5.81 3.49
C LYS B 256 47.73 -6.93 3.13
N SER B 257 46.95 -6.73 2.06
CA SER B 257 45.92 -7.68 1.69
C SER B 257 45.76 -7.68 0.18
N ASP B 258 45.18 -8.77 -0.33
CA ASP B 258 45.00 -8.94 -1.77
C ASP B 258 43.86 -8.10 -2.33
N ASP B 259 42.87 -7.75 -1.52
CA ASP B 259 41.72 -6.99 -2.01
C ASP B 259 42.13 -5.51 -2.03
N ASN B 260 42.08 -4.89 -3.20
CA ASN B 260 42.59 -3.54 -3.40
C ASN B 260 41.48 -2.61 -3.83
N VAL B 261 41.46 -1.42 -3.24
CA VAL B 261 40.55 -0.33 -3.60
C VAL B 261 41.41 0.87 -3.97
N TYR B 262 41.21 1.41 -5.16
CA TYR B 262 41.97 2.57 -5.61
C TYR B 262 41.00 3.70 -5.90
N ILE B 263 41.10 4.79 -5.13
CA ILE B 263 40.34 6.01 -5.40
C ILE B 263 41.31 7.01 -6.03
N MET B 264 41.01 7.44 -7.25
CA MET B 264 41.84 8.36 -8.00
C MET B 264 41.10 9.68 -8.13
N PHE B 265 41.76 10.78 -7.75
CA PHE B 265 41.18 12.11 -7.78
C PHE B 265 41.84 12.95 -8.86
N GLY B 266 41.29 12.89 -10.07
CA GLY B 266 41.79 13.70 -11.16
C GLY B 266 41.30 13.16 -12.49
N ASN B 267 41.56 13.93 -13.54
CA ASN B 267 41.19 13.54 -14.88
C ASN B 267 42.27 12.75 -15.60
N LYS B 268 43.48 12.68 -15.05
CA LYS B 268 44.58 11.98 -15.70
C LYS B 268 45.22 10.90 -14.84
N LEU B 269 44.81 10.76 -13.58
CA LEU B 269 45.35 9.69 -12.74
C LEU B 269 44.78 8.35 -13.14
N ALA B 270 43.46 8.27 -13.34
CA ALA B 270 42.81 7.03 -13.74
C ALA B 270 42.64 6.99 -15.26
N SER B 271 43.77 6.80 -15.94
CA SER B 271 43.82 6.64 -17.38
C SER B 271 44.64 5.39 -17.69
N HIS B 272 43.93 4.31 -18.04
CA HIS B 272 44.44 2.95 -18.29
C HIS B 272 45.25 2.41 -17.10
N PHE B 273 44.57 2.26 -15.97
CA PHE B 273 45.21 1.73 -14.78
C PHE B 273 45.35 0.22 -14.88
N LYS B 274 46.60 -0.25 -14.82
CA LYS B 274 46.91 -1.67 -14.98
C LYS B 274 46.78 -2.46 -13.69
N GLU B 275 46.55 -1.78 -12.57
CA GLU B 275 46.37 -2.46 -11.30
C GLU B 275 44.99 -3.11 -11.22
N ASN B 276 44.89 -4.19 -10.44
CA ASN B 276 43.69 -4.98 -10.33
C ASN B 276 43.01 -4.73 -9.00
N GLY B 277 41.72 -4.48 -9.04
CA GLY B 277 40.95 -4.19 -7.85
C GLY B 277 39.80 -3.26 -8.20
N THR B 278 39.13 -2.79 -7.15
CA THR B 278 38.05 -1.84 -7.33
C THR B 278 38.62 -0.45 -7.58
N LEU B 279 38.21 0.16 -8.69
CA LEU B 279 38.72 1.48 -9.07
C LEU B 279 37.61 2.50 -8.98
N PHE B 280 37.78 3.47 -8.09
CA PHE B 280 36.90 4.63 -8.02
C PHE B 280 37.64 5.79 -8.68
N SER B 281 36.97 6.51 -9.56
CA SER B 281 37.60 7.62 -10.25
C SER B 281 36.71 8.85 -10.14
N VAL B 282 37.19 9.85 -9.41
CA VAL B 282 36.46 11.10 -9.22
C VAL B 282 37.12 12.17 -10.08
N PRO B 283 36.47 12.63 -11.14
CA PRO B 283 37.05 13.71 -11.95
C PRO B 283 36.89 15.06 -11.28
N THR B 284 37.83 15.95 -11.57
CA THR B 284 37.78 17.32 -11.10
C THR B 284 37.07 18.25 -12.08
N ASP B 285 37.48 18.24 -13.34
CA ASP B 285 36.88 19.07 -14.38
C ASP B 285 35.76 18.32 -15.09
N ARG B 286 35.32 18.86 -16.23
CA ARG B 286 34.31 18.22 -17.07
C ARG B 286 34.83 16.91 -17.66
N THR B 287 33.91 15.97 -17.84
CA THR B 287 34.25 14.64 -18.33
C THR B 287 34.12 14.62 -19.86
N ASP B 288 35.22 14.29 -20.52
CA ASP B 288 35.25 14.22 -21.97
C ASP B 288 35.03 12.78 -22.45
N ASP B 289 35.08 12.59 -23.76
CA ASP B 289 35.01 11.25 -24.32
C ASP B 289 36.35 10.54 -24.20
N GLU B 290 37.44 11.30 -24.09
CA GLU B 290 38.77 10.74 -23.89
C GLU B 290 38.90 10.12 -22.51
N PHE B 291 38.24 10.73 -21.51
CA PHE B 291 38.29 10.20 -20.15
C PHE B 291 37.47 8.92 -20.01
N LEU B 292 36.33 8.84 -20.69
CA LEU B 292 35.54 7.61 -20.68
C LEU B 292 36.15 6.55 -21.58
N ALA B 293 36.97 6.96 -22.55
CA ALA B 293 37.71 5.99 -23.35
C ALA B 293 38.89 5.40 -22.57
N ASP B 294 39.55 6.21 -21.74
CA ASP B 294 40.80 5.77 -21.14
C ASP B 294 40.61 5.03 -19.83
N LEU B 295 39.38 4.95 -19.33
CA LEU B 295 39.13 4.23 -18.08
C LEU B 295 39.14 2.72 -18.28
N PRO B 296 39.51 1.93 -17.27
CA PRO B 296 39.40 0.47 -17.37
C PRO B 296 37.96 0.00 -17.29
N ASN B 297 37.76 -1.26 -17.65
CA ASN B 297 36.47 -1.90 -17.46
C ASN B 297 36.26 -2.17 -15.97
N ARG B 298 34.97 -2.09 -15.56
CA ARG B 298 34.47 -2.15 -14.18
C ARG B 298 35.14 -1.12 -13.27
N ALA B 299 35.12 0.13 -13.69
CA ALA B 299 35.68 1.25 -12.95
C ALA B 299 34.58 2.25 -12.65
N PHE B 300 34.59 2.80 -11.45
CA PHE B 300 33.50 3.64 -10.96
C PHE B 300 33.81 5.11 -11.20
N VAL B 301 32.83 5.84 -11.72
CA VAL B 301 33.00 7.24 -12.10
C VAL B 301 32.11 8.07 -11.18
N LEU B 302 32.70 8.82 -10.25
CA LEU B 302 31.93 9.61 -9.29
C LEU B 302 31.94 11.06 -9.73
N MET B 303 30.87 11.50 -10.39
CA MET B 303 30.82 12.86 -10.91
C MET B 303 29.42 13.43 -10.76
N GLU B 304 29.30 14.74 -10.95
CA GLU B 304 27.99 15.37 -10.95
C GLU B 304 27.45 15.47 -12.36
N ASN B 305 26.15 15.71 -12.47
CA ASN B 305 25.46 15.78 -13.74
C ASN B 305 25.52 17.19 -14.28
N GLU B 306 26.04 17.34 -15.50
CA GLU B 306 25.90 18.61 -16.21
C GLU B 306 24.46 18.75 -16.71
N ILE B 307 23.88 19.92 -16.49
CA ILE B 307 22.50 20.18 -16.85
C ILE B 307 22.47 21.04 -18.09
N ASP B 308 21.94 20.50 -19.19
CA ASP B 308 21.89 21.24 -20.44
C ASP B 308 20.74 22.24 -20.43
N LEU B 309 21.01 23.43 -20.93
CA LEU B 309 20.02 24.50 -21.03
C LEU B 309 19.49 24.56 -22.45
N SER B 310 18.17 24.42 -22.60
CA SER B 310 17.56 24.44 -23.93
C SER B 310 16.38 25.41 -24.00
N THR B 311 15.67 25.58 -22.89
CA THR B 311 14.53 26.48 -22.84
C THR B 311 14.37 27.02 -21.42
N ALA B 312 13.62 28.11 -21.27
CA ALA B 312 13.49 28.80 -20.00
C ALA B 312 12.28 28.36 -19.18
N VAL B 313 11.44 27.47 -19.71
CA VAL B 313 10.26 27.04 -18.96
C VAL B 313 10.55 25.84 -18.07
N GLU B 314 11.71 25.22 -18.21
CA GLU B 314 12.06 24.03 -17.43
C GLU B 314 12.79 24.36 -16.13
N LEU B 315 13.00 25.65 -15.86
CA LEU B 315 13.77 26.13 -14.71
C LEU B 315 12.89 26.47 -13.50
N ASP B 316 11.77 27.14 -13.74
CA ASP B 316 10.88 27.55 -12.66
C ASP B 316 9.48 27.72 -13.23
N ALA B 317 8.50 27.82 -12.32
CA ALA B 317 7.14 28.16 -12.73
C ALA B 317 6.99 29.65 -13.02
N THR B 318 7.91 30.48 -12.53
CA THR B 318 7.92 31.90 -12.88
C THR B 318 8.38 32.06 -14.32
N PRO B 319 7.65 32.82 -15.15
CA PRO B 319 8.07 33.01 -16.55
C PRO B 319 9.25 33.99 -16.66
N THR B 320 10.41 33.45 -17.00
CA THR B 320 11.61 34.24 -17.19
C THR B 320 12.10 34.03 -18.62
N ALA B 321 13.25 34.63 -18.93
CA ALA B 321 13.85 34.54 -20.24
C ALA B 321 15.32 34.16 -20.10
N LEU B 322 15.67 32.97 -20.59
CA LEU B 322 17.06 32.57 -20.70
C LEU B 322 17.68 33.32 -21.87
N ASP B 323 18.91 33.82 -21.69
CA ASP B 323 19.57 34.58 -22.73
C ASP B 323 20.07 33.65 -23.82
N GLU B 324 20.28 34.22 -25.02
CA GLU B 324 20.47 33.41 -26.22
C GLU B 324 21.87 32.81 -26.32
N ILE B 325 22.83 33.35 -25.57
CA ILE B 325 24.16 32.75 -25.52
C ILE B 325 24.14 31.46 -24.70
N LEU B 326 23.28 31.39 -23.67
CA LEU B 326 23.31 30.27 -22.74
C LEU B 326 22.54 29.06 -23.24
N ILE B 327 21.82 29.19 -24.36
CA ILE B 327 21.03 28.07 -24.87
C ILE B 327 21.94 27.08 -25.60
N GLY B 328 21.86 25.82 -25.19
CA GLY B 328 22.66 24.77 -25.80
C GLY B 328 23.93 24.44 -25.06
N LYS B 329 24.08 24.92 -23.83
CA LYS B 329 25.30 24.73 -23.06
C LYS B 329 24.97 24.22 -21.67
N SER B 330 25.95 23.61 -21.03
CA SER B 330 25.74 22.88 -19.78
C SER B 330 26.39 23.61 -18.61
N VAL B 331 25.79 23.46 -17.43
CA VAL B 331 26.31 24.05 -16.20
C VAL B 331 26.64 22.92 -15.22
N LEU B 332 27.65 23.14 -14.39
CA LEU B 332 27.94 22.25 -13.28
C LEU B 332 27.26 22.81 -12.04
N PRO B 333 26.54 21.99 -11.24
CA PRO B 333 25.75 22.55 -10.13
C PRO B 333 26.56 23.03 -8.94
N SER B 334 27.76 22.48 -8.73
CA SER B 334 28.62 22.91 -7.63
C SER B 334 29.18 24.30 -7.88
N ARG B 335 29.50 24.61 -9.14
CA ARG B 335 29.95 25.94 -9.53
C ARG B 335 28.83 26.96 -9.44
N VAL B 336 27.60 26.53 -9.76
CA VAL B 336 26.39 27.36 -9.65
C VAL B 336 26.12 27.76 -8.21
N LEU B 337 26.15 26.78 -7.29
CA LEU B 337 25.83 27.05 -5.89
C LEU B 337 26.97 27.79 -5.18
N SER B 338 28.22 27.45 -5.50
CA SER B 338 29.37 28.07 -4.87
C SER B 338 29.59 29.49 -5.37
N PHE B 339 29.17 29.80 -6.59
CA PHE B 339 29.22 31.21 -7.00
C PHE B 339 28.00 31.94 -6.45
N ALA B 340 26.87 31.24 -6.39
CA ALA B 340 25.57 31.88 -6.20
C ALA B 340 25.35 32.32 -4.77
N GLY B 341 26.06 31.69 -3.81
CA GLY B 341 26.05 32.19 -2.44
C GLY B 341 26.71 33.56 -2.29
N SER B 342 27.85 33.76 -2.96
CA SER B 342 28.53 35.05 -2.93
C SER B 342 27.80 36.10 -3.76
N ILE B 343 27.08 35.68 -4.82
CA ILE B 343 26.25 36.61 -5.59
C ILE B 343 25.01 37.06 -4.80
N ILE B 344 24.41 36.15 -4.01
CA ILE B 344 23.26 36.50 -3.16
C ILE B 344 23.69 37.44 -2.02
N ASP B 345 24.89 37.22 -1.48
CA ASP B 345 25.46 38.12 -0.47
C ASP B 345 25.84 39.50 -1.03
N LEU B 346 26.41 39.54 -2.25
CA LEU B 346 26.83 40.80 -2.83
C LEU B 346 25.66 41.65 -3.34
N MET B 347 24.61 41.01 -3.89
CA MET B 347 23.42 41.79 -4.22
C MET B 347 22.57 42.15 -3.01
N ASN B 348 22.69 41.43 -1.88
CA ASN B 348 22.03 41.90 -0.66
C ASN B 348 22.77 43.10 -0.05
N TRP B 349 24.11 43.12 -0.20
CA TRP B 349 24.88 44.33 0.12
C TRP B 349 24.54 45.48 -0.82
N LEU B 350 24.29 45.18 -2.09
CA LEU B 350 23.99 46.25 -3.05
C LEU B 350 22.56 46.75 -2.88
N ARG B 351 21.66 45.92 -2.33
CA ARG B 351 20.36 46.38 -1.82
C ARG B 351 20.53 47.36 -0.67
N GLY B 352 21.44 47.05 0.27
CA GLY B 352 21.72 47.97 1.37
C GLY B 352 22.40 49.26 0.91
N SER B 353 23.25 49.17 -0.12
CA SER B 353 23.95 50.33 -0.64
C SER B 353 23.04 51.23 -1.45
N LEU B 354 22.12 50.66 -2.25
CA LEU B 354 21.15 51.51 -2.95
C LEU B 354 20.01 51.95 -2.04
N SER B 355 19.80 51.27 -0.91
CA SER B 355 18.83 51.76 0.06
C SER B 355 19.38 52.95 0.84
N LYS B 356 20.66 52.90 1.23
CA LYS B 356 21.25 54.02 1.96
C LYS B 356 21.59 55.17 1.01
N HIS B 357 22.07 54.86 -0.19
CA HIS B 357 22.45 55.88 -1.16
C HIS B 357 21.26 56.21 -2.06
N CYS B 358 21.53 56.93 -3.16
CA CYS B 358 20.59 57.35 -4.22
C CYS B 358 19.37 58.14 -3.75
N TYR B 367 14.50 51.60 -8.52
CA TYR B 367 15.72 52.41 -8.55
C TYR B 367 16.22 52.55 -9.97
N VAL B 368 16.46 53.80 -10.39
CA VAL B 368 16.85 54.15 -11.74
C VAL B 368 18.27 54.71 -11.68
N LEU B 369 19.16 54.18 -12.53
CA LEU B 369 20.60 54.46 -12.42
C LEU B 369 20.97 55.85 -12.93
N GLU B 370 20.07 56.50 -13.68
CA GLU B 370 20.29 57.89 -14.06
C GLU B 370 20.12 58.81 -12.85
N SER B 371 19.11 58.53 -12.01
CA SER B 371 18.93 59.30 -10.79
C SER B 371 19.90 58.86 -9.71
N CYS B 372 20.24 57.58 -9.68
CA CYS B 372 21.11 57.05 -8.64
C CYS B 372 22.57 57.38 -8.92
N PHE B 373 23.32 57.67 -7.85
CA PHE B 373 24.73 58.01 -7.97
C PHE B 373 25.45 57.47 -6.74
N ASN B 374 26.79 57.34 -6.89
CA ASN B 374 27.75 56.80 -5.90
C ASN B 374 27.37 55.38 -5.46
N PHE B 375 27.48 54.43 -6.40
CA PHE B 375 27.22 53.02 -6.13
C PHE B 375 28.27 52.43 -5.20
N LEU B 376 29.54 52.65 -5.52
CA LEU B 376 30.65 51.88 -4.98
C LEU B 376 31.64 52.83 -4.32
N ASN B 377 31.54 52.95 -2.98
CA ASN B 377 32.47 53.81 -2.27
C ASN B 377 33.42 52.99 -1.41
N PHE B 378 32.88 52.18 -0.50
CA PHE B 378 33.67 51.20 0.25
C PHE B 378 32.97 49.84 0.10
N ILE B 379 33.64 48.94 -0.63
CA ILE B 379 33.00 47.73 -1.11
C ILE B 379 33.56 46.49 -0.46
N GLU B 380 34.51 46.65 0.46
CA GLU B 380 35.16 45.48 1.06
C GLU B 380 34.36 44.95 2.25
N ASP B 381 33.32 45.66 2.67
CA ASP B 381 32.55 45.33 3.86
C ASP B 381 31.56 44.19 3.65
N TRP B 382 31.37 43.69 2.42
CA TRP B 382 30.50 42.54 2.21
C TRP B 382 31.20 41.24 2.59
N ARG B 383 32.53 41.25 2.66
CA ARG B 383 33.28 40.12 3.19
C ARG B 383 33.20 40.05 4.70
N THR B 384 32.94 41.17 5.36
CA THR B 384 32.67 41.17 6.79
C THR B 384 31.31 40.55 7.05
N SER B 385 31.11 40.10 8.29
CA SER B 385 30.05 39.13 8.59
C SER B 385 28.67 39.77 8.79
N GLU B 386 28.56 41.09 8.69
CA GLU B 386 27.26 41.74 8.80
C GLU B 386 26.43 41.56 7.54
N TYR B 387 27.08 41.41 6.39
CA TYR B 387 26.39 41.15 5.13
C TYR B 387 26.72 39.79 4.52
N ARG B 388 27.65 39.05 5.11
CA ARG B 388 28.03 37.74 4.59
C ARG B 388 27.31 36.66 5.39
N GLN B 389 26.48 35.87 4.71
CA GLN B 389 25.66 34.87 5.37
C GLN B 389 25.81 33.54 4.63
N ALA B 390 25.46 32.46 5.33
CA ALA B 390 25.47 31.12 4.75
C ALA B 390 24.03 30.73 4.42
N HIS B 391 23.79 30.37 3.17
CA HIS B 391 22.47 30.00 2.70
C HIS B 391 22.41 28.53 2.37
N ASP B 392 21.25 27.92 2.64
CA ASP B 392 20.99 26.57 2.16
C ASP B 392 20.71 26.59 0.67
N THR B 393 20.84 25.41 0.04
CA THR B 393 20.72 25.31 -1.41
C THR B 393 19.29 25.46 -1.91
N ALA B 394 18.29 25.10 -1.09
CA ALA B 394 16.90 25.34 -1.47
C ALA B 394 16.54 26.81 -1.41
N GLU B 395 17.16 27.55 -0.48
CA GLU B 395 17.05 29.00 -0.42
C GLU B 395 17.71 29.68 -1.61
N ILE B 396 18.82 29.11 -2.11
CA ILE B 396 19.50 29.65 -3.29
C ILE B 396 18.66 29.40 -4.54
N LEU B 397 18.00 28.23 -4.65
CA LEU B 397 17.11 27.99 -5.78
C LEU B 397 15.80 28.77 -5.67
N SER B 398 15.36 29.09 -4.44
CA SER B 398 14.15 29.90 -4.29
C SER B 398 14.41 31.37 -4.58
N LEU B 399 15.60 31.88 -4.20
CA LEU B 399 15.93 33.28 -4.43
C LEU B 399 16.27 33.58 -5.89
N LEU B 400 16.85 32.64 -6.62
CA LEU B 400 17.33 32.89 -7.97
C LEU B 400 16.45 32.25 -9.03
N LEU B 401 15.26 31.77 -8.64
CA LEU B 401 14.16 31.29 -9.50
C LEU B 401 14.56 30.08 -10.35
N MET B 402 15.05 29.03 -9.68
CA MET B 402 15.43 27.78 -10.34
C MET B 402 15.02 26.57 -9.50
N ARG B 403 13.77 26.56 -9.02
CA ARG B 403 13.35 25.50 -8.09
C ARG B 403 13.03 24.19 -8.81
N LYS B 404 12.75 24.24 -10.11
CA LYS B 404 12.54 23.01 -10.87
C LYS B 404 13.85 22.42 -11.36
N LEU B 405 14.96 23.14 -11.21
CA LEU B 405 16.27 22.70 -11.64
C LEU B 405 16.92 21.72 -10.66
N GLY B 406 16.51 21.74 -9.40
CA GLY B 406 17.24 21.02 -8.36
C GLY B 406 16.90 19.54 -8.29
N THR B 407 15.90 19.10 -9.06
CA THR B 407 15.67 17.67 -9.25
C THR B 407 16.81 17.06 -10.07
N ALA B 408 17.30 17.77 -11.08
CA ALA B 408 18.41 17.32 -11.90
C ALA B 408 19.77 17.63 -11.31
N MET B 409 19.84 18.28 -10.15
CA MET B 409 21.11 18.54 -9.46
C MET B 409 21.46 17.31 -8.63
N ASN B 410 22.18 16.37 -9.26
CA ASN B 410 22.48 15.09 -8.63
C ASN B 410 23.98 14.82 -8.65
N PHE B 411 24.43 13.96 -7.75
CA PHE B 411 25.79 13.44 -7.78
C PHE B 411 25.73 11.92 -7.96
N GLN B 412 26.25 11.44 -9.09
CA GLN B 412 26.07 10.07 -9.53
C GLN B 412 27.31 9.25 -9.28
N MET B 413 27.16 7.93 -9.33
CA MET B 413 28.29 7.02 -9.47
C MET B 413 28.00 6.04 -10.59
N TYR B 414 28.84 6.05 -11.62
CA TYR B 414 28.66 5.29 -12.84
C TYR B 414 29.76 4.25 -12.99
N GLN B 415 29.40 3.00 -13.28
CA GLN B 415 30.37 1.96 -13.58
C GLN B 415 30.48 1.80 -15.10
N LYS B 416 31.71 1.70 -15.59
CA LYS B 416 31.96 1.49 -17.01
C LYS B 416 32.00 -0.01 -17.29
N LYS B 417 30.97 -0.51 -17.98
CA LYS B 417 30.93 -1.89 -18.45
C LYS B 417 30.87 -1.84 -19.98
N VAL B 418 31.79 -2.55 -20.63
CA VAL B 418 31.85 -2.58 -22.08
C VAL B 418 31.51 -3.97 -22.61
N GLU B 431 29.33 1.56 -21.91
CA GLU B 431 28.11 1.87 -21.18
C GLU B 431 28.44 2.34 -19.76
N LEU B 432 27.82 3.44 -19.34
CA LEU B 432 27.95 3.94 -17.97
C LEU B 432 26.65 3.63 -17.25
N ARG B 433 26.64 2.52 -16.51
CA ARG B 433 25.46 2.11 -15.76
C ARG B 433 25.30 2.95 -14.51
N GLU B 434 24.09 3.47 -14.32
CA GLU B 434 23.76 4.35 -13.19
C GLU B 434 23.65 3.50 -11.93
N ILE B 435 24.57 3.72 -10.98
CA ILE B 435 24.53 2.93 -9.76
C ILE B 435 24.02 3.78 -8.60
N ALA B 436 24.59 4.97 -8.39
CA ALA B 436 24.17 5.78 -7.25
C ALA B 436 23.67 7.13 -7.73
N SER B 437 22.99 7.84 -6.83
CA SER B 437 22.39 9.14 -7.10
C SER B 437 22.16 9.86 -5.78
N GLN B 438 22.87 10.95 -5.53
CA GLN B 438 22.62 11.78 -4.36
C GLN B 438 22.13 13.15 -4.80
N ASN B 439 20.90 13.48 -4.41
CA ASN B 439 20.31 14.77 -4.76
C ASN B 439 20.93 15.89 -3.93
N PHE B 440 21.13 17.04 -4.56
CA PHE B 440 21.83 18.14 -3.90
C PHE B 440 20.95 18.88 -2.91
N VAL B 441 19.64 18.91 -3.13
CA VAL B 441 18.78 19.80 -2.36
C VAL B 441 18.26 19.12 -1.09
N THR B 442 17.89 17.85 -1.18
CA THR B 442 17.72 16.98 -0.02
C THR B 442 18.74 15.87 -0.20
N ASN B 443 19.59 15.64 0.80
CA ASN B 443 20.65 14.65 0.65
C ASN B 443 20.15 13.22 0.80
N VAL B 444 19.42 12.73 -0.20
CA VAL B 444 18.84 11.40 -0.21
C VAL B 444 19.62 10.60 -1.24
N THR B 445 19.97 9.38 -0.87
CA THR B 445 20.90 8.59 -1.65
C THR B 445 20.21 7.37 -2.22
N THR B 446 20.00 7.35 -3.53
CA THR B 446 19.29 6.26 -4.17
C THR B 446 20.32 5.38 -4.88
N TYR B 447 20.44 4.14 -4.43
CA TYR B 447 21.23 3.15 -5.14
C TYR B 447 20.34 2.40 -6.13
N TYR B 448 20.94 1.94 -7.21
CA TYR B 448 20.21 1.23 -8.25
C TYR B 448 20.76 -0.18 -8.38
N HIS B 449 19.88 -1.17 -8.20
CA HIS B 449 20.19 -2.60 -8.36
C HIS B 449 19.40 -3.12 -9.53
N TYR B 450 19.98 -3.98 -10.32
CA TYR B 450 19.34 -4.46 -11.55
C TYR B 450 19.13 -5.97 -11.41
N ASN B 451 17.91 -6.41 -11.14
CA ASN B 451 17.77 -7.84 -10.87
C ASN B 451 18.26 -8.49 -12.13
N ARG B 452 19.37 -9.18 -12.05
CA ARG B 452 19.81 -9.93 -13.22
C ARG B 452 19.96 -11.34 -12.71
N ASP B 453 19.93 -12.26 -13.62
CA ASP B 453 19.88 -13.69 -13.28
C ASP B 453 18.38 -13.86 -13.02
N ASN B 454 17.65 -12.77 -13.17
CA ASN B 454 16.18 -12.87 -13.09
C ASN B 454 15.70 -13.54 -11.78
N HIS B 455 16.20 -13.09 -10.62
CA HIS B 455 15.80 -13.66 -9.35
C HIS B 455 14.52 -13.00 -8.91
N THR B 456 14.01 -13.36 -7.73
CA THR B 456 12.79 -12.84 -7.16
C THR B 456 13.04 -12.30 -5.76
N SER B 457 14.27 -12.26 -5.25
CA SER B 457 14.66 -11.68 -3.94
C SER B 457 15.95 -10.86 -4.01
N LEU B 458 16.29 -9.97 -3.04
CA LEU B 458 17.63 -9.35 -3.00
C LEU B 458 18.29 -9.64 -1.68
N GLU B 459 19.36 -10.38 -1.68
CA GLU B 459 20.12 -10.47 -0.44
C GLU B 459 20.87 -9.14 -0.29
N LEU B 460 20.58 -8.43 0.78
CA LEU B 460 21.17 -7.11 0.96
C LEU B 460 22.57 -7.23 1.54
N LYS B 461 23.55 -6.70 0.81
CA LYS B 461 24.93 -6.72 1.25
C LYS B 461 25.13 -5.69 2.35
N THR B 462 26.09 -5.98 3.23
CA THR B 462 26.47 -4.99 4.23
C THR B 462 27.27 -3.89 3.56
N LYS B 463 27.01 -2.65 3.97
CA LYS B 463 27.47 -1.50 3.22
C LYS B 463 28.94 -1.21 3.55
N PHE B 464 29.51 -0.29 2.77
CA PHE B 464 30.95 0.02 2.82
C PHE B 464 31.27 0.81 4.08
N GLY B 465 30.30 1.56 4.60
CA GLY B 465 30.54 2.28 5.83
C GLY B 465 30.42 1.42 7.07
N GLN B 466 29.80 0.25 6.95
CA GLN B 466 29.74 -0.66 8.08
C GLN B 466 30.99 -1.52 8.18
N VAL B 467 31.63 -1.82 7.03
CA VAL B 467 32.90 -2.53 7.03
C VAL B 467 34.03 -1.64 7.53
N PHE B 468 34.09 -0.40 7.06
CA PHE B 468 35.24 0.46 7.30
C PHE B 468 35.01 1.40 8.48
N ASN B 469 34.22 0.97 9.46
CA ASN B 469 33.73 1.85 10.51
C ASN B 469 34.77 2.01 11.61
N CYS B 470 35.31 3.22 11.72
CA CYS B 470 36.17 3.58 12.85
C CYS B 470 35.79 4.96 13.37
C1 NAG C . 4.43 -29.33 35.11
C2 NAG C . 5.60 -30.32 35.31
C3 NAG C . 5.04 -31.74 35.48
C4 NAG C . 3.93 -31.87 36.55
C5 NAG C . 2.85 -30.80 36.28
C6 NAG C . 1.78 -30.72 37.34
C7 NAG C . 7.73 -29.58 34.31
C8 NAG C . 8.59 -29.63 33.07
N2 NAG C . 6.56 -30.25 34.23
O3 NAG C . 6.13 -32.58 35.77
O4 NAG C . 3.42 -33.17 36.48
O5 NAG C . 3.47 -29.52 36.14
O6 NAG C . 0.93 -29.63 37.06
O7 NAG C . 8.09 -28.96 35.30
C1 NAG D . -4.70 16.90 -11.56
C2 NAG D . -3.29 16.81 -11.01
C3 NAG D . -3.31 15.99 -9.74
C4 NAG D . -4.14 16.76 -8.72
C5 NAG D . -5.53 16.84 -9.31
C6 NAG D . -6.50 17.65 -8.45
C7 NAG D . -1.18 16.88 -12.08
C8 NAG D . -1.18 18.32 -12.50
N2 NAG D . -2.37 16.30 -12.00
O3 NAG D . -1.99 15.70 -9.28
O4 NAG D . -4.15 16.16 -7.43
O5 NAG D . -5.39 17.56 -10.50
O6 NAG D . -7.57 18.05 -9.31
O7 NAG D . -0.14 16.27 -11.83
C1 NAG E . 49.59 26.54 -20.81
C2 NAG E . 49.82 25.72 -22.11
C3 NAG E . 51.28 25.19 -22.20
C4 NAG E . 52.39 26.16 -21.77
C5 NAG E . 52.03 26.76 -20.40
C6 NAG E . 53.00 27.81 -19.92
C7 NAG E . 48.59 23.55 -21.53
C8 NAG E . 47.50 22.70 -22.09
N2 NAG E . 48.86 24.65 -22.28
O3 NAG E . 51.48 24.74 -23.52
O4 NAG E . 53.59 25.42 -21.71
O5 NAG E . 50.73 27.34 -20.51
O6 NAG E . 54.25 27.23 -19.66
O7 NAG E . 49.15 23.21 -20.48
C1 NAG F . 22.35 18.36 3.04
C2 NAG F . 21.42 19.08 4.04
C3 NAG F . 22.00 20.49 4.31
C4 NAG F . 23.47 20.53 4.73
C5 NAG F . 24.29 19.75 3.68
C6 NAG F . 25.75 19.56 4.03
C7 NAG F . 18.94 18.59 4.00
C8 NAG F . 19.03 17.71 5.23
N2 NAG F . 20.07 19.17 3.53
O3 NAG F . 21.17 21.09 5.28
O4 NAG F . 23.86 21.88 4.81
O5 NAG F . 23.70 18.46 3.50
O6 NAG F . 26.35 18.68 3.09
O7 NAG F . 17.85 18.77 3.46
C1 NAG G . 17.40 -13.06 -17.77
C2 NAG G . 18.23 -14.16 -18.46
C3 NAG G . 18.87 -13.56 -19.74
C4 NAG G . 17.91 -12.82 -20.68
C5 NAG G . 17.04 -11.83 -19.88
C6 NAG G . 15.91 -11.22 -20.67
C7 NAG G . 19.24 -15.94 -16.99
C8 NAG G . 18.09 -16.90 -17.26
N2 NAG G . 19.22 -14.72 -17.58
O3 NAG G . 19.54 -14.60 -20.40
O4 NAG G . 18.68 -12.17 -21.66
O5 NAG G . 16.49 -12.50 -18.72
O6 NAG G . 15.09 -12.25 -21.18
O7 NAG G . 20.14 -16.28 -16.25
#